data_3ZYJ
#
_entry.id   3ZYJ
#
_cell.length_a   184.420
_cell.length_b   204.430
_cell.length_c   288.070
_cell.angle_alpha   90.00
_cell.angle_beta   90.00
_cell.angle_gamma   90.00
#
_symmetry.space_group_name_H-M   'F 2 2 2'
#
loop_
_entity.id
_entity.type
_entity.pdbx_description
1 polymer 'LEUCINE-RICH REPEAT-CONTAINING PROTEIN 4C'
2 polymer NETRIN-G1
3 non-polymer 2-acetamido-2-deoxy-beta-D-glucopyranose
4 non-polymer 'CALCIUM ION'
5 non-polymer beta-D-mannopyranose
6 non-polymer alpha-D-mannopyranose
#
loop_
_entity_poly.entity_id
_entity_poly.type
_entity_poly.pdbx_seq_one_letter_code
_entity_poly.pdbx_strand_id
1 'polypeptide(L)'
;MGILPSPGMPALLLVSLLSVLLMGCVAETGSAQTCPSVCSCSNQFSKVICVRKNLREVPDGISTNTRLLNLHENQIQIIK
VNSFKHLRHLEILQLSRNHIRTIEIGAFNGLANLNTLELFDNRLTTIPNGAFVYLSKLKELWLRNNPIESIPSYAFNRIP
SLRRLDLGELKRLSYISEGAFEGLSNLRYLNLAMCNLREIPNLTPLIKLDELDLSGNHLSAIRPGSFQGLMHLQKLWMIQ
SQIQVIERNAFDNLQSLVEINLAHNNLTLLPHDLFTPLHHLERIHLHHNPWNCNCDILWLSWWIKDMAPSNTACCARCNT
PPNLKGRYIGELDQNYFTCYAPVIVEPPADLNVTEGMAAELKCRASTSLTSVSWITPNGTVMTHGAYKVRIAVLSDGTLN
FTNVTVQDTGMYTCMVSNSVGNTTASATLNVTGTHHHHHH
;
A,C
2 'polypeptide(L)'
;MYLSRFLSIHALWVTVSSVMQPYPLVWGHYDLCKTQIYTEEGKVWDYMACQPESTDMTKYLKVKLDPPDITCGDPPETFC
AMGNPYMCNNECDASTPELAHPPELMFDFEGRHPSTFWQSATWKEYPKPLQVNITLSWSKTIELTDNIVITFESGRPDQM
ILEKSLDYGRTWQPYQYYATDCLDAFHMDPKSVKDLSQHTVLEIICTEEYSTGYTTNSKIIHFEIKDRFAFFAGPRLRNM
ASLYGQLDTTKKLRDFFTVTDLRIRLLRPAVGEIFVDELHLARYFYAISDIKVRGRCKCNLHATVCVYDNSKLTCECEHN
TTGPDCGKCKKNYQGRPWSPGSYLPIPKGAANACIPSISSIGTNVCDNELLHCQNGGTCHNNVRCLCPAAYTGILCEKLR
CEEAGSCGSDSGQGAPPHGTHHHHHH
;
B,D
#
loop_
_chem_comp.id
_chem_comp.type
_chem_comp.name
_chem_comp.formula
BMA D-saccharide, beta linking beta-D-mannopyranose 'C6 H12 O6'
CA non-polymer 'CALCIUM ION' 'Ca 2'
MAN D-saccharide, alpha linking alpha-D-mannopyranose 'C6 H12 O6'
NAG D-saccharide, beta linking 2-acetamido-2-deoxy-beta-D-glucopyranose 'C8 H15 N O6'
#
# COMPACT_ATOMS: atom_id res chain seq x y z
N GLN A 33 -30.81 60.87 17.30
CA GLN A 33 -30.89 61.12 18.74
C GLN A 33 -31.41 59.91 19.53
N THR A 34 -32.45 59.23 19.00
CA THR A 34 -33.08 58.05 19.62
C THR A 34 -32.17 56.82 19.60
N CYS A 35 -32.19 56.04 20.71
CA CYS A 35 -31.37 54.83 20.86
C CYS A 35 -32.16 53.68 21.52
N PRO A 36 -32.18 52.47 20.92
CA PRO A 36 -32.89 51.35 21.57
C PRO A 36 -32.06 50.75 22.71
N SER A 37 -32.74 50.34 23.81
CA SER A 37 -32.11 49.76 25.00
C SER A 37 -31.39 48.44 24.75
N VAL A 38 -31.85 47.64 23.78
CA VAL A 38 -31.29 46.35 23.41
C VAL A 38 -29.97 46.52 22.64
N CYS A 39 -29.90 47.53 21.75
CA CYS A 39 -28.75 47.83 20.89
C CYS A 39 -27.72 48.76 21.55
N SER A 40 -26.43 48.56 21.20
CA SER A 40 -25.33 49.36 21.71
C SER A 40 -24.93 50.41 20.66
N CYS A 41 -25.36 51.67 20.88
CA CYS A 41 -25.09 52.77 19.95
C CYS A 41 -23.79 53.51 20.24
N SER A 42 -23.29 54.24 19.23
CA SER A 42 -22.08 55.05 19.29
C SER A 42 -22.44 56.54 19.33
N ASN A 43 -21.50 57.40 19.76
CA ASN A 43 -21.68 58.86 19.82
C ASN A 43 -21.92 59.42 18.42
N GLN A 44 -22.87 60.38 18.30
CA GLN A 44 -23.33 61.04 17.06
C GLN A 44 -24.27 60.16 16.22
N PHE A 45 -24.48 58.89 16.66
CA PHE A 45 -25.35 57.87 16.08
C PHE A 45 -25.16 57.59 14.59
N SER A 46 -24.02 56.97 14.23
CA SER A 46 -23.69 56.59 12.85
C SER A 46 -23.62 55.07 12.74
N LYS A 47 -23.07 54.41 13.78
CA LYS A 47 -22.93 52.96 13.87
C LYS A 47 -23.86 52.42 14.95
N VAL A 48 -24.84 51.60 14.56
CA VAL A 48 -25.79 50.98 15.50
C VAL A 48 -25.54 49.47 15.53
N ILE A 49 -24.91 49.01 16.62
CA ILE A 49 -24.55 47.62 16.84
C ILE A 49 -25.64 46.89 17.63
N CYS A 50 -26.17 45.80 17.04
CA CYS A 50 -27.23 44.98 17.64
C CYS A 50 -26.83 43.49 17.67
N VAL A 51 -25.50 43.23 17.55
CA VAL A 51 -24.91 41.88 17.56
C VAL A 51 -25.07 41.16 18.92
N ARG A 52 -25.08 39.80 18.89
CA ARG A 52 -25.22 38.89 20.05
C ARG A 52 -26.58 38.91 20.77
N LYS A 53 -27.29 40.06 20.75
CA LYS A 53 -28.60 40.22 21.38
C LYS A 53 -29.66 39.43 20.62
N ASN A 54 -30.59 38.78 21.37
CA ASN A 54 -31.67 37.98 20.80
C ASN A 54 -32.87 38.87 20.48
N LEU A 55 -33.30 38.88 19.20
CA LEU A 55 -34.43 39.68 18.72
C LEU A 55 -35.28 38.89 17.74
N ARG A 56 -36.61 38.90 17.95
CA ARG A 56 -37.58 38.22 17.09
C ARG A 56 -38.16 39.18 16.05
N GLU A 57 -38.25 40.48 16.41
CA GLU A 57 -38.77 41.55 15.55
C GLU A 57 -37.65 42.58 15.27
N VAL A 58 -37.84 43.42 14.22
CA VAL A 58 -36.89 44.48 13.84
C VAL A 58 -36.94 45.59 14.93
N PRO A 59 -35.80 45.95 15.56
CA PRO A 59 -35.85 46.98 16.63
C PRO A 59 -36.24 48.39 16.18
N ASP A 60 -37.26 48.96 16.84
CA ASP A 60 -37.77 50.30 16.58
C ASP A 60 -37.07 51.30 17.50
N GLY A 61 -36.54 52.36 16.89
CA GLY A 61 -35.83 53.41 17.60
C GLY A 61 -34.48 53.74 17.00
N ILE A 62 -34.30 53.45 15.71
CA ILE A 62 -33.05 53.71 14.97
C ILE A 62 -33.09 55.16 14.45
N SER A 63 -32.04 55.94 14.78
CA SER A 63 -31.91 57.35 14.39
C SER A 63 -31.67 57.51 12.88
N THR A 64 -32.09 58.67 12.32
CA THR A 64 -31.93 59.00 10.90
C THR A 64 -30.47 59.20 10.49
N ASN A 65 -29.62 59.61 11.46
CA ASN A 65 -28.17 59.86 11.28
C ASN A 65 -27.36 58.59 11.03
N THR A 66 -27.95 57.39 11.28
CA THR A 66 -27.32 56.08 11.14
C THR A 66 -26.85 55.80 9.70
N ARG A 67 -25.57 55.41 9.57
CA ARG A 67 -24.92 55.07 8.31
C ARG A 67 -24.66 53.56 8.22
N LEU A 68 -24.52 52.89 9.37
CA LEU A 68 -24.26 51.46 9.49
C LEU A 68 -25.15 50.81 10.55
N LEU A 69 -25.90 49.77 10.16
CA LEU A 69 -26.79 49.01 11.05
C LEU A 69 -26.40 47.52 11.01
N ASN A 70 -25.85 47.03 12.14
CA ASN A 70 -25.38 45.65 12.29
C ASN A 70 -26.37 44.83 13.12
N LEU A 71 -27.00 43.82 12.50
CA LEU A 71 -27.95 42.92 13.16
C LEU A 71 -27.52 41.45 13.00
N HIS A 72 -26.20 41.19 13.14
CA HIS A 72 -25.60 39.86 13.04
C HIS A 72 -25.96 39.01 14.27
N GLU A 73 -26.15 37.69 14.07
CA GLU A 73 -26.51 36.70 15.11
C GLU A 73 -27.78 37.08 15.90
N ASN A 74 -28.94 36.98 15.23
CA ASN A 74 -30.27 37.28 15.78
C ASN A 74 -31.28 36.20 15.35
N GLN A 75 -32.52 36.28 15.88
CA GLN A 75 -33.59 35.32 15.60
C GLN A 75 -34.75 35.89 14.75
N ILE A 76 -34.50 37.04 14.08
CA ILE A 76 -35.49 37.73 13.22
C ILE A 76 -35.86 36.89 11.99
N GLN A 77 -37.17 36.75 11.70
CA GLN A 77 -37.67 35.93 10.59
C GLN A 77 -38.32 36.71 9.44
N ILE A 78 -39.15 37.72 9.76
CA ILE A 78 -39.87 38.50 8.74
C ILE A 78 -39.46 39.98 8.77
N ILE A 79 -39.10 40.53 7.59
CA ILE A 79 -38.73 41.93 7.42
C ILE A 79 -39.96 42.66 6.88
N LYS A 80 -40.68 43.37 7.77
CA LYS A 80 -41.92 44.11 7.46
C LYS A 80 -41.75 45.28 6.50
N VAL A 81 -42.86 45.75 5.91
CA VAL A 81 -42.95 46.86 4.96
C VAL A 81 -42.57 48.18 5.68
N ASN A 82 -41.69 48.98 5.04
CA ASN A 82 -41.17 50.27 5.51
C ASN A 82 -40.44 50.20 6.86
N SER A 83 -39.68 49.10 7.07
CA SER A 83 -38.88 48.88 8.29
C SER A 83 -37.67 49.79 8.36
N PHE A 84 -37.18 50.26 7.18
CA PHE A 84 -36.05 51.18 7.05
C PHE A 84 -36.45 52.38 6.17
N LYS A 85 -37.65 52.94 6.42
CA LYS A 85 -38.23 54.06 5.67
C LYS A 85 -37.53 55.40 5.92
N HIS A 86 -37.32 55.76 7.19
CA HIS A 86 -36.69 57.02 7.60
C HIS A 86 -35.17 57.05 7.38
N LEU A 87 -34.54 55.87 7.30
CA LEU A 87 -33.10 55.73 7.09
C LEU A 87 -32.72 56.04 5.63
N ARG A 88 -32.31 57.29 5.36
CA ARG A 88 -31.94 57.75 4.02
C ARG A 88 -30.42 57.85 3.83
N HIS A 89 -29.67 57.89 4.95
CA HIS A 89 -28.21 58.00 4.94
C HIS A 89 -27.51 56.64 5.10
N LEU A 90 -28.27 55.60 5.54
CA LEU A 90 -27.76 54.24 5.75
C LEU A 90 -27.12 53.67 4.49
N GLU A 91 -25.84 53.28 4.60
CA GLU A 91 -25.04 52.72 3.50
C GLU A 91 -24.90 51.21 3.62
N ILE A 92 -24.44 50.73 4.79
CA ILE A 92 -24.22 49.31 5.06
C ILE A 92 -25.28 48.76 6.01
N LEU A 93 -26.00 47.70 5.58
CA LEU A 93 -27.04 47.03 6.35
C LEU A 93 -26.68 45.55 6.50
N GLN A 94 -26.37 45.14 7.74
CA GLN A 94 -25.98 43.76 8.07
C GLN A 94 -27.15 42.99 8.67
N LEU A 95 -27.73 42.07 7.89
CA LEU A 95 -28.84 41.21 8.31
C LEU A 95 -28.41 39.73 8.21
N SER A 96 -27.11 39.48 8.41
CA SER A 96 -26.48 38.17 8.33
C SER A 96 -26.66 37.32 9.59
N ARG A 97 -26.53 35.98 9.44
CA ARG A 97 -26.65 34.96 10.50
C ARG A 97 -27.97 35.03 11.30
N ASN A 98 -29.09 35.30 10.60
CA ASN A 98 -30.42 35.39 11.20
C ASN A 98 -31.35 34.27 10.67
N HIS A 99 -32.59 34.21 11.18
CA HIS A 99 -33.59 33.22 10.78
C HIS A 99 -34.55 33.74 9.70
N ILE A 100 -34.13 34.79 8.94
CA ILE A 100 -34.93 35.44 7.89
C ILE A 100 -35.37 34.46 6.79
N ARG A 101 -36.68 34.16 6.75
CA ARG A 101 -37.30 33.25 5.78
C ARG A 101 -38.08 33.98 4.67
N THR A 102 -38.77 35.09 5.01
CA THR A 102 -39.57 35.89 4.08
C THR A 102 -39.28 37.39 4.19
N ILE A 103 -39.07 38.05 3.03
CA ILE A 103 -38.83 39.49 2.94
C ILE A 103 -39.98 40.12 2.14
N GLU A 104 -40.66 41.11 2.73
CA GLU A 104 -41.79 41.80 2.11
C GLU A 104 -41.37 42.75 0.96
N ILE A 105 -42.36 43.27 0.21
CA ILE A 105 -42.16 44.16 -0.95
C ILE A 105 -41.55 45.52 -0.55
N GLY A 106 -42.21 46.25 0.34
CA GLY A 106 -41.76 47.56 0.80
C GLY A 106 -40.76 47.55 1.94
N ALA A 107 -40.05 46.42 2.15
CA ALA A 107 -39.06 46.22 3.21
C ALA A 107 -37.83 47.11 3.08
N PHE A 108 -37.26 47.24 1.86
CA PHE A 108 -36.07 48.05 1.62
C PHE A 108 -36.39 49.47 1.09
N ASN A 109 -37.65 49.92 1.25
CA ASN A 109 -38.11 51.23 0.82
C ASN A 109 -37.58 52.33 1.74
N GLY A 110 -37.15 53.44 1.15
CA GLY A 110 -36.61 54.59 1.86
C GLY A 110 -35.10 54.66 1.91
N LEU A 111 -34.42 53.55 1.51
CA LEU A 111 -32.97 53.43 1.50
C LEU A 111 -32.39 53.91 0.16
N ALA A 112 -31.99 55.19 0.11
CA ALA A 112 -31.42 55.81 -1.08
C ALA A 112 -29.90 55.67 -1.16
N ASN A 113 -29.21 55.72 -0.01
CA ASN A 113 -27.75 55.63 0.08
C ASN A 113 -27.21 54.21 0.35
N LEU A 114 -28.10 53.20 0.41
CA LEU A 114 -27.72 51.80 0.67
C LEU A 114 -26.81 51.23 -0.41
N ASN A 115 -25.56 50.92 -0.04
CA ASN A 115 -24.52 50.40 -0.93
C ASN A 115 -24.29 48.91 -0.72
N THR A 116 -24.11 48.48 0.55
CA THR A 116 -23.86 47.09 0.91
C THR A 116 -25.07 46.50 1.66
N LEU A 117 -25.52 45.30 1.21
CA LEU A 117 -26.63 44.58 1.82
C LEU A 117 -26.22 43.14 2.12
N GLU A 118 -25.93 42.87 3.42
CA GLU A 118 -25.52 41.55 3.90
C GLU A 118 -26.75 40.72 4.27
N LEU A 119 -26.91 39.55 3.60
CA LEU A 119 -28.03 38.64 3.82
C LEU A 119 -27.58 37.17 3.89
N PHE A 120 -26.28 36.92 4.18
CA PHE A 120 -25.73 35.57 4.27
C PHE A 120 -26.13 34.80 5.53
N ASP A 121 -26.22 33.45 5.43
CA ASP A 121 -26.59 32.50 6.49
C ASP A 121 -28.01 32.75 7.04
N ASN A 122 -29.04 32.55 6.18
CA ASN A 122 -30.44 32.76 6.54
C ASN A 122 -31.35 31.56 6.20
N ARG A 123 -32.68 31.76 6.22
CA ARG A 123 -33.70 30.74 5.94
C ARG A 123 -34.48 31.02 4.64
N LEU A 124 -33.92 31.85 3.75
CA LEU A 124 -34.56 32.23 2.48
C LEU A 124 -34.67 31.06 1.49
N THR A 125 -35.92 30.67 1.17
CA THR A 125 -36.22 29.56 0.25
C THR A 125 -36.19 30.02 -1.21
N THR A 126 -36.56 31.29 -1.46
CA THR A 126 -36.60 31.91 -2.80
C THR A 126 -36.13 33.38 -2.70
N ILE A 127 -35.57 33.91 -3.80
CA ILE A 127 -35.10 35.29 -3.89
C ILE A 127 -36.31 36.24 -3.97
N PRO A 128 -36.44 37.24 -3.06
CA PRO A 128 -37.61 38.14 -3.13
C PRO A 128 -37.51 39.17 -4.25
N ASN A 129 -38.40 39.03 -5.25
CA ASN A 129 -38.47 39.89 -6.44
C ASN A 129 -38.92 41.32 -6.13
N GLY A 130 -39.86 41.47 -5.20
CA GLY A 130 -40.42 42.75 -4.79
C GLY A 130 -39.54 43.55 -3.84
N ALA A 131 -38.52 42.90 -3.25
CA ALA A 131 -37.60 43.53 -2.29
C ALA A 131 -36.57 44.45 -2.95
N PHE A 132 -35.68 43.89 -3.81
CA PHE A 132 -34.64 44.64 -4.50
C PHE A 132 -35.24 45.33 -5.73
N VAL A 133 -35.85 46.52 -5.50
CA VAL A 133 -36.50 47.28 -6.58
C VAL A 133 -35.90 48.68 -6.77
N TYR A 134 -36.12 49.61 -5.82
CA TYR A 134 -35.64 50.98 -5.94
C TYR A 134 -34.37 51.28 -5.11
N LEU A 135 -33.22 50.80 -5.61
CA LEU A 135 -31.90 50.98 -5.01
C LEU A 135 -30.91 51.44 -6.09
N SER A 136 -30.50 52.71 -6.02
CA SER A 136 -29.58 53.33 -6.98
C SER A 136 -28.12 53.29 -6.54
N LYS A 137 -27.87 53.21 -5.22
CA LYS A 137 -26.53 53.18 -4.64
C LYS A 137 -25.99 51.77 -4.37
N LEU A 138 -26.85 50.73 -4.45
CA LEU A 138 -26.49 49.32 -4.20
C LEU A 138 -25.43 48.79 -5.15
N LYS A 139 -24.26 48.42 -4.61
CA LYS A 139 -23.13 47.87 -5.36
C LYS A 139 -22.75 46.47 -4.91
N GLU A 140 -22.96 46.15 -3.61
CA GLU A 140 -22.64 44.85 -3.03
C GLU A 140 -23.87 44.17 -2.43
N LEU A 141 -23.98 42.84 -2.63
CA LEU A 141 -25.08 42.01 -2.12
C LEU A 141 -24.61 40.57 -1.91
N TRP A 142 -24.53 40.14 -0.64
CA TRP A 142 -24.13 38.77 -0.28
C TRP A 142 -25.35 37.96 0.13
N LEU A 143 -25.52 36.76 -0.46
CA LEU A 143 -26.66 35.87 -0.20
C LEU A 143 -26.25 34.40 0.05
N ARG A 144 -24.97 34.14 0.38
CA ARG A 144 -24.45 32.79 0.61
C ARG A 144 -25.03 32.04 1.83
N ASN A 145 -24.92 30.69 1.82
CA ASN A 145 -25.38 29.78 2.87
C ASN A 145 -26.89 29.91 3.19
N ASN A 146 -27.71 30.03 2.13
CA ASN A 146 -29.16 30.15 2.23
C ASN A 146 -29.84 28.97 1.52
N PRO A 147 -30.99 28.46 2.00
CA PRO A 147 -31.63 27.32 1.30
C PRO A 147 -32.47 27.74 0.08
N ILE A 148 -31.89 28.60 -0.80
CA ILE A 148 -32.54 29.09 -2.02
C ILE A 148 -32.70 27.93 -3.01
N GLU A 149 -33.95 27.63 -3.38
CA GLU A 149 -34.30 26.53 -4.28
C GLU A 149 -34.13 26.85 -5.76
N SER A 150 -34.63 28.02 -6.22
CA SER A 150 -34.55 28.39 -7.63
C SER A 150 -34.30 29.88 -7.88
N ILE A 151 -33.50 30.19 -8.91
CA ILE A 151 -33.19 31.55 -9.35
C ILE A 151 -34.05 31.79 -10.61
N PRO A 152 -35.06 32.70 -10.55
CA PRO A 152 -35.93 32.90 -11.72
C PRO A 152 -35.40 33.90 -12.74
N SER A 153 -36.11 34.02 -13.90
CA SER A 153 -35.78 34.93 -14.99
C SER A 153 -35.93 36.39 -14.55
N TYR A 154 -35.06 37.26 -15.09
CA TYR A 154 -34.99 38.70 -14.81
C TYR A 154 -34.76 39.04 -13.31
N ALA A 155 -33.98 38.19 -12.62
CA ALA A 155 -33.61 38.39 -11.22
C ALA A 155 -32.49 39.43 -11.18
N PHE A 156 -32.51 40.31 -10.17
CA PHE A 156 -31.55 41.41 -9.96
C PHE A 156 -31.55 42.47 -11.10
N ASN A 157 -32.57 42.41 -12.00
CA ASN A 157 -32.73 43.32 -13.13
C ASN A 157 -33.14 44.72 -12.67
N ARG A 158 -33.94 44.81 -11.58
CA ARG A 158 -34.42 46.06 -11.00
C ARG A 158 -33.30 46.85 -10.31
N ILE A 159 -32.16 46.19 -10.04
CA ILE A 159 -30.97 46.78 -9.43
C ILE A 159 -29.73 46.62 -10.36
N PRO A 160 -29.62 47.44 -11.44
CA PRO A 160 -28.47 47.28 -12.36
C PRO A 160 -27.16 47.90 -11.88
N SER A 161 -27.23 48.76 -10.84
CA SER A 161 -26.08 49.45 -10.24
C SER A 161 -25.11 48.51 -9.51
N LEU A 162 -25.55 47.26 -9.23
CA LEU A 162 -24.81 46.21 -8.54
C LEU A 162 -23.51 45.84 -9.25
N ARG A 163 -22.38 45.92 -8.52
CA ARG A 163 -21.04 45.61 -9.02
C ARG A 163 -20.50 44.28 -8.48
N ARG A 164 -20.90 43.89 -7.26
CA ARG A 164 -20.49 42.66 -6.60
C ARG A 164 -21.70 41.86 -6.13
N LEU A 165 -21.74 40.55 -6.46
CA LEU A 165 -22.83 39.66 -6.09
C LEU A 165 -22.29 38.29 -5.67
N ASP A 166 -22.78 37.78 -4.53
CA ASP A 166 -22.39 36.50 -3.99
C ASP A 166 -23.61 35.62 -3.73
N LEU A 167 -23.75 34.55 -4.53
CA LEU A 167 -24.83 33.58 -4.44
C LEU A 167 -24.23 32.21 -4.11
N GLY A 168 -23.24 32.19 -3.21
CA GLY A 168 -22.54 30.99 -2.80
C GLY A 168 -23.31 30.05 -1.87
N GLU A 169 -22.68 28.91 -1.56
CA GLU A 169 -23.16 27.85 -0.65
C GLU A 169 -24.68 27.53 -0.71
N LEU A 170 -25.24 27.41 -1.92
CA LEU A 170 -26.67 27.09 -2.09
C LEU A 170 -26.84 25.57 -2.22
N LYS A 171 -26.88 24.88 -1.07
CA LYS A 171 -27.01 23.42 -0.96
C LYS A 171 -28.33 22.88 -1.51
N ARG A 172 -29.43 23.64 -1.30
CA ARG A 172 -30.78 23.26 -1.74
C ARG A 172 -31.17 23.82 -3.13
N LEU A 173 -30.18 24.23 -3.95
CA LEU A 173 -30.41 24.76 -5.29
C LEU A 173 -30.75 23.64 -6.28
N SER A 174 -31.78 23.85 -7.11
CA SER A 174 -32.25 22.88 -8.10
C SER A 174 -32.58 23.45 -9.49
N TYR A 175 -32.75 24.79 -9.60
CA TYR A 175 -33.08 25.44 -10.88
C TYR A 175 -32.40 26.80 -11.06
N ILE A 176 -31.83 27.03 -12.27
CA ILE A 176 -31.19 28.28 -12.69
C ILE A 176 -31.79 28.66 -14.05
N SER A 177 -32.39 29.86 -14.14
CA SER A 177 -33.00 30.36 -15.37
C SER A 177 -31.96 30.89 -16.37
N GLU A 178 -32.38 31.04 -17.64
CA GLU A 178 -31.54 31.56 -18.73
C GLU A 178 -31.20 33.03 -18.50
N GLY A 179 -32.23 33.84 -18.23
CA GLY A 179 -32.10 35.26 -17.96
C GLY A 179 -32.03 35.58 -16.48
N ALA A 180 -31.33 34.75 -15.70
CA ALA A 180 -31.16 34.89 -14.25
C ALA A 180 -30.29 36.09 -13.88
N PHE A 181 -29.22 36.35 -14.66
CA PHE A 181 -28.27 37.45 -14.43
C PHE A 181 -28.53 38.65 -15.35
N GLU A 182 -29.71 38.70 -16.00
CA GLU A 182 -30.13 39.75 -16.92
C GLU A 182 -30.26 41.12 -16.23
N GLY A 183 -29.73 42.15 -16.87
CA GLY A 183 -29.76 43.52 -16.38
C GLY A 183 -28.48 43.95 -15.67
N LEU A 184 -27.69 42.97 -15.19
CA LEU A 184 -26.44 43.19 -14.48
C LEU A 184 -25.27 43.40 -15.47
N SER A 185 -25.32 44.53 -16.19
CA SER A 185 -24.30 44.91 -17.18
C SER A 185 -23.09 45.60 -16.55
N ASN A 186 -23.25 46.08 -15.28
CA ASN A 186 -22.20 46.76 -14.53
C ASN A 186 -21.47 45.87 -13.51
N LEU A 187 -21.97 44.62 -13.32
CA LEU A 187 -21.39 43.65 -12.39
C LEU A 187 -19.99 43.21 -12.80
N ARG A 188 -19.04 43.26 -11.84
CA ARG A 188 -17.63 42.89 -12.03
C ARG A 188 -17.26 41.58 -11.32
N TYR A 189 -17.82 41.34 -10.11
CA TYR A 189 -17.57 40.13 -9.32
C TYR A 189 -18.85 39.30 -9.17
N LEU A 190 -18.71 37.97 -9.33
CA LEU A 190 -19.80 37.01 -9.18
C LEU A 190 -19.28 35.74 -8.50
N ASN A 191 -19.99 35.29 -7.45
CA ASN A 191 -19.62 34.10 -6.68
C ASN A 191 -20.73 33.04 -6.72
N LEU A 192 -20.51 31.98 -7.51
CA LEU A 192 -21.42 30.84 -7.64
C LEU A 192 -20.75 29.57 -7.09
N ALA A 193 -19.96 29.75 -6.02
CA ALA A 193 -19.21 28.68 -5.35
C ALA A 193 -20.12 27.80 -4.49
N MET A 194 -19.81 26.48 -4.46
CA MET A 194 -20.52 25.45 -3.69
C MET A 194 -22.04 25.36 -3.95
N CYS A 195 -22.45 25.63 -5.21
CA CYS A 195 -23.85 25.57 -5.66
C CYS A 195 -24.17 24.21 -6.28
N ASN A 196 -23.16 23.32 -6.37
CA ASN A 196 -23.21 21.97 -6.95
C ASN A 196 -23.80 21.89 -8.37
N LEU A 197 -23.36 22.81 -9.24
CA LEU A 197 -23.77 22.88 -10.65
C LEU A 197 -22.82 22.12 -11.56
N ARG A 198 -23.38 21.34 -12.51
CA ARG A 198 -22.62 20.51 -13.45
C ARG A 198 -22.13 21.31 -14.67
N GLU A 199 -22.92 22.29 -15.12
CA GLU A 199 -22.60 23.13 -16.29
C GLU A 199 -22.60 24.62 -15.95
N ILE A 200 -21.78 25.41 -16.67
CA ILE A 200 -21.66 26.85 -16.49
C ILE A 200 -22.93 27.55 -17.00
N PRO A 201 -23.65 28.31 -16.13
CA PRO A 201 -24.90 28.97 -16.58
C PRO A 201 -24.69 30.15 -17.54
N ASN A 202 -25.80 30.78 -17.99
CA ASN A 202 -25.75 31.91 -18.92
C ASN A 202 -25.24 33.19 -18.25
N LEU A 203 -23.93 33.46 -18.45
CA LEU A 203 -23.24 34.63 -17.89
C LEU A 203 -22.99 35.70 -18.97
N THR A 204 -23.70 35.58 -20.10
CA THR A 204 -23.63 36.50 -21.24
C THR A 204 -24.01 37.97 -20.93
N PRO A 205 -25.06 38.29 -20.10
CA PRO A 205 -25.36 39.71 -19.83
C PRO A 205 -24.32 40.42 -18.95
N LEU A 206 -23.36 39.67 -18.38
CA LEU A 206 -22.30 40.19 -17.52
C LEU A 206 -21.08 40.55 -18.39
N ILE A 207 -21.18 41.67 -19.10
CA ILE A 207 -20.14 42.18 -20.01
C ILE A 207 -18.91 42.69 -19.23
N LYS A 208 -19.17 43.52 -18.19
CA LYS A 208 -18.14 44.13 -17.35
C LYS A 208 -17.51 43.19 -16.31
N LEU A 209 -17.94 41.91 -16.27
CA LEU A 209 -17.46 40.88 -15.34
C LEU A 209 -15.95 40.65 -15.47
N ASP A 210 -15.24 40.79 -14.34
CA ASP A 210 -13.78 40.64 -14.25
C ASP A 210 -13.37 39.41 -13.43
N GLU A 211 -14.07 39.16 -12.31
CA GLU A 211 -13.78 38.02 -11.43
C GLU A 211 -14.97 37.08 -11.30
N LEU A 212 -14.72 35.77 -11.50
CA LEU A 212 -15.72 34.70 -11.45
C LEU A 212 -15.24 33.52 -10.60
N ASP A 213 -16.08 33.09 -9.64
CA ASP A 213 -15.77 31.99 -8.73
C ASP A 213 -16.77 30.83 -8.88
N LEU A 214 -16.29 29.70 -9.47
CA LEU A 214 -17.10 28.49 -9.68
C LEU A 214 -16.46 27.29 -8.95
N SER A 215 -15.85 27.57 -7.79
CA SER A 215 -15.16 26.59 -6.95
C SER A 215 -16.12 25.74 -6.11
N GLY A 216 -15.71 24.51 -5.81
CA GLY A 216 -16.48 23.57 -5.00
C GLY A 216 -17.78 23.08 -5.60
N ASN A 217 -17.82 22.92 -6.94
CA ASN A 217 -19.00 22.46 -7.66
C ASN A 217 -18.81 21.03 -8.22
N HIS A 218 -19.76 20.54 -9.04
CA HIS A 218 -19.71 19.22 -9.65
C HIS A 218 -19.51 19.32 -11.18
N LEU A 219 -18.58 20.19 -11.61
CA LEU A 219 -18.24 20.42 -13.01
C LEU A 219 -17.46 19.24 -13.57
N SER A 220 -18.11 18.46 -14.47
CA SER A 220 -17.56 17.26 -15.11
C SER A 220 -16.29 17.51 -15.92
N ALA A 221 -16.41 18.22 -17.06
CA ALA A 221 -15.30 18.53 -17.97
C ALA A 221 -15.51 19.87 -18.67
N ILE A 222 -14.45 20.69 -18.74
CA ILE A 222 -14.50 22.01 -19.38
C ILE A 222 -14.46 21.86 -20.91
N ARG A 223 -15.58 22.21 -21.56
CA ARG A 223 -15.77 22.14 -23.00
C ARG A 223 -15.54 23.49 -23.70
N PRO A 224 -15.12 23.51 -25.00
CA PRO A 224 -14.85 24.81 -25.68
C PRO A 224 -16.03 25.77 -25.78
N GLY A 225 -17.25 25.23 -25.87
CA GLY A 225 -18.49 26.00 -25.96
C GLY A 225 -18.80 26.87 -24.76
N SER A 226 -18.36 26.43 -23.57
CA SER A 226 -18.54 27.13 -22.29
C SER A 226 -17.68 28.41 -22.20
N PHE A 227 -18.02 29.30 -21.25
CA PHE A 227 -17.34 30.58 -20.95
C PHE A 227 -17.37 31.66 -22.04
N GLN A 228 -18.10 31.44 -23.15
CA GLN A 228 -18.19 32.43 -24.24
C GLN A 228 -18.94 33.70 -23.83
N GLY A 229 -18.41 34.85 -24.24
CA GLY A 229 -18.97 36.16 -23.93
C GLY A 229 -18.25 36.88 -22.80
N LEU A 230 -17.40 36.15 -22.05
CA LEU A 230 -16.65 36.70 -20.92
C LEU A 230 -15.27 37.18 -21.41
N MET A 231 -15.28 38.15 -22.34
CA MET A 231 -14.09 38.75 -22.97
C MET A 231 -13.28 39.62 -22.01
N HIS A 232 -13.94 40.29 -21.05
CA HIS A 232 -13.29 41.19 -20.09
C HIS A 232 -12.86 40.52 -18.77
N LEU A 233 -13.13 39.21 -18.62
CA LEU A 233 -12.78 38.44 -17.41
C LEU A 233 -11.27 38.31 -17.27
N GLN A 234 -10.77 38.50 -16.04
CA GLN A 234 -9.34 38.43 -15.69
C GLN A 234 -9.02 37.30 -14.71
N LYS A 235 -9.91 37.06 -13.72
CA LYS A 235 -9.70 36.02 -12.71
C LYS A 235 -10.79 34.95 -12.74
N LEU A 236 -10.37 33.67 -12.70
CA LEU A 236 -11.24 32.50 -12.71
C LEU A 236 -10.83 31.52 -11.62
N TRP A 237 -11.79 31.09 -10.79
CA TRP A 237 -11.56 30.14 -9.70
C TRP A 237 -12.39 28.87 -9.88
N MET A 238 -11.69 27.75 -10.11
CA MET A 238 -12.28 26.42 -10.31
C MET A 238 -11.66 25.44 -9.29
N ILE A 239 -11.55 25.87 -8.02
CA ILE A 239 -10.97 25.10 -6.91
C ILE A 239 -11.89 23.96 -6.48
N GLN A 240 -11.41 22.70 -6.60
CA GLN A 240 -12.14 21.47 -6.21
C GLN A 240 -13.54 21.36 -6.86
N SER A 241 -13.60 21.62 -8.18
CA SER A 241 -14.84 21.57 -8.95
C SER A 241 -15.10 20.20 -9.62
N GLN A 242 -14.32 19.16 -9.22
CA GLN A 242 -14.41 17.77 -9.69
C GLN A 242 -14.13 17.60 -11.21
N ILE A 243 -13.27 18.48 -11.76
CA ILE A 243 -12.89 18.46 -13.18
C ILE A 243 -11.93 17.30 -13.44
N GLN A 244 -12.24 16.47 -14.45
CA GLN A 244 -11.41 15.32 -14.81
C GLN A 244 -10.56 15.59 -16.06
N VAL A 245 -11.09 16.37 -17.01
CA VAL A 245 -10.39 16.70 -18.26
C VAL A 245 -10.76 18.10 -18.79
N ILE A 246 -9.77 18.79 -19.38
CA ILE A 246 -9.94 20.10 -20.02
C ILE A 246 -9.70 19.87 -21.51
N GLU A 247 -10.77 20.00 -22.32
CA GLU A 247 -10.73 19.80 -23.77
C GLU A 247 -9.95 20.89 -24.49
N ARG A 248 -9.44 20.60 -25.70
CA ARG A 248 -8.67 21.53 -26.53
C ARG A 248 -9.48 22.76 -26.92
N ASN A 249 -8.86 23.96 -26.77
CA ASN A 249 -9.44 25.29 -27.05
C ASN A 249 -10.61 25.65 -26.13
N ALA A 250 -10.50 25.29 -24.83
CA ALA A 250 -11.54 25.56 -23.82
C ALA A 250 -11.50 27.00 -23.29
N PHE A 251 -10.30 27.50 -22.95
CA PHE A 251 -10.11 28.86 -22.40
C PHE A 251 -9.71 29.89 -23.47
N ASP A 252 -9.94 29.57 -24.76
CA ASP A 252 -9.61 30.45 -25.90
C ASP A 252 -10.46 31.72 -25.98
N ASN A 253 -11.73 31.64 -25.55
CA ASN A 253 -12.66 32.79 -25.54
C ASN A 253 -12.34 33.83 -24.47
N LEU A 254 -11.64 33.41 -23.38
CA LEU A 254 -11.24 34.29 -22.27
C LEU A 254 -9.86 34.91 -22.62
N GLN A 255 -9.87 35.87 -23.56
CA GLN A 255 -8.67 36.54 -24.07
C GLN A 255 -7.93 37.43 -23.08
N SER A 256 -8.66 38.22 -22.27
CA SER A 256 -8.09 39.13 -21.29
C SER A 256 -7.82 38.50 -19.91
N LEU A 257 -7.88 37.15 -19.82
CA LEU A 257 -7.66 36.38 -18.59
C LEU A 257 -6.22 36.52 -18.08
N VAL A 258 -6.07 36.78 -16.77
CA VAL A 258 -4.79 37.00 -16.10
C VAL A 258 -4.44 35.84 -15.14
N GLU A 259 -5.42 35.34 -14.38
CA GLU A 259 -5.21 34.26 -13.40
C GLU A 259 -6.26 33.14 -13.46
N ILE A 260 -5.81 31.88 -13.43
CA ILE A 260 -6.67 30.67 -13.40
C ILE A 260 -6.27 29.79 -12.22
N ASN A 261 -7.28 29.35 -11.45
CA ASN A 261 -7.07 28.45 -10.31
C ASN A 261 -7.80 27.14 -10.59
N LEU A 262 -7.04 26.06 -10.80
CA LEU A 262 -7.57 24.73 -11.08
C LEU A 262 -7.09 23.70 -10.06
N ALA A 263 -6.86 24.15 -8.81
CA ALA A 263 -6.39 23.32 -7.70
C ALA A 263 -7.47 22.36 -7.19
N HIS A 264 -7.02 21.24 -6.58
CA HIS A 264 -7.84 20.18 -5.99
C HIS A 264 -8.82 19.48 -6.96
N ASN A 265 -8.40 19.35 -8.24
CA ASN A 265 -9.18 18.68 -9.28
C ASN A 265 -8.55 17.35 -9.70
N ASN A 266 -9.30 16.49 -10.43
CA ASN A 266 -8.84 15.18 -10.88
C ASN A 266 -8.26 15.24 -12.31
N LEU A 267 -7.34 16.20 -12.55
CA LEU A 267 -6.68 16.39 -13.84
C LEU A 267 -5.37 15.63 -13.93
N THR A 268 -5.18 14.88 -15.03
CA THR A 268 -3.97 14.08 -15.28
C THR A 268 -3.05 14.74 -16.31
N LEU A 269 -3.64 15.35 -17.35
CA LEU A 269 -2.91 16.02 -18.43
C LEU A 269 -3.69 17.19 -19.05
N LEU A 270 -2.95 18.15 -19.66
CA LEU A 270 -3.50 19.33 -20.31
C LEU A 270 -3.14 19.33 -21.82
N PRO A 271 -4.01 19.86 -22.72
CA PRO A 271 -3.67 19.86 -24.15
C PRO A 271 -2.53 20.81 -24.48
N HIS A 272 -1.64 20.39 -25.41
CA HIS A 272 -0.46 21.15 -25.85
C HIS A 272 -0.80 22.56 -26.32
N ASP A 273 -0.10 23.56 -25.74
CA ASP A 273 -0.25 25.00 -26.00
C ASP A 273 -1.68 25.55 -25.79
N LEU A 274 -2.27 25.19 -24.61
CA LEU A 274 -3.62 25.61 -24.21
C LEU A 274 -3.63 27.09 -23.83
N PHE A 275 -2.60 27.56 -23.09
CA PHE A 275 -2.47 28.93 -22.62
C PHE A 275 -1.80 29.88 -23.64
N THR A 276 -1.59 29.41 -24.89
CA THR A 276 -0.99 30.17 -25.99
C THR A 276 -1.87 31.37 -26.45
N PRO A 277 -3.19 31.22 -26.73
CA PRO A 277 -3.99 32.40 -27.14
C PRO A 277 -4.20 33.41 -26.01
N LEU A 278 -4.02 32.97 -24.74
CA LEU A 278 -4.14 33.78 -23.54
C LEU A 278 -2.83 34.54 -23.31
N HIS A 279 -2.68 35.68 -24.02
CA HIS A 279 -1.49 36.54 -24.00
C HIS A 279 -1.27 37.26 -22.67
N HIS A 280 -2.36 37.73 -22.03
CA HIS A 280 -2.31 38.48 -20.76
C HIS A 280 -2.18 37.62 -19.50
N LEU A 281 -2.18 36.27 -19.66
CA LEU A 281 -2.06 35.32 -18.56
C LEU A 281 -0.67 35.31 -17.94
N GLU A 282 -0.59 35.24 -16.59
CA GLU A 282 0.66 35.24 -15.85
C GLU A 282 0.74 34.25 -14.68
N ARG A 283 -0.40 34.00 -13.99
CA ARG A 283 -0.43 33.08 -12.85
C ARG A 283 -1.43 31.93 -13.04
N ILE A 284 -0.95 30.67 -12.90
CA ILE A 284 -1.78 29.46 -13.02
C ILE A 284 -1.58 28.59 -11.77
N HIS A 285 -2.69 28.16 -11.15
CA HIS A 285 -2.67 27.28 -9.97
C HIS A 285 -3.09 25.87 -10.41
N LEU A 286 -2.17 24.91 -10.30
CA LEU A 286 -2.38 23.52 -10.73
C LEU A 286 -2.08 22.46 -9.65
N HIS A 287 -1.81 22.88 -8.40
CA HIS A 287 -1.48 21.97 -7.28
C HIS A 287 -2.66 21.07 -6.85
N HIS A 288 -2.35 19.96 -6.14
CA HIS A 288 -3.30 18.95 -5.65
C HIS A 288 -4.10 18.24 -6.75
N ASN A 289 -3.44 17.97 -7.89
CA ASN A 289 -4.00 17.27 -9.05
C ASN A 289 -3.13 16.05 -9.39
N PRO A 290 -3.73 14.88 -9.72
CA PRO A 290 -2.91 13.70 -10.04
C PRO A 290 -2.26 13.75 -11.43
N TRP A 291 -1.17 14.54 -11.56
CA TRP A 291 -0.44 14.73 -12.81
C TRP A 291 0.38 13.53 -13.24
N ASN A 292 0.16 13.06 -14.48
CA ASN A 292 0.89 11.94 -15.08
C ASN A 292 2.06 12.51 -15.88
N CYS A 293 3.21 12.69 -15.20
CA CYS A 293 4.42 13.26 -15.77
C CYS A 293 5.08 12.39 -16.84
N ASN A 294 5.19 12.94 -18.06
CA ASN A 294 5.82 12.29 -19.22
C ASN A 294 6.35 13.33 -20.23
N CYS A 295 6.34 12.98 -21.52
CA CYS A 295 6.81 13.84 -22.62
C CYS A 295 5.83 14.98 -22.89
N ASP A 296 4.52 14.73 -22.72
CA ASP A 296 3.41 15.66 -22.96
C ASP A 296 3.28 16.81 -21.94
N ILE A 297 3.97 16.73 -20.80
CA ILE A 297 3.91 17.74 -19.73
C ILE A 297 5.15 18.67 -19.74
N LEU A 298 5.99 18.59 -20.81
CA LEU A 298 7.19 19.41 -20.95
C LEU A 298 6.93 20.88 -21.24
N TRP A 299 5.85 21.21 -21.98
CA TRP A 299 5.47 22.59 -22.30
C TRP A 299 5.01 23.34 -21.03
N LEU A 300 4.35 22.62 -20.11
CA LEU A 300 3.88 23.15 -18.83
C LEU A 300 5.07 23.31 -17.88
N SER A 301 6.09 22.44 -18.01
CA SER A 301 7.32 22.45 -17.22
C SER A 301 8.16 23.68 -17.56
N TRP A 302 8.27 24.01 -18.86
CA TRP A 302 9.01 25.17 -19.36
C TRP A 302 8.28 26.48 -19.05
N TRP A 303 6.94 26.42 -18.89
CA TRP A 303 6.09 27.55 -18.54
C TRP A 303 6.42 28.00 -17.12
N ILE A 304 6.62 27.03 -16.20
CA ILE A 304 6.99 27.27 -14.81
C ILE A 304 8.47 27.76 -14.74
N LYS A 305 9.32 27.21 -15.63
CA LYS A 305 10.75 27.53 -15.73
C LYS A 305 11.05 28.96 -16.20
N ASP A 306 10.50 29.38 -17.37
CA ASP A 306 10.77 30.71 -17.93
C ASP A 306 9.65 31.75 -17.81
N MET A 307 8.41 31.38 -18.23
CA MET A 307 7.25 32.28 -18.19
C MET A 307 6.88 32.73 -16.77
N ALA A 308 7.05 31.83 -15.78
CA ALA A 308 6.80 32.12 -14.37
C ALA A 308 8.13 32.61 -13.75
N PRO A 309 8.12 33.71 -12.95
CA PRO A 309 9.39 34.21 -12.38
C PRO A 309 9.84 33.49 -11.10
N SER A 310 10.54 34.21 -10.20
CA SER A 310 11.03 33.70 -8.91
C SER A 310 9.88 33.21 -8.03
N ASN A 311 8.73 33.91 -8.07
CA ASN A 311 7.53 33.55 -7.33
C ASN A 311 6.58 32.74 -8.22
N THR A 312 6.38 31.46 -7.88
CA THR A 312 5.50 30.55 -8.62
C THR A 312 4.20 30.39 -7.84
N ALA A 313 3.06 30.55 -8.55
CA ALA A 313 1.71 30.44 -8.00
C ALA A 313 1.37 29.07 -7.43
N CYS A 314 1.83 27.99 -8.09
CA CYS A 314 1.55 26.62 -7.66
C CYS A 314 2.78 25.80 -7.31
N CYS A 315 2.58 24.77 -6.47
CA CYS A 315 3.59 23.81 -6.01
C CYS A 315 3.09 22.40 -6.42
N ALA A 316 2.88 22.22 -7.75
CA ALA A 316 2.38 20.98 -8.35
C ALA A 316 3.38 19.84 -8.26
N ARG A 317 2.88 18.63 -7.95
CA ARG A 317 3.68 17.41 -7.81
C ARG A 317 3.03 16.24 -8.55
N CYS A 318 3.86 15.35 -9.09
CA CYS A 318 3.45 14.16 -9.85
C CYS A 318 2.82 13.09 -8.95
N ASN A 319 1.94 12.26 -9.54
CA ASN A 319 1.28 11.14 -8.87
C ASN A 319 1.65 9.82 -9.54
N THR A 320 1.80 9.86 -10.88
CA THR A 320 2.18 8.71 -11.72
C THR A 320 3.31 9.13 -12.68
N PRO A 321 4.39 8.33 -12.88
CA PRO A 321 4.67 7.00 -12.29
C PRO A 321 5.12 7.06 -10.81
N PRO A 322 5.05 5.95 -10.03
CA PRO A 322 5.46 6.02 -8.62
C PRO A 322 6.92 6.42 -8.35
N ASN A 323 7.82 6.21 -9.33
CA ASN A 323 9.24 6.57 -9.23
C ASN A 323 9.48 8.08 -9.28
N LEU A 324 8.52 8.85 -9.83
CA LEU A 324 8.56 10.30 -9.96
C LEU A 324 7.52 11.02 -9.07
N LYS A 325 6.69 10.23 -8.34
CA LYS A 325 5.63 10.71 -7.44
C LYS A 325 6.13 11.65 -6.34
N GLY A 326 5.47 12.80 -6.21
CA GLY A 326 5.76 13.82 -5.21
C GLY A 326 6.86 14.81 -5.54
N ARG A 327 7.44 14.71 -6.76
CA ARG A 327 8.52 15.60 -7.20
C ARG A 327 7.99 16.87 -7.87
N TYR A 328 8.71 17.99 -7.70
CA TYR A 328 8.32 19.30 -8.26
C TYR A 328 8.55 19.36 -9.77
N ILE A 329 7.62 20.00 -10.49
CA ILE A 329 7.63 20.17 -11.96
C ILE A 329 8.77 21.11 -12.38
N GLY A 330 9.72 20.57 -13.13
CA GLY A 330 10.89 21.31 -13.62
C GLY A 330 12.09 21.20 -12.70
N ASN A 335 13.80 17.60 -18.80
CA ASN A 335 13.91 16.96 -20.11
C ASN A 335 15.01 15.89 -20.16
N TYR A 336 15.30 15.27 -19.00
CA TYR A 336 16.32 14.22 -18.85
C TYR A 336 15.93 12.91 -19.54
N PHE A 337 14.65 12.50 -19.41
CA PHE A 337 14.11 11.28 -20.01
C PHE A 337 13.94 11.36 -21.54
N THR A 338 13.91 10.19 -22.20
CA THR A 338 13.78 10.05 -23.66
C THR A 338 12.45 10.55 -24.22
N CYS A 339 12.52 11.52 -25.16
CA CYS A 339 11.37 12.15 -25.82
C CYS A 339 11.55 12.18 -27.33
N TYR A 340 10.43 12.15 -28.09
CA TYR A 340 10.46 12.16 -29.55
C TYR A 340 9.56 13.22 -30.19
N ALA A 341 9.95 13.67 -31.40
CA ALA A 341 9.27 14.67 -32.21
C ALA A 341 7.88 14.16 -32.70
N PRO A 342 6.91 15.06 -33.05
CA PRO A 342 5.59 14.57 -33.50
C PRO A 342 5.63 13.83 -34.84
N VAL A 343 4.85 12.74 -34.94
CA VAL A 343 4.80 11.89 -36.14
C VAL A 343 3.45 12.05 -36.86
N ILE A 344 3.49 12.29 -38.19
CA ILE A 344 2.30 12.46 -39.03
C ILE A 344 1.89 11.09 -39.59
N VAL A 345 0.61 10.71 -39.37
CA VAL A 345 0.02 9.44 -39.83
C VAL A 345 -0.12 9.45 -41.37
N GLU A 346 -0.83 10.45 -41.92
CA GLU A 346 -1.05 10.60 -43.36
C GLU A 346 -0.64 11.99 -43.87
N PRO A 347 0.37 12.07 -44.77
CA PRO A 347 0.80 13.39 -45.27
C PRO A 347 -0.17 13.96 -46.31
N PRO A 348 -0.29 15.31 -46.45
CA PRO A 348 -1.22 15.87 -47.45
C PRO A 348 -0.76 15.66 -48.89
N ALA A 349 -1.50 14.82 -49.63
CA ALA A 349 -1.22 14.48 -51.02
C ALA A 349 -1.66 15.57 -51.99
N ASP A 350 -0.90 15.73 -53.09
CA ASP A 350 -1.18 16.70 -54.14
C ASP A 350 -2.38 16.22 -54.97
N LEU A 351 -3.42 17.07 -55.10
CA LEU A 351 -4.64 16.73 -55.83
C LEU A 351 -5.08 17.79 -56.84
N ASN A 352 -5.62 17.34 -57.98
CA ASN A 352 -6.13 18.18 -59.06
C ASN A 352 -7.65 18.26 -58.92
N VAL A 353 -8.20 19.47 -58.71
CA VAL A 353 -9.64 19.67 -58.53
C VAL A 353 -10.16 20.95 -59.22
N THR A 354 -11.43 20.92 -59.67
CA THR A 354 -12.11 22.05 -60.35
C THR A 354 -12.91 22.88 -59.33
N GLU A 355 -13.26 24.13 -59.71
CA GLU A 355 -14.02 25.06 -58.87
C GLU A 355 -15.47 24.60 -58.65
N GLY A 356 -15.93 24.72 -57.42
CA GLY A 356 -17.29 24.33 -57.02
C GLY A 356 -17.33 23.17 -56.05
N MET A 357 -16.56 22.10 -56.35
CA MET A 357 -16.47 20.88 -55.54
C MET A 357 -15.78 21.13 -54.20
N ALA A 358 -16.00 20.23 -53.22
CA ALA A 358 -15.39 20.32 -51.89
C ALA A 358 -14.00 19.68 -51.90
N ALA A 359 -12.99 20.42 -51.43
CA ALA A 359 -11.58 19.98 -51.37
C ALA A 359 -11.14 19.65 -49.94
N GLU A 360 -10.23 18.66 -49.80
CA GLU A 360 -9.71 18.23 -48.51
C GLU A 360 -8.21 17.93 -48.54
N LEU A 361 -7.48 18.41 -47.52
CA LEU A 361 -6.04 18.19 -47.36
C LEU A 361 -5.82 17.38 -46.07
N LYS A 362 -5.80 16.05 -46.21
CA LYS A 362 -5.66 15.10 -45.10
C LYS A 362 -4.32 15.14 -44.39
N CYS A 363 -4.34 15.46 -43.08
CA CYS A 363 -3.14 15.52 -42.25
C CYS A 363 -3.43 15.10 -40.80
N ARG A 364 -3.37 13.78 -40.54
CA ARG A 364 -3.62 13.19 -39.23
C ARG A 364 -2.32 13.01 -38.44
N ALA A 365 -2.39 13.21 -37.11
CA ALA A 365 -1.27 13.07 -36.18
C ALA A 365 -1.38 11.79 -35.35
N SER A 366 -0.22 11.29 -34.87
CA SER A 366 -0.10 10.06 -34.06
C SER A 366 -0.87 10.15 -32.75
N THR A 367 -0.82 11.31 -32.07
CA THR A 367 -1.52 11.57 -30.81
C THR A 367 -2.51 12.74 -30.91
N SER A 368 -3.59 12.68 -30.11
CA SER A 368 -4.64 13.71 -30.07
C SER A 368 -4.17 14.99 -29.36
N LEU A 369 -3.08 14.88 -28.54
CA LEU A 369 -2.50 15.98 -27.77
C LEU A 369 -1.89 17.10 -28.61
N THR A 370 -1.24 16.74 -29.74
CA THR A 370 -0.58 17.68 -30.67
C THR A 370 -1.52 18.71 -31.28
N SER A 371 -1.09 19.97 -31.35
CA SER A 371 -1.85 21.07 -31.94
C SER A 371 -1.47 21.25 -33.40
N VAL A 372 -2.47 21.18 -34.30
CA VAL A 372 -2.29 21.30 -35.75
C VAL A 372 -2.58 22.72 -36.24
N SER A 373 -1.63 23.31 -36.97
CA SER A 373 -1.73 24.64 -37.55
C SER A 373 -1.22 24.65 -39.00
N TRP A 374 -2.10 25.02 -39.95
CA TRP A 374 -1.81 25.08 -41.38
C TRP A 374 -1.29 26.46 -41.80
N ILE A 375 -0.36 26.47 -42.78
CA ILE A 375 0.24 27.70 -43.33
C ILE A 375 -0.14 27.81 -44.82
N THR A 376 -1.01 28.79 -45.15
CA THR A 376 -1.50 29.05 -46.50
C THR A 376 -0.42 29.74 -47.36
N PRO A 377 -0.45 29.59 -48.72
CA PRO A 377 0.55 30.29 -49.55
C PRO A 377 0.48 31.82 -49.49
N ASN A 378 -0.64 32.36 -48.97
CA ASN A 378 -0.89 33.80 -48.78
C ASN A 378 0.05 34.36 -47.69
N GLY A 379 0.35 33.54 -46.70
CA GLY A 379 1.22 33.88 -45.58
C GLY A 379 0.56 33.66 -44.22
N THR A 380 -0.79 33.70 -44.19
CA THR A 380 -1.61 33.54 -42.98
C THR A 380 -1.53 32.13 -42.40
N VAL A 381 -1.56 32.04 -41.05
CA VAL A 381 -1.52 30.77 -40.31
C VAL A 381 -2.91 30.49 -39.75
N MET A 382 -3.47 29.30 -40.06
CA MET A 382 -4.80 28.88 -39.61
C MET A 382 -4.75 27.72 -38.62
N THR A 383 -5.47 27.87 -37.50
CA THR A 383 -5.54 26.87 -36.42
C THR A 383 -6.96 26.29 -36.26
N HIS A 384 -7.10 25.25 -35.39
CA HIS A 384 -8.36 24.58 -35.10
C HIS A 384 -9.35 25.44 -34.31
N GLY A 385 -8.81 26.26 -33.39
CA GLY A 385 -9.59 27.15 -32.52
C GLY A 385 -10.44 28.19 -33.23
N ALA A 386 -9.97 28.67 -34.40
CA ALA A 386 -10.66 29.69 -35.22
C ALA A 386 -12.02 29.22 -35.75
N TYR A 387 -12.92 30.19 -36.05
CA TYR A 387 -14.27 29.94 -36.56
C TYR A 387 -14.26 29.30 -37.94
N LYS A 388 -15.13 28.29 -38.14
CA LYS A 388 -15.25 27.52 -39.38
C LYS A 388 -15.93 28.26 -40.54
N VAL A 389 -15.29 29.34 -41.03
CA VAL A 389 -15.80 30.14 -42.16
C VAL A 389 -15.03 29.82 -43.44
N ARG A 390 -15.73 29.23 -44.45
CA ARG A 390 -15.21 28.81 -45.76
C ARG A 390 -14.04 27.80 -45.67
N ILE A 391 -12.88 28.26 -45.16
CA ILE A 391 -11.66 27.48 -44.96
C ILE A 391 -11.56 27.17 -43.46
N ALA A 392 -11.53 25.87 -43.09
CA ALA A 392 -11.48 25.43 -41.69
C ALA A 392 -10.58 24.22 -41.43
N VAL A 393 -10.14 24.08 -40.16
CA VAL A 393 -9.29 22.97 -39.68
C VAL A 393 -10.05 22.25 -38.55
N LEU A 394 -10.33 20.95 -38.74
CA LEU A 394 -11.06 20.12 -37.76
C LEU A 394 -10.10 19.41 -36.77
N SER A 395 -10.66 18.63 -35.81
CA SER A 395 -9.96 17.88 -34.76
C SER A 395 -8.88 16.93 -35.28
N ASP A 396 -9.13 16.27 -36.43
CA ASP A 396 -8.19 15.34 -37.06
C ASP A 396 -6.97 16.04 -37.69
N GLY A 397 -7.14 17.31 -38.07
CA GLY A 397 -6.11 18.13 -38.67
C GLY A 397 -6.30 18.38 -40.15
N THR A 398 -7.39 17.81 -40.72
CA THR A 398 -7.74 17.94 -42.14
C THR A 398 -8.22 19.35 -42.48
N LEU A 399 -7.71 19.90 -43.59
CA LEU A 399 -8.09 21.22 -44.07
C LEU A 399 -9.27 21.05 -45.04
N ASN A 400 -10.49 21.37 -44.59
CA ASN A 400 -11.70 21.23 -45.40
C ASN A 400 -12.08 22.53 -46.11
N PHE A 401 -12.45 22.42 -47.39
CA PHE A 401 -12.89 23.52 -48.24
C PHE A 401 -14.35 23.28 -48.66
N THR A 402 -15.19 24.32 -48.56
CA THR A 402 -16.59 24.25 -48.96
C THR A 402 -16.73 24.57 -50.46
N ASN A 403 -16.07 25.66 -50.91
CA ASN A 403 -16.05 26.11 -52.30
C ASN A 403 -14.64 26.56 -52.70
N VAL A 404 -14.12 25.96 -53.80
CA VAL A 404 -12.78 26.24 -54.33
C VAL A 404 -12.80 27.50 -55.21
N THR A 405 -11.86 28.43 -54.96
CA THR A 405 -11.71 29.69 -55.70
C THR A 405 -10.35 29.80 -56.42
N VAL A 406 -10.19 30.85 -57.25
CA VAL A 406 -8.99 31.14 -58.05
C VAL A 406 -7.78 31.49 -57.16
N GLN A 407 -7.98 32.40 -56.18
CA GLN A 407 -6.95 32.88 -55.25
C GLN A 407 -6.39 31.81 -54.30
N ASP A 408 -7.12 30.70 -54.10
CA ASP A 408 -6.71 29.60 -53.21
C ASP A 408 -5.51 28.77 -53.69
N THR A 409 -5.22 28.79 -55.02
CA THR A 409 -4.09 28.03 -55.60
C THR A 409 -2.71 28.48 -55.10
N GLY A 410 -1.85 27.49 -54.83
CA GLY A 410 -0.49 27.72 -54.35
C GLY A 410 0.10 26.51 -53.65
N MET A 411 0.99 26.77 -52.67
CA MET A 411 1.66 25.72 -51.90
C MET A 411 1.25 25.78 -50.43
N TYR A 412 0.62 24.69 -49.94
CA TYR A 412 0.13 24.57 -48.56
C TYR A 412 1.08 23.72 -47.71
N THR A 413 1.44 24.23 -46.52
CA THR A 413 2.33 23.55 -45.59
C THR A 413 1.66 23.35 -44.22
N CYS A 414 1.68 22.11 -43.71
CA CYS A 414 1.09 21.79 -42.42
C CYS A 414 2.16 21.62 -41.36
N MET A 415 2.00 22.31 -40.22
CA MET A 415 2.95 22.26 -39.11
C MET A 415 2.32 21.63 -37.87
N VAL A 416 2.74 20.39 -37.55
CA VAL A 416 2.25 19.65 -36.38
C VAL A 416 3.23 19.95 -35.23
N SER A 417 2.72 20.57 -34.15
CA SER A 417 3.51 20.95 -33.00
C SER A 417 3.26 20.08 -31.76
N ASN A 418 4.35 19.78 -31.05
CA ASN A 418 4.38 18.98 -29.82
C ASN A 418 5.28 19.70 -28.79
N SER A 419 5.11 19.37 -27.49
CA SER A 419 5.86 19.94 -26.37
C SER A 419 7.39 19.72 -26.44
N VAL A 420 7.86 18.92 -27.43
CA VAL A 420 9.28 18.62 -27.63
C VAL A 420 9.83 19.33 -28.87
N GLY A 421 9.21 19.10 -30.04
CA GLY A 421 9.64 19.69 -31.30
C GLY A 421 8.53 19.99 -32.30
N ASN A 422 8.93 20.30 -33.56
CA ASN A 422 8.02 20.63 -34.65
C ASN A 422 8.38 19.89 -35.94
N THR A 423 7.36 19.43 -36.70
CA THR A 423 7.52 18.73 -37.98
C THR A 423 6.62 19.33 -39.06
N THR A 424 7.17 19.53 -40.27
CA THR A 424 6.46 20.12 -41.41
C THR A 424 6.20 19.13 -42.55
N ALA A 425 5.09 19.34 -43.28
CA ALA A 425 4.69 18.52 -44.43
C ALA A 425 4.19 19.41 -45.57
N SER A 426 4.86 19.31 -46.74
CA SER A 426 4.55 20.10 -47.94
C SER A 426 3.49 19.46 -48.83
N ALA A 427 2.67 20.31 -49.48
CA ALA A 427 1.59 19.90 -50.40
C ALA A 427 1.33 20.97 -51.46
N THR A 428 0.94 20.53 -52.66
CA THR A 428 0.64 21.41 -53.80
C THR A 428 -0.81 21.24 -54.25
N LEU A 429 -1.56 22.36 -54.31
CA LEU A 429 -2.98 22.37 -54.70
C LEU A 429 -3.16 22.93 -56.12
N ASN A 430 -3.86 22.17 -56.97
CA ASN A 430 -4.15 22.55 -58.36
C ASN A 430 -5.62 22.95 -58.51
N VAL A 431 -5.87 24.18 -58.99
CA VAL A 431 -7.22 24.72 -59.19
C VAL A 431 -7.49 24.89 -60.70
N THR A 432 -8.52 24.17 -61.19
CA THR A 432 -8.94 24.20 -62.59
C THR A 432 -10.44 24.46 -62.71
N TYR B 30 -15.49 0.77 36.91
CA TYR B 30 -14.26 1.23 37.54
C TYR B 30 -14.50 2.46 38.43
N ASP B 31 -15.73 2.59 38.95
CA ASP B 31 -16.17 3.70 39.81
C ASP B 31 -15.90 3.49 41.31
N LEU B 32 -15.89 2.22 41.77
CA LEU B 32 -15.67 1.89 43.18
C LEU B 32 -14.21 1.55 43.49
N CYS B 33 -13.75 1.94 44.70
CA CYS B 33 -12.38 1.73 45.18
C CYS B 33 -12.31 0.55 46.15
N LYS B 34 -13.06 0.65 47.25
CA LYS B 34 -13.13 -0.34 48.32
C LYS B 34 -14.58 -0.74 48.58
N THR B 35 -14.84 -2.05 48.66
CA THR B 35 -16.17 -2.61 48.92
C THR B 35 -16.12 -3.56 50.12
N GLN B 36 -17.19 -3.56 50.94
CA GLN B 36 -17.30 -4.41 52.13
C GLN B 36 -17.41 -5.88 51.72
N ILE B 37 -16.33 -6.65 51.94
CA ILE B 37 -16.27 -8.07 51.59
C ILE B 37 -16.36 -8.99 52.80
N TYR B 38 -17.11 -10.11 52.67
CA TYR B 38 -17.29 -11.09 53.72
C TYR B 38 -16.55 -12.39 53.39
N THR B 39 -15.43 -12.64 54.10
CA THR B 39 -14.59 -13.82 53.92
C THR B 39 -14.86 -14.89 54.99
N GLU B 40 -14.30 -16.10 54.80
CA GLU B 40 -14.43 -17.23 55.72
C GLU B 40 -13.79 -16.92 57.07
N GLU B 41 -12.67 -16.16 57.05
CA GLU B 41 -11.94 -15.72 58.23
C GLU B 41 -11.95 -14.18 58.30
N GLY B 42 -12.86 -13.65 59.12
CA GLY B 42 -13.04 -12.21 59.30
C GLY B 42 -13.78 -11.53 58.16
N LYS B 43 -13.82 -10.19 58.18
CA LYS B 43 -14.48 -9.37 57.17
C LYS B 43 -13.75 -8.02 56.97
N VAL B 44 -12.99 -7.91 55.86
CA VAL B 44 -12.23 -6.71 55.50
C VAL B 44 -12.76 -6.07 54.20
N TRP B 45 -11.91 -5.34 53.45
CA TRP B 45 -12.28 -4.68 52.20
C TRP B 45 -11.58 -5.31 50.99
N ASP B 46 -12.29 -5.36 49.85
CA ASP B 46 -11.76 -5.89 48.59
C ASP B 46 -11.40 -4.70 47.70
N TYR B 47 -10.09 -4.53 47.41
CA TYR B 47 -9.59 -3.43 46.60
C TYR B 47 -9.59 -3.75 45.10
N MET B 48 -10.12 -2.81 44.30
CA MET B 48 -10.23 -2.92 42.84
C MET B 48 -9.73 -1.66 42.10
N ALA B 49 -9.54 -1.76 40.76
CA ALA B 49 -9.06 -0.68 39.90
C ALA B 49 -9.99 0.55 39.90
N CYS B 50 -9.39 1.76 39.96
CA CYS B 50 -10.10 3.03 39.99
C CYS B 50 -9.88 3.85 38.73
N GLN B 51 -10.87 4.67 38.36
CA GLN B 51 -10.82 5.56 37.20
C GLN B 51 -11.83 6.70 37.35
N PRO B 52 -11.40 7.98 37.27
CA PRO B 52 -12.37 9.09 37.38
C PRO B 52 -13.19 9.26 36.10
N GLU B 53 -14.34 9.96 36.22
CA GLU B 53 -15.25 10.23 35.11
C GLU B 53 -14.62 11.20 34.10
N SER B 54 -14.66 10.84 32.81
CA SER B 54 -14.13 11.66 31.72
C SER B 54 -15.06 12.85 31.49
N THR B 55 -14.57 14.07 31.77
CA THR B 55 -15.34 15.30 31.62
C THR B 55 -14.62 16.35 30.75
N ASP B 56 -15.32 17.47 30.42
CA ASP B 56 -14.78 18.57 29.63
C ASP B 56 -13.65 19.23 30.42
N MET B 57 -12.41 18.91 30.04
CA MET B 57 -11.19 19.36 30.71
C MET B 57 -10.88 20.87 30.55
N THR B 58 -11.36 21.51 29.46
CA THR B 58 -11.15 22.94 29.17
C THR B 58 -11.54 23.91 30.33
N LYS B 59 -12.32 23.42 31.29
CA LYS B 59 -12.78 24.14 32.48
C LYS B 59 -11.65 24.28 33.51
N TYR B 60 -10.62 23.42 33.43
CA TYR B 60 -9.50 23.37 34.38
C TYR B 60 -8.15 23.90 33.85
N LEU B 61 -8.02 24.14 32.54
CA LEU B 61 -6.77 24.64 31.94
C LEU B 61 -6.47 26.13 32.23
N LYS B 62 -5.27 26.58 31.86
CA LYS B 62 -4.80 27.96 31.96
C LYS B 62 -4.06 28.36 30.68
N VAL B 63 -4.74 29.19 29.86
CA VAL B 63 -4.26 29.66 28.55
C VAL B 63 -3.11 30.68 28.62
N LYS B 64 -2.12 30.51 27.73
CA LYS B 64 -0.94 31.37 27.59
C LYS B 64 -0.70 31.67 26.11
N LEU B 65 -0.55 32.97 25.77
CA LEU B 65 -0.35 33.41 24.39
C LEU B 65 0.93 34.22 24.21
N ASP B 66 1.70 33.91 23.15
CA ASP B 66 2.95 34.60 22.80
C ASP B 66 3.03 34.88 21.29
N PRO B 67 3.05 36.16 20.83
CA PRO B 67 3.05 37.41 21.63
C PRO B 67 1.74 37.67 22.38
N PRO B 68 1.77 38.27 23.60
CA PRO B 68 0.52 38.51 24.34
C PRO B 68 -0.35 39.62 23.76
N ASP B 69 0.23 40.48 22.89
CA ASP B 69 -0.43 41.59 22.23
C ASP B 69 -1.16 41.17 20.93
N ILE B 70 -1.19 39.85 20.64
CA ILE B 70 -1.82 39.29 19.45
C ILE B 70 -3.33 39.49 19.36
N THR B 71 -4.05 39.47 20.51
CA THR B 71 -5.49 39.67 20.56
C THR B 71 -5.84 41.11 20.20
N CYS B 72 -6.52 41.28 19.04
CA CYS B 72 -6.93 42.57 18.50
C CYS B 72 -7.96 43.29 19.37
N GLY B 73 -7.82 44.61 19.44
CA GLY B 73 -8.69 45.48 20.23
C GLY B 73 -8.10 46.85 20.44
N ASP B 74 -6.80 46.92 20.82
CA ASP B 74 -6.07 48.16 21.05
C ASP B 74 -4.85 48.31 20.12
N PRO B 75 -4.95 49.09 19.01
CA PRO B 75 -6.10 49.88 18.55
C PRO B 75 -7.13 49.06 17.75
N PRO B 76 -8.42 49.47 17.68
CA PRO B 76 -9.41 48.67 16.91
C PRO B 76 -9.09 48.47 15.44
N GLU B 77 -9.26 47.23 14.94
CA GLU B 77 -8.96 46.82 13.56
C GLU B 77 -10.18 46.24 12.84
N THR B 78 -10.22 46.38 11.51
CA THR B 78 -11.28 45.87 10.64
C THR B 78 -10.82 44.57 9.98
N PHE B 79 -11.68 43.53 10.00
CA PHE B 79 -11.35 42.23 9.42
C PHE B 79 -12.28 41.79 8.27
N CYS B 80 -11.86 40.73 7.53
CA CYS B 80 -12.61 40.19 6.40
C CYS B 80 -12.99 38.73 6.64
N ALA B 81 -14.27 38.39 6.42
CA ALA B 81 -14.76 37.03 6.59
C ALA B 81 -14.33 36.12 5.43
N MET B 82 -14.38 34.79 5.63
CA MET B 82 -14.00 33.76 4.66
C MET B 82 -14.81 33.80 3.35
N GLY B 83 -16.10 34.13 3.45
CA GLY B 83 -17.05 34.20 2.33
C GLY B 83 -16.58 34.95 1.10
N ASN B 84 -16.28 36.25 1.25
CA ASN B 84 -15.83 37.11 0.15
C ASN B 84 -14.59 37.94 0.54
N PRO B 85 -13.65 38.19 -0.41
CA PRO B 85 -12.49 39.03 -0.05
C PRO B 85 -12.85 40.51 0.07
N TYR B 86 -14.00 40.92 -0.50
CA TYR B 86 -14.54 42.28 -0.51
C TYR B 86 -15.46 42.53 0.70
N MET B 87 -15.72 41.49 1.50
CA MET B 87 -16.57 41.52 2.70
C MET B 87 -15.76 42.05 3.90
N CYS B 88 -15.54 43.39 3.93
CA CYS B 88 -14.79 44.06 5.01
C CYS B 88 -15.62 45.17 5.65
N ASN B 89 -16.55 44.79 6.54
CA ASN B 89 -17.43 45.72 7.25
C ASN B 89 -17.35 45.53 8.76
N ASN B 90 -17.24 44.27 9.23
CA ASN B 90 -17.14 43.92 10.64
C ASN B 90 -15.78 44.29 11.24
N GLU B 91 -15.79 44.85 12.46
CA GLU B 91 -14.59 45.28 13.19
C GLU B 91 -14.47 44.68 14.59
N CYS B 92 -13.25 44.71 15.15
CA CYS B 92 -12.93 44.20 16.48
C CYS B 92 -12.52 45.34 17.42
N ASP B 93 -13.16 45.43 18.59
CA ASP B 93 -12.90 46.47 19.60
C ASP B 93 -13.03 45.90 21.02
N ALA B 94 -11.91 45.87 21.77
CA ALA B 94 -11.83 45.33 23.14
C ALA B 94 -12.65 46.12 24.17
N SER B 95 -12.79 47.45 23.99
CA SER B 95 -13.53 48.33 24.91
C SER B 95 -15.03 48.00 24.97
N THR B 96 -15.63 47.61 23.84
CA THR B 96 -17.05 47.23 23.74
C THR B 96 -17.18 45.71 23.88
N PRO B 97 -17.96 45.19 24.86
CA PRO B 97 -18.06 43.72 25.04
C PRO B 97 -18.69 42.95 23.89
N GLU B 98 -19.56 43.60 23.09
CA GLU B 98 -20.25 42.98 21.95
C GLU B 98 -19.28 42.75 20.78
N LEU B 99 -18.23 43.59 20.67
CA LEU B 99 -17.22 43.54 19.61
C LEU B 99 -15.88 42.94 20.09
N ALA B 100 -15.72 42.71 21.41
CA ALA B 100 -14.50 42.14 21.99
C ALA B 100 -14.43 40.63 21.80
N HIS B 101 -13.20 40.12 21.55
CA HIS B 101 -12.94 38.69 21.35
C HIS B 101 -11.79 38.18 22.24
N PRO B 102 -11.99 38.07 23.59
CA PRO B 102 -10.90 37.60 24.46
C PRO B 102 -10.63 36.09 24.35
N PRO B 103 -9.45 35.57 24.78
CA PRO B 103 -9.17 34.13 24.67
C PRO B 103 -10.08 33.19 25.48
N GLU B 104 -10.90 33.75 26.39
CA GLU B 104 -11.85 33.03 27.24
C GLU B 104 -12.98 32.36 26.42
N LEU B 105 -13.32 32.95 25.25
CA LEU B 105 -14.38 32.48 24.35
C LEU B 105 -14.07 31.15 23.65
N MET B 106 -12.79 30.74 23.60
CA MET B 106 -12.34 29.47 22.99
C MET B 106 -12.78 28.27 23.84
N PHE B 107 -13.10 28.50 25.12
CA PHE B 107 -13.49 27.47 26.08
C PHE B 107 -14.92 27.71 26.60
N ASP B 108 -15.64 28.66 25.99
CA ASP B 108 -17.02 29.04 26.31
C ASP B 108 -17.97 27.91 25.92
N PHE B 109 -18.99 27.65 26.75
CA PHE B 109 -19.98 26.60 26.55
C PHE B 109 -20.86 26.87 25.32
N GLU B 110 -20.83 25.95 24.34
CA GLU B 110 -21.58 26.05 23.09
C GLU B 110 -22.52 24.85 22.89
N SER B 115 -22.07 31.53 17.60
CA SER B 115 -21.02 31.01 18.47
C SER B 115 -19.95 32.05 18.76
N THR B 116 -19.53 32.15 20.04
CA THR B 116 -18.48 33.08 20.51
C THR B 116 -17.12 32.58 20.05
N PHE B 117 -16.23 33.51 19.66
CA PHE B 117 -14.90 33.17 19.16
C PHE B 117 -13.81 34.19 19.51
N TRP B 118 -12.55 33.71 19.62
CA TRP B 118 -11.38 34.56 19.88
C TRP B 118 -10.77 34.92 18.52
N GLN B 119 -10.23 36.15 18.40
CA GLN B 119 -9.60 36.62 17.17
C GLN B 119 -8.22 37.24 17.42
N SER B 120 -7.32 37.11 16.44
CA SER B 120 -5.97 37.66 16.48
C SER B 120 -5.86 38.84 15.51
N ALA B 121 -4.93 39.77 15.78
CA ALA B 121 -4.68 40.94 14.93
C ALA B 121 -4.16 40.52 13.56
N THR B 122 -4.72 41.11 12.50
CA THR B 122 -4.35 40.85 11.10
C THR B 122 -2.89 41.22 10.89
N TRP B 123 -2.13 40.39 10.17
CA TRP B 123 -0.70 40.64 9.95
C TRP B 123 -0.36 41.88 9.12
N LYS B 124 -0.32 43.03 9.81
CA LYS B 124 0.01 44.35 9.26
C LYS B 124 1.52 44.40 9.03
N GLU B 125 2.29 43.66 9.84
CA GLU B 125 3.75 43.54 9.75
C GLU B 125 4.09 42.45 8.73
N TYR B 126 4.26 42.86 7.47
CA TYR B 126 4.57 41.98 6.33
C TYR B 126 6.00 42.29 5.83
N PRO B 127 6.83 41.29 5.46
CA PRO B 127 6.56 39.84 5.40
C PRO B 127 6.97 39.06 6.66
N LYS B 128 6.79 39.67 7.85
CA LYS B 128 7.09 39.04 9.13
C LYS B 128 6.04 37.94 9.40
N PRO B 129 6.44 36.66 9.57
CA PRO B 129 5.45 35.58 9.75
C PRO B 129 4.59 35.73 11.01
N LEU B 130 3.26 35.65 10.82
CA LEU B 130 2.28 35.76 11.91
C LEU B 130 2.25 34.43 12.67
N GLN B 131 3.17 34.30 13.65
CA GLN B 131 3.30 33.09 14.48
C GLN B 131 2.68 33.28 15.86
N VAL B 132 1.66 32.47 16.16
CA VAL B 132 0.92 32.50 17.42
C VAL B 132 1.04 31.14 18.12
N ASN B 133 1.39 31.15 19.41
CA ASN B 133 1.52 29.93 20.22
C ASN B 133 0.48 29.96 21.34
N ILE B 134 -0.50 29.03 21.29
CA ILE B 134 -1.56 28.92 22.29
C ILE B 134 -1.22 27.76 23.23
N THR B 135 -0.53 28.09 24.34
CA THR B 135 -0.10 27.12 25.34
C THR B 135 -1.27 26.84 26.31
N LEU B 136 -1.77 25.60 26.30
CA LEU B 136 -2.85 25.14 27.16
C LEU B 136 -2.25 24.37 28.34
N SER B 137 -1.88 25.10 29.39
CA SER B 137 -1.25 24.55 30.60
C SER B 137 -2.25 23.89 31.53
N TRP B 138 -1.80 22.84 32.24
CA TRP B 138 -2.63 22.07 33.17
C TRP B 138 -1.97 21.91 34.53
N SER B 139 -0.61 21.77 34.55
CA SER B 139 0.24 21.54 35.73
C SER B 139 -0.16 20.24 36.46
N LYS B 140 -0.67 19.26 35.66
CA LYS B 140 -1.15 17.95 36.09
C LYS B 140 -1.19 16.97 34.91
N THR B 141 -0.85 15.70 35.16
CA THR B 141 -0.86 14.62 34.16
C THR B 141 -2.31 14.27 33.83
N ILE B 142 -2.70 14.38 32.55
CA ILE B 142 -4.06 14.10 32.07
C ILE B 142 -4.04 13.16 30.86
N GLU B 143 -4.71 12.00 30.99
CA GLU B 143 -4.82 10.99 29.93
C GLU B 143 -6.07 11.32 29.08
N LEU B 144 -5.86 11.57 27.77
CA LEU B 144 -6.95 11.91 26.85
C LEU B 144 -7.82 10.72 26.48
N THR B 145 -9.14 10.94 26.36
CA THR B 145 -10.12 9.89 26.02
C THR B 145 -10.80 10.14 24.68
N ASP B 146 -11.01 11.41 24.31
CA ASP B 146 -11.66 11.82 23.06
C ASP B 146 -10.77 12.74 22.22
N ASN B 147 -11.05 12.83 20.91
CA ASN B 147 -10.32 13.64 19.91
C ASN B 147 -10.18 15.10 20.30
N ILE B 148 -9.02 15.72 20.00
CA ILE B 148 -8.76 17.13 20.26
C ILE B 148 -9.32 17.90 19.06
N VAL B 149 -10.48 18.54 19.25
CA VAL B 149 -11.18 19.27 18.20
C VAL B 149 -10.98 20.78 18.35
N ILE B 150 -10.37 21.42 17.34
CA ILE B 150 -10.13 22.86 17.33
C ILE B 150 -10.99 23.50 16.22
N THR B 151 -12.22 23.90 16.57
CA THR B 151 -13.15 24.52 15.64
C THR B 151 -12.79 25.99 15.43
N PHE B 152 -12.44 26.34 14.19
CA PHE B 152 -12.05 27.69 13.78
C PHE B 152 -13.26 28.51 13.31
N GLU B 153 -13.12 29.85 13.29
CA GLU B 153 -14.19 30.76 12.86
C GLU B 153 -13.92 31.26 11.43
N SER B 154 -12.69 31.70 11.15
CA SER B 154 -12.32 32.19 9.82
C SER B 154 -11.03 31.54 9.31
N GLY B 155 -11.21 30.56 8.42
CA GLY B 155 -10.14 29.81 7.77
C GLY B 155 -9.33 28.86 8.63
N ARG B 156 -8.74 27.85 7.98
CA ARG B 156 -7.89 26.84 8.60
C ARG B 156 -6.42 27.15 8.20
N PRO B 157 -5.48 27.24 9.18
CA PRO B 157 -4.09 27.61 8.84
C PRO B 157 -3.39 26.70 7.84
N ASP B 158 -2.62 27.32 6.94
CA ASP B 158 -1.86 26.62 5.89
C ASP B 158 -0.58 25.96 6.43
N GLN B 159 -0.20 26.31 7.67
CA GLN B 159 0.96 25.79 8.41
C GLN B 159 0.60 25.82 9.90
N MET B 160 0.50 24.62 10.52
CA MET B 160 0.12 24.47 11.94
C MET B 160 0.71 23.18 12.54
N ILE B 161 1.17 23.25 13.81
CA ILE B 161 1.72 22.11 14.55
C ILE B 161 0.97 21.95 15.88
N LEU B 162 0.49 20.74 16.17
CA LEU B 162 -0.15 20.43 17.44
C LEU B 162 0.93 19.79 18.31
N GLU B 163 1.29 20.45 19.42
CA GLU B 163 2.35 19.99 20.31
C GLU B 163 1.83 19.56 21.68
N LYS B 164 2.60 18.70 22.36
CA LYS B 164 2.30 18.19 23.70
C LYS B 164 3.53 18.27 24.62
N SER B 165 3.33 18.07 25.92
CA SER B 165 4.39 18.07 26.93
C SER B 165 3.99 17.16 28.10
N LEU B 166 4.93 16.32 28.54
CA LEU B 166 4.73 15.40 29.66
C LEU B 166 5.55 15.85 30.88
N ASP B 167 6.49 16.80 30.66
CA ASP B 167 7.36 17.32 31.70
C ASP B 167 7.00 18.75 32.16
N TYR B 168 5.68 19.03 32.24
CA TYR B 168 5.09 20.29 32.73
C TYR B 168 5.54 21.58 32.00
N GLY B 169 5.78 21.46 30.69
CA GLY B 169 6.16 22.57 29.83
C GLY B 169 7.65 22.82 29.65
N ARG B 170 8.51 21.89 30.10
CA ARG B 170 9.97 22.00 29.96
C ARG B 170 10.40 21.73 28.51
N THR B 171 10.03 20.54 27.97
CA THR B 171 10.30 20.14 26.59
C THR B 171 8.98 19.97 25.84
N TRP B 172 9.01 20.06 24.50
CA TRP B 172 7.82 19.92 23.68
C TRP B 172 7.92 18.82 22.63
N GLN B 173 6.94 17.91 22.63
CA GLN B 173 6.86 16.77 21.71
C GLN B 173 5.72 17.00 20.71
N PRO B 174 5.94 16.82 19.39
CA PRO B 174 4.85 17.06 18.44
C PRO B 174 3.84 15.92 18.36
N TYR B 175 2.54 16.25 18.40
CA TYR B 175 1.44 15.29 18.30
C TYR B 175 1.14 14.98 16.84
N GLN B 176 0.86 16.02 16.04
CA GLN B 176 0.56 15.95 14.60
C GLN B 176 0.83 17.29 13.93
N TYR B 177 1.23 17.25 12.65
CA TYR B 177 1.50 18.44 11.85
C TYR B 177 0.36 18.63 10.83
N TYR B 178 -0.02 19.89 10.57
CA TYR B 178 -1.11 20.23 9.63
C TYR B 178 -0.63 21.30 8.65
N ALA B 179 -0.64 20.99 7.33
CA ALA B 179 -0.20 21.90 6.27
C ALA B 179 -0.89 21.70 4.92
N THR B 180 -0.77 22.72 4.04
CA THR B 180 -1.32 22.70 2.68
C THR B 180 -0.45 21.82 1.77
N ASP B 181 0.88 21.97 1.88
CA ASP B 181 1.87 21.18 1.13
C ASP B 181 2.93 20.69 2.13
N CYS B 182 2.72 19.46 2.63
CA CYS B 182 3.57 18.80 3.63
C CYS B 182 5.05 18.71 3.26
N LEU B 183 5.34 18.35 1.98
CA LEU B 183 6.71 18.20 1.47
C LEU B 183 7.47 19.54 1.38
N ASP B 184 6.74 20.66 1.25
CA ASP B 184 7.31 22.01 1.17
C ASP B 184 7.38 22.68 2.54
N ALA B 185 6.31 22.56 3.34
CA ALA B 185 6.19 23.18 4.66
C ALA B 185 6.98 22.50 5.78
N PHE B 186 6.97 21.15 5.84
CA PHE B 186 7.64 20.40 6.89
C PHE B 186 8.60 19.30 6.41
N HIS B 187 8.81 19.18 5.07
CA HIS B 187 9.69 18.20 4.42
C HIS B 187 9.30 16.74 4.74
N MET B 188 7.98 16.47 4.85
CA MET B 188 7.41 15.16 5.16
C MET B 188 6.38 14.76 4.10
N ASP B 189 6.19 13.44 3.90
CA ASP B 189 5.21 12.92 2.94
C ASP B 189 3.79 12.98 3.52
N PRO B 190 2.79 13.55 2.78
CA PRO B 190 1.43 13.65 3.34
C PRO B 190 0.72 12.32 3.58
N LYS B 191 0.48 12.01 4.87
CA LYS B 191 -0.19 10.79 5.32
C LYS B 191 -1.51 11.11 6.06
N SER B 192 -2.20 10.08 6.56
CA SER B 192 -3.46 10.20 7.31
C SER B 192 -3.57 9.11 8.38
N VAL B 193 -4.43 9.33 9.40
CA VAL B 193 -4.69 8.39 10.50
C VAL B 193 -5.30 7.08 9.96
N LYS B 194 -6.12 7.19 8.90
CA LYS B 194 -6.76 6.05 8.21
C LYS B 194 -5.69 5.16 7.54
N ASP B 195 -4.56 5.76 7.11
CA ASP B 195 -3.43 5.08 6.48
C ASP B 195 -2.51 4.38 7.48
N LEU B 196 -2.62 4.73 8.79
CA LEU B 196 -1.82 4.12 9.86
C LEU B 196 -2.33 2.72 10.24
N SER B 197 -1.57 1.99 11.08
CA SER B 197 -1.91 0.64 11.53
C SER B 197 -1.79 0.47 13.05
N GLN B 198 -2.17 -0.72 13.56
CA GLN B 198 -2.11 -1.11 14.97
C GLN B 198 -0.68 -1.10 15.52
N HIS B 199 0.31 -1.40 14.65
CA HIS B 199 1.74 -1.43 14.99
C HIS B 199 2.37 -0.03 14.90
N THR B 200 1.72 0.90 14.16
CA THR B 200 2.20 2.27 13.98
C THR B 200 1.23 3.32 14.56
N VAL B 201 0.80 3.11 15.82
CA VAL B 201 -0.11 4.02 16.52
C VAL B 201 0.65 5.25 17.03
N LEU B 202 1.85 5.05 17.59
CA LEU B 202 2.71 6.11 18.13
C LEU B 202 3.37 7.01 17.07
N GLU B 203 3.14 6.71 15.77
CA GLU B 203 3.70 7.45 14.63
C GLU B 203 3.12 8.86 14.48
N ILE B 204 4.00 9.85 14.28
CA ILE B 204 3.63 11.25 14.09
C ILE B 204 3.53 11.50 12.57
N ILE B 205 2.34 11.94 12.10
CA ILE B 205 2.07 12.17 10.67
C ILE B 205 1.69 13.62 10.33
N CYS B 206 1.85 13.99 9.04
CA CYS B 206 1.51 15.30 8.50
C CYS B 206 0.34 15.11 7.54
N THR B 207 -0.82 15.73 7.85
CA THR B 207 -2.04 15.59 7.04
C THR B 207 -2.45 16.82 6.23
N GLU B 208 -3.03 16.57 5.04
CA GLU B 208 -3.54 17.58 4.10
C GLU B 208 -5.07 17.58 4.08
N GLU B 209 -5.71 16.81 5.00
CA GLU B 209 -7.17 16.68 5.14
C GLU B 209 -7.82 17.98 5.57
N TYR B 210 -7.12 18.78 6.39
CA TYR B 210 -7.62 20.05 6.93
C TYR B 210 -6.88 21.26 6.31
N SER B 211 -6.64 21.19 4.99
CA SER B 211 -5.96 22.23 4.22
C SER B 211 -6.94 23.06 3.39
N THR B 212 -7.77 22.40 2.55
CA THR B 212 -8.76 23.03 1.68
C THR B 212 -9.98 23.55 2.45
N GLY B 213 -10.60 24.60 1.92
CA GLY B 213 -11.79 25.22 2.51
C GLY B 213 -12.98 25.25 1.58
N TYR B 214 -13.24 24.13 0.87
CA TYR B 214 -14.35 23.99 -0.08
C TYR B 214 -15.12 22.66 0.08
N THR B 215 -15.08 22.08 1.30
CA THR B 215 -15.76 20.83 1.67
C THR B 215 -16.57 21.05 2.96
N THR B 216 -17.27 19.99 3.44
CA THR B 216 -17.97 20.01 4.71
C THR B 216 -16.87 19.93 5.80
N ASN B 217 -17.08 20.59 6.95
CA ASN B 217 -16.13 20.73 8.07
C ASN B 217 -14.94 21.67 7.75
N SER B 218 -15.17 22.61 6.80
CA SER B 218 -14.22 23.63 6.30
C SER B 218 -13.50 24.47 7.36
N LYS B 219 -14.02 24.49 8.61
CA LYS B 219 -13.45 25.26 9.72
C LYS B 219 -13.10 24.39 10.94
N ILE B 220 -12.95 23.06 10.74
CA ILE B 220 -12.66 22.12 11.83
C ILE B 220 -11.34 21.37 11.66
N ILE B 221 -10.46 21.42 12.70
CA ILE B 221 -9.18 20.70 12.76
C ILE B 221 -9.29 19.63 13.84
N HIS B 222 -9.06 18.37 13.47
CA HIS B 222 -9.17 17.20 14.32
C HIS B 222 -7.85 16.51 14.60
N PHE B 223 -7.71 15.94 15.81
CA PHE B 223 -6.59 15.10 16.21
C PHE B 223 -7.19 13.77 16.65
N GLU B 224 -7.25 12.83 15.69
CA GLU B 224 -7.85 11.50 15.82
C GLU B 224 -7.26 10.65 16.94
N ILE B 225 -7.99 10.57 18.07
CA ILE B 225 -7.64 9.79 19.25
C ILE B 225 -8.53 8.54 19.28
N LYS B 226 -9.84 8.71 19.04
CA LYS B 226 -10.83 7.64 18.97
C LYS B 226 -10.49 6.66 17.84
N ASP B 227 -9.97 7.20 16.72
CA ASP B 227 -9.53 6.42 15.55
C ASP B 227 -8.22 5.69 15.86
N ARG B 228 -7.38 6.25 16.76
CA ARG B 228 -6.13 5.64 17.20
C ARG B 228 -6.40 4.52 18.19
N PHE B 229 -7.52 4.62 18.95
CA PHE B 229 -7.98 3.61 19.90
C PHE B 229 -8.66 2.48 19.11
N ALA B 230 -9.29 2.82 17.96
CA ALA B 230 -10.02 1.93 17.06
C ALA B 230 -9.17 0.80 16.46
N PHE B 231 -7.83 0.95 16.45
CA PHE B 231 -6.91 -0.09 15.95
C PHE B 231 -6.92 -1.31 16.87
N PHE B 232 -7.19 -1.10 18.17
CA PHE B 232 -7.25 -2.15 19.19
C PHE B 232 -8.70 -2.48 19.55
N ALA B 233 -9.48 -1.46 19.96
CA ALA B 233 -10.88 -1.58 20.37
C ALA B 233 -11.85 -2.01 19.26
N GLY B 234 -11.60 -1.54 18.04
CA GLY B 234 -12.44 -1.84 16.88
C GLY B 234 -13.20 -0.63 16.36
N PRO B 235 -13.93 -0.76 15.23
CA PRO B 235 -14.69 0.40 14.72
C PRO B 235 -15.89 0.77 15.58
N ARG B 236 -16.50 -0.24 16.22
CA ARG B 236 -17.66 -0.09 17.10
C ARG B 236 -17.24 0.35 18.51
N LEU B 237 -15.96 0.07 18.88
CA LEU B 237 -15.33 0.36 20.18
C LEU B 237 -16.00 -0.42 21.34
N ARG B 238 -16.55 -1.62 21.03
CA ARG B 238 -17.21 -2.51 21.97
C ARG B 238 -16.22 -3.42 22.69
N ASN B 239 -15.21 -3.94 21.97
CA ASN B 239 -14.18 -4.82 22.51
C ASN B 239 -13.06 -3.99 23.15
N MET B 240 -13.34 -3.41 24.33
CA MET B 240 -12.40 -2.58 25.09
C MET B 240 -11.28 -3.42 25.73
N ALA B 241 -11.52 -4.73 25.90
CA ALA B 241 -10.57 -5.71 26.47
C ALA B 241 -9.24 -5.76 25.71
N SER B 242 -9.28 -5.60 24.37
CA SER B 242 -8.10 -5.59 23.50
C SER B 242 -7.29 -4.31 23.72
N LEU B 243 -7.98 -3.17 23.94
CA LEU B 243 -7.36 -1.88 24.20
C LEU B 243 -6.77 -1.84 25.60
N TYR B 244 -7.54 -2.30 26.61
CA TYR B 244 -7.13 -2.35 28.03
C TYR B 244 -5.90 -3.22 28.25
N GLY B 245 -5.85 -4.37 27.57
CA GLY B 245 -4.75 -5.33 27.66
C GLY B 245 -3.42 -4.79 27.17
N GLN B 246 -3.43 -4.03 26.05
CA GLN B 246 -2.25 -3.43 25.44
C GLN B 246 -1.73 -2.26 26.27
N LEU B 247 -2.63 -1.50 26.92
CA LEU B 247 -2.28 -0.34 27.76
C LEU B 247 -1.52 -0.75 29.03
N ASP B 248 -1.84 -1.93 29.59
CA ASP B 248 -1.20 -2.46 30.79
C ASP B 248 0.22 -2.96 30.50
N THR B 249 0.44 -3.56 29.31
CA THR B 249 1.72 -4.11 28.87
C THR B 249 2.70 -3.07 28.33
N THR B 250 2.24 -2.20 27.40
CA THR B 250 3.10 -1.18 26.78
C THR B 250 3.00 0.18 27.49
N LYS B 251 4.15 0.67 27.98
CA LYS B 251 4.25 1.96 28.68
C LYS B 251 4.20 3.14 27.73
N LYS B 252 4.88 3.04 26.56
CA LYS B 252 4.95 4.07 25.52
C LYS B 252 3.58 4.45 24.96
N LEU B 253 2.70 3.45 24.74
CA LEU B 253 1.33 3.63 24.24
C LEU B 253 0.49 4.40 25.26
N ARG B 254 0.66 4.06 26.55
CA ARG B 254 -0.03 4.67 27.68
C ARG B 254 0.41 6.14 27.88
N ASP B 255 1.70 6.43 27.61
CA ASP B 255 2.29 7.77 27.71
C ASP B 255 1.89 8.69 26.56
N PHE B 256 1.56 8.10 25.39
CA PHE B 256 1.16 8.83 24.17
C PHE B 256 -0.10 9.68 24.40
N PHE B 257 -1.09 9.14 25.13
CA PHE B 257 -2.35 9.82 25.43
C PHE B 257 -2.29 10.68 26.69
N THR B 258 -1.20 10.56 27.49
CA THR B 258 -0.99 11.32 28.72
C THR B 258 -0.31 12.65 28.39
N VAL B 259 -0.89 13.77 28.88
CA VAL B 259 -0.40 15.14 28.66
C VAL B 259 -0.43 16.00 29.93
N THR B 260 0.54 16.92 30.07
CA THR B 260 0.62 17.88 31.18
C THR B 260 0.40 19.30 30.62
N ASP B 261 0.67 19.48 29.31
CA ASP B 261 0.53 20.73 28.56
C ASP B 261 0.23 20.43 27.08
N LEU B 262 -0.40 21.40 26.39
CA LEU B 262 -0.73 21.32 24.97
C LEU B 262 -0.38 22.65 24.29
N ARG B 263 0.01 22.62 23.00
CA ARG B 263 0.39 23.82 22.28
C ARG B 263 -0.10 23.83 20.84
N ILE B 264 -0.71 24.95 20.43
CA ILE B 264 -1.21 25.18 19.07
C ILE B 264 -0.19 26.11 18.39
N ARG B 265 0.76 25.52 17.66
CA ARG B 265 1.82 26.27 16.98
C ARG B 265 1.38 26.74 15.59
N LEU B 266 0.83 27.96 15.51
CA LEU B 266 0.37 28.56 14.26
C LEU B 266 1.55 29.21 13.56
N LEU B 267 1.72 28.95 12.25
CA LEU B 267 2.84 29.49 11.47
C LEU B 267 2.37 30.40 10.35
N ARG B 268 1.45 29.93 9.49
CA ARG B 268 0.91 30.71 8.38
C ARG B 268 -0.63 30.69 8.38
N PRO B 269 -1.30 31.87 8.33
CA PRO B 269 -2.78 31.86 8.32
C PRO B 269 -3.37 31.41 6.98
N ALA B 270 -4.70 31.18 6.94
CA ALA B 270 -5.41 30.75 5.73
C ALA B 270 -5.33 31.79 4.61
N VAL B 271 -4.50 31.48 3.59
CA VAL B 271 -4.30 32.35 2.42
C VAL B 271 -4.86 31.69 1.14
N GLY B 272 -4.92 30.36 1.14
CA GLY B 272 -5.41 29.54 0.03
C GLY B 272 -4.36 29.35 -1.05
N GLU B 273 -4.11 30.41 -1.82
CA GLU B 273 -3.13 30.46 -2.90
C GLU B 273 -1.77 30.87 -2.32
N ILE B 274 -0.66 30.33 -2.89
CA ILE B 274 0.72 30.64 -2.46
C ILE B 274 1.03 32.14 -2.58
N PHE B 275 0.56 32.78 -3.67
CA PHE B 275 0.72 34.22 -3.91
C PHE B 275 -0.26 34.99 -3.02
N VAL B 276 0.28 35.64 -1.96
CA VAL B 276 -0.48 36.39 -0.96
C VAL B 276 -0.62 37.90 -1.29
N ASP B 277 -1.81 38.47 -1.05
CA ASP B 277 -2.14 39.88 -1.28
C ASP B 277 -1.37 40.77 -0.30
N GLU B 278 -1.00 41.99 -0.76
CA GLU B 278 -0.24 42.96 0.03
C GLU B 278 -1.05 44.20 0.39
N LEU B 279 -1.89 44.67 -0.54
CA LEU B 279 -2.74 45.85 -0.38
C LEU B 279 -3.83 45.65 0.67
N HIS B 280 -4.34 44.41 0.81
CA HIS B 280 -5.38 44.05 1.76
C HIS B 280 -4.89 42.93 2.69
N LEU B 281 -4.22 43.32 3.79
CA LEU B 281 -3.68 42.40 4.79
C LEU B 281 -4.74 42.02 5.84
N ALA B 282 -5.89 42.74 5.85
CA ALA B 282 -7.03 42.52 6.74
C ALA B 282 -7.73 41.18 6.51
N ARG B 283 -7.55 40.59 5.30
CA ARG B 283 -8.13 39.30 4.90
C ARG B 283 -7.53 38.12 5.66
N TYR B 284 -6.27 38.25 6.12
CA TYR B 284 -5.54 37.17 6.80
C TYR B 284 -5.30 37.40 8.29
N PHE B 285 -5.78 36.44 9.10
CA PHE B 285 -5.72 36.40 10.58
C PHE B 285 -6.14 35.01 11.08
N TYR B 286 -6.12 34.80 12.42
CA TYR B 286 -6.54 33.56 13.05
C TYR B 286 -7.80 33.80 13.88
N ALA B 287 -8.72 32.83 13.89
CA ALA B 287 -9.98 32.91 14.63
C ALA B 287 -10.44 31.52 15.06
N ILE B 288 -10.49 31.28 16.38
CA ILE B 288 -10.91 29.98 16.94
C ILE B 288 -12.23 30.11 17.71
N SER B 289 -13.24 29.31 17.29
CA SER B 289 -14.58 29.27 17.89
C SER B 289 -14.59 28.51 19.21
N ASP B 290 -14.10 27.26 19.20
CA ASP B 290 -14.07 26.39 20.38
C ASP B 290 -12.98 25.32 20.27
N ILE B 291 -12.40 24.95 21.42
CA ILE B 291 -11.39 23.89 21.54
C ILE B 291 -11.98 22.79 22.43
N LYS B 292 -12.07 21.56 21.90
CA LYS B 292 -12.61 20.42 22.63
C LYS B 292 -11.51 19.48 23.12
N VAL B 293 -11.18 19.58 24.41
CA VAL B 293 -10.16 18.74 25.06
C VAL B 293 -10.87 17.95 26.17
N ARG B 294 -11.17 16.67 25.89
CA ARG B 294 -11.83 15.77 26.83
C ARG B 294 -10.90 14.63 27.24
N GLY B 295 -10.90 14.33 28.53
CA GLY B 295 -10.06 13.28 29.09
C GLY B 295 -10.19 13.08 30.59
N ARG B 296 -9.34 12.20 31.13
CA ARG B 296 -9.27 11.86 32.56
C ARG B 296 -7.90 12.22 33.09
N CYS B 297 -7.81 12.49 34.39
CA CYS B 297 -6.55 12.78 35.07
C CYS B 297 -5.85 11.46 35.40
N LYS B 298 -4.51 11.41 35.25
CA LYS B 298 -3.73 10.20 35.54
C LYS B 298 -3.68 9.94 37.04
N CYS B 299 -4.25 8.81 37.46
CA CYS B 299 -4.31 8.37 38.86
C CYS B 299 -3.52 7.08 39.04
N ASN B 300 -2.99 6.52 37.92
CA ASN B 300 -2.26 5.25 37.84
C ASN B 300 -3.16 4.10 38.33
N LEU B 301 -4.48 4.27 38.10
CA LEU B 301 -5.58 3.38 38.49
C LEU B 301 -5.67 3.16 40.01
N HIS B 302 -5.72 4.28 40.76
CA HIS B 302 -5.80 4.29 42.23
C HIS B 302 -6.85 5.25 42.81
N ALA B 303 -7.35 6.21 42.00
CA ALA B 303 -8.34 7.19 42.47
C ALA B 303 -9.49 7.44 41.48
N THR B 304 -10.65 7.89 42.01
CA THR B 304 -11.87 8.24 41.26
C THR B 304 -12.27 9.69 41.53
N VAL B 305 -11.92 10.20 42.72
CA VAL B 305 -12.22 11.56 43.15
C VAL B 305 -11.01 12.46 42.85
N CYS B 306 -11.24 13.62 42.21
CA CYS B 306 -10.21 14.58 41.86
C CYS B 306 -10.65 16.00 42.24
N VAL B 307 -9.98 16.58 43.24
CA VAL B 307 -10.28 17.92 43.77
C VAL B 307 -9.44 19.00 43.11
N TYR B 308 -10.10 20.07 42.63
CA TYR B 308 -9.47 21.24 42.02
C TYR B 308 -9.20 22.24 43.15
N ASP B 309 -8.19 21.91 43.98
CA ASP B 309 -7.80 22.72 45.15
C ASP B 309 -6.68 23.69 44.83
N ASN B 310 -6.88 24.98 45.20
CA ASN B 310 -5.96 26.10 44.99
C ASN B 310 -5.54 26.25 43.51
N SER B 311 -6.56 26.36 42.62
CA SER B 311 -6.46 26.49 41.16
C SER B 311 -5.67 25.37 40.44
N LYS B 312 -5.58 24.17 41.08
CA LYS B 312 -4.88 23.01 40.53
C LYS B 312 -5.63 21.72 40.82
N LEU B 313 -5.83 20.90 39.77
CA LEU B 313 -6.52 19.61 39.86
C LEU B 313 -5.56 18.55 40.42
N THR B 314 -5.94 17.92 41.56
CA THR B 314 -5.14 16.88 42.23
C THR B 314 -5.96 15.64 42.65
N CYS B 315 -5.35 14.45 42.51
CA CYS B 315 -5.96 13.14 42.82
C CYS B 315 -6.18 12.92 44.31
N GLU B 316 -7.37 12.40 44.69
CA GLU B 316 -7.67 12.04 46.07
C GLU B 316 -7.27 10.57 46.21
N CYS B 317 -5.98 10.37 46.49
CA CYS B 317 -5.28 9.08 46.59
C CYS B 317 -5.93 8.03 47.49
N GLU B 318 -6.05 6.80 46.98
CA GLU B 318 -6.56 5.62 47.66
C GLU B 318 -5.61 4.43 47.40
N HIS B 319 -5.88 3.25 47.99
CA HIS B 319 -5.04 2.04 47.90
C HIS B 319 -3.66 2.27 48.57
N ASN B 320 -3.63 3.15 49.60
CA ASN B 320 -2.44 3.54 50.37
C ASN B 320 -1.34 4.20 49.51
N THR B 321 -1.76 5.06 48.56
CA THR B 321 -0.86 5.78 47.65
C THR B 321 -0.72 7.25 48.05
N THR B 322 0.32 7.92 47.50
CA THR B 322 0.61 9.34 47.76
C THR B 322 1.21 10.04 46.53
N GLY B 323 1.18 11.37 46.55
CA GLY B 323 1.70 12.21 45.48
C GLY B 323 0.62 12.85 44.62
N PRO B 324 0.99 13.50 43.50
CA PRO B 324 -0.04 14.13 42.66
C PRO B 324 -0.76 13.17 41.71
N ASP B 325 -0.08 12.10 41.26
CA ASP B 325 -0.62 11.11 40.32
C ASP B 325 -0.66 9.68 40.90
N CYS B 326 -0.48 9.56 42.25
CA CYS B 326 -0.44 8.30 43.01
C CYS B 326 0.74 7.41 42.59
N GLY B 327 1.84 8.04 42.16
CA GLY B 327 3.05 7.39 41.69
C GLY B 327 4.01 6.91 42.76
N LYS B 328 3.73 7.24 44.04
CA LYS B 328 4.59 6.86 45.18
C LYS B 328 3.77 6.14 46.26
N CYS B 329 4.40 5.17 46.95
CA CYS B 329 3.80 4.44 48.06
C CYS B 329 3.84 5.31 49.31
N LYS B 330 2.76 5.31 50.10
CA LYS B 330 2.70 6.07 51.36
C LYS B 330 3.61 5.38 52.38
N LYS B 331 4.46 6.17 53.08
CA LYS B 331 5.38 5.66 54.10
C LYS B 331 4.64 4.88 55.18
N ASN B 332 5.17 3.68 55.52
CA ASN B 332 4.67 2.64 56.44
C ASN B 332 3.91 1.54 55.66
N TYR B 333 3.67 1.80 54.36
CA TYR B 333 3.03 0.87 53.41
C TYR B 333 4.01 0.58 52.27
N GLN B 334 5.22 0.09 52.64
CA GLN B 334 6.30 -0.21 51.71
C GLN B 334 6.75 -1.68 51.74
N GLY B 335 5.77 -2.58 51.73
CA GLY B 335 6.00 -4.03 51.72
C GLY B 335 6.47 -4.51 50.36
N ARG B 336 5.64 -4.27 49.33
CA ARG B 336 5.96 -4.61 47.94
C ARG B 336 6.22 -3.32 47.12
N PRO B 337 7.09 -3.34 46.08
CA PRO B 337 7.37 -2.11 45.32
C PRO B 337 6.16 -1.55 44.57
N TRP B 338 6.23 -0.25 44.17
CA TRP B 338 5.15 0.45 43.48
C TRP B 338 4.84 -0.13 42.10
N SER B 339 3.53 -0.32 41.85
CA SER B 339 2.99 -0.85 40.60
C SER B 339 1.58 -0.25 40.36
N PRO B 340 1.32 0.32 39.16
CA PRO B 340 -0.03 0.88 38.92
C PRO B 340 -1.08 -0.21 38.67
N GLY B 341 -2.33 0.11 38.94
CA GLY B 341 -3.46 -0.80 38.76
C GLY B 341 -3.73 -1.13 37.31
N SER B 342 -4.22 -2.36 37.06
CA SER B 342 -4.54 -2.84 35.72
C SER B 342 -6.04 -3.11 35.56
N TYR B 343 -6.58 -2.84 34.36
CA TYR B 343 -7.99 -3.02 34.02
C TYR B 343 -8.42 -4.49 34.03
N LEU B 344 -7.50 -5.41 33.65
CA LEU B 344 -7.76 -6.85 33.58
C LEU B 344 -7.78 -7.50 34.98
N PRO B 345 -8.78 -8.34 35.32
CA PRO B 345 -9.95 -8.75 34.52
C PRO B 345 -11.12 -7.76 34.54
N ILE B 346 -11.96 -7.81 33.49
CA ILE B 346 -13.12 -6.94 33.35
C ILE B 346 -14.33 -7.57 34.08
N PRO B 347 -15.04 -6.85 34.99
CA PRO B 347 -14.88 -5.45 35.38
C PRO B 347 -13.94 -5.18 36.56
N LYS B 348 -13.92 -6.07 37.58
CA LYS B 348 -13.08 -5.95 38.78
C LYS B 348 -11.60 -6.15 38.45
N GLY B 349 -10.94 -5.06 38.06
CA GLY B 349 -9.52 -5.07 37.71
C GLY B 349 -8.60 -5.18 38.91
N ALA B 350 -7.32 -5.56 38.66
CA ALA B 350 -6.31 -5.69 39.71
C ALA B 350 -5.88 -4.31 40.21
N ALA B 351 -6.08 -4.06 41.52
CA ALA B 351 -5.77 -2.79 42.18
C ALA B 351 -4.29 -2.53 42.36
N ASN B 352 -3.51 -3.56 42.76
CA ASN B 352 -2.06 -3.51 43.04
C ASN B 352 -1.76 -2.50 44.18
N ALA B 353 -2.57 -2.56 45.25
CA ALA B 353 -2.50 -1.69 46.42
C ALA B 353 -1.20 -1.86 47.23
N CYS B 354 -0.84 -0.80 47.98
CA CYS B 354 0.36 -0.78 48.82
C CYS B 354 0.12 -1.56 50.11
N ILE B 355 0.94 -2.59 50.36
CA ILE B 355 0.85 -3.43 51.56
C ILE B 355 1.78 -2.93 52.68
N PRO B 356 1.43 -3.08 53.98
CA PRO B 356 2.30 -2.56 55.05
C PRO B 356 3.73 -3.10 55.07
N SER B 357 4.67 -2.28 55.58
CA SER B 357 6.10 -2.58 55.68
C SER B 357 6.41 -3.70 56.69
N ILE B 358 7.41 -4.53 56.38
CA ILE B 358 7.85 -5.65 57.22
C ILE B 358 8.66 -5.15 58.41
N SER B 359 8.34 -5.66 59.61
CA SER B 359 9.01 -5.29 60.87
C SER B 359 10.41 -5.89 60.94
N GLN C 33 27.51 -61.39 -20.58
CA GLN C 33 28.71 -61.95 -19.97
C GLN C 33 29.84 -60.93 -19.85
N THR C 34 30.08 -60.12 -20.92
CA THR C 34 31.12 -59.09 -20.97
C THR C 34 30.83 -57.89 -20.07
N CYS C 35 31.88 -57.31 -19.47
CA CYS C 35 31.77 -56.16 -18.58
C CYS C 35 32.89 -55.12 -18.84
N PRO C 36 32.54 -53.83 -19.04
CA PRO C 36 33.59 -52.81 -19.26
C PRO C 36 34.28 -52.43 -17.94
N SER C 37 35.61 -52.23 -17.99
CA SER C 37 36.47 -51.90 -16.83
C SER C 37 36.08 -50.60 -16.13
N VAL C 38 35.57 -49.62 -16.88
CA VAL C 38 35.14 -48.30 -16.36
C VAL C 38 33.85 -48.45 -15.53
N CYS C 39 32.93 -49.32 -15.98
CA CYS C 39 31.63 -49.58 -15.36
C CYS C 39 31.69 -50.61 -14.22
N SER C 40 30.72 -50.53 -13.29
CA SER C 40 30.58 -51.43 -12.16
C SER C 40 29.33 -52.29 -12.36
N CYS C 41 29.52 -53.51 -12.88
CA CYS C 41 28.43 -54.45 -13.18
C CYS C 41 28.02 -55.30 -11.98
N SER C 42 26.79 -55.85 -12.06
CA SER C 42 26.19 -56.73 -11.05
C SER C 42 26.19 -58.17 -11.56
N ASN C 43 26.12 -59.15 -10.63
CA ASN C 43 26.08 -60.58 -10.95
C ASN C 43 24.79 -60.90 -11.71
N GLN C 44 24.92 -61.66 -12.83
CA GLN C 44 23.87 -62.03 -13.80
C GLN C 44 23.63 -60.94 -14.87
N PHE C 45 24.37 -59.83 -14.77
CA PHE C 45 24.43 -58.67 -15.68
C PHE C 45 23.09 -58.04 -16.13
N SER C 46 22.28 -57.54 -15.18
CA SER C 46 21.02 -56.86 -15.47
C SER C 46 21.12 -55.37 -15.17
N LYS C 47 21.74 -55.03 -14.01
CA LYS C 47 21.96 -53.64 -13.58
C LYS C 47 23.41 -53.23 -13.87
N VAL C 48 23.60 -52.16 -14.65
CA VAL C 48 24.93 -51.64 -14.99
C VAL C 48 25.04 -50.20 -14.50
N ILE C 49 26.00 -49.95 -13.60
CA ILE C 49 26.24 -48.64 -13.00
C ILE C 49 27.57 -48.06 -13.49
N CYS C 50 27.50 -46.86 -14.12
CA CYS C 50 28.64 -46.13 -14.66
C CYS C 50 28.66 -44.69 -14.10
N VAL C 51 28.03 -44.51 -12.92
CA VAL C 51 27.89 -43.23 -12.20
C VAL C 51 29.24 -42.72 -11.67
N ARG C 52 29.46 -41.39 -11.73
CA ARG C 52 30.65 -40.62 -11.28
C ARG C 52 31.90 -40.74 -12.17
N LYS C 53 32.03 -41.85 -12.93
CA LYS C 53 33.17 -42.10 -13.83
C LYS C 53 33.16 -41.11 -15.00
N ASN C 54 34.34 -40.53 -15.33
CA ASN C 54 34.47 -39.57 -16.42
C ASN C 54 34.59 -40.28 -17.76
N LEU C 55 33.61 -40.05 -18.66
CA LEU C 55 33.56 -40.65 -19.99
C LEU C 55 33.21 -39.62 -21.06
N ARG C 56 33.89 -39.68 -22.22
CA ARG C 56 33.65 -38.79 -23.36
C ARG C 56 32.72 -39.44 -24.38
N GLU C 57 32.81 -40.78 -24.51
CA GLU C 57 31.98 -41.59 -25.41
C GLU C 57 31.22 -42.65 -24.60
N VAL C 58 30.15 -43.22 -25.19
CA VAL C 58 29.33 -44.27 -24.56
C VAL C 58 30.19 -45.56 -24.42
N PRO C 59 30.36 -46.11 -23.19
CA PRO C 59 31.21 -47.30 -23.02
C PRO C 59 30.80 -48.52 -23.85
N ASP C 60 31.79 -49.09 -24.57
CA ASP C 60 31.62 -50.26 -25.42
C ASP C 60 31.88 -51.54 -24.63
N GLY C 61 30.94 -52.48 -24.72
CA GLY C 61 31.02 -53.77 -24.04
C GLY C 61 29.88 -54.04 -23.07
N ILE C 62 28.67 -53.58 -23.41
CA ILE C 62 27.48 -53.79 -22.58
C ILE C 62 26.78 -55.07 -23.05
N SER C 63 26.57 -56.02 -22.11
CA SER C 63 25.92 -57.31 -22.37
C SER C 63 24.44 -57.15 -22.74
N THR C 64 23.90 -58.09 -23.53
CA THR C 64 22.50 -58.09 -23.98
C THR C 64 21.50 -58.33 -22.84
N ASN C 65 21.96 -58.95 -21.73
CA ASN C 65 21.15 -59.25 -20.54
C ASN C 65 20.78 -57.99 -19.73
N THR C 66 21.43 -56.84 -20.03
CA THR C 66 21.23 -55.54 -19.37
C THR C 66 19.78 -55.04 -19.46
N ARG C 67 19.18 -54.74 -18.30
CA ARG C 67 17.82 -54.23 -18.16
C ARG C 67 17.82 -52.77 -17.69
N LEU C 68 18.89 -52.36 -16.98
CA LEU C 68 19.06 -50.99 -16.46
C LEU C 68 20.48 -50.51 -16.75
N LEU C 69 20.60 -49.34 -17.41
CA LEU C 69 21.88 -48.72 -17.73
C LEU C 69 21.93 -47.32 -17.12
N ASN C 70 22.83 -47.12 -16.15
CA ASN C 70 22.99 -45.85 -15.45
C ASN C 70 24.26 -45.15 -15.86
N LEU C 71 24.14 -43.92 -16.41
CA LEU C 71 25.27 -43.11 -16.85
C LEU C 71 25.18 -41.68 -16.29
N HIS C 72 24.66 -41.56 -15.05
CA HIS C 72 24.49 -40.30 -14.31
C HIS C 72 25.85 -39.69 -13.96
N GLU C 73 25.98 -38.35 -14.08
CA GLU C 73 27.20 -37.57 -13.82
C GLU C 73 28.39 -38.02 -14.68
N ASN C 74 28.35 -37.63 -15.98
CA ASN C 74 29.37 -37.95 -16.98
C ASN C 74 29.65 -36.74 -17.90
N GLN C 75 30.68 -36.86 -18.77
CA GLN C 75 31.09 -35.80 -19.71
C GLN C 75 30.69 -36.10 -21.17
N ILE C 76 29.88 -37.16 -21.41
CA ILE C 76 29.41 -37.58 -22.73
C ILE C 76 28.61 -36.48 -23.44
N GLN C 77 28.95 -36.20 -24.71
CA GLN C 77 28.32 -35.12 -25.51
C GLN C 77 27.44 -35.58 -26.68
N ILE C 78 27.86 -36.64 -27.41
CA ILE C 78 27.12 -37.11 -28.59
C ILE C 78 26.72 -38.58 -28.44
N ILE C 79 25.43 -38.89 -28.69
CA ILE C 79 24.87 -40.25 -28.69
C ILE C 79 24.79 -40.70 -30.15
N LYS C 80 25.79 -41.48 -30.59
CA LYS C 80 25.93 -41.97 -31.96
C LYS C 80 24.86 -42.99 -32.39
N VAL C 81 24.74 -43.21 -33.72
CA VAL C 81 23.80 -44.14 -34.35
C VAL C 81 24.14 -45.59 -33.93
N ASN C 82 23.10 -46.35 -33.51
CA ASN C 82 23.18 -47.76 -33.07
C ASN C 82 24.08 -47.99 -31.84
N SER C 83 24.07 -47.01 -30.90
CA SER C 83 24.83 -47.08 -29.65
C SER C 83 24.24 -48.10 -28.68
N PHE C 84 22.93 -48.36 -28.78
CA PHE C 84 22.19 -49.33 -27.96
C PHE C 84 21.42 -50.31 -28.88
N LYS C 85 22.08 -50.74 -29.98
CA LYS C 85 21.52 -51.64 -30.99
C LYS C 85 21.26 -53.06 -30.49
N HIS C 86 22.29 -53.71 -29.91
CA HIS C 86 22.20 -55.07 -29.39
C HIS C 86 21.37 -55.20 -28.11
N LEU C 87 21.27 -54.10 -27.33
CA LEU C 87 20.51 -54.06 -26.08
C LEU C 87 19.01 -53.99 -26.36
N ARG C 88 18.36 -55.16 -26.45
CA ARG C 88 16.92 -55.28 -26.73
C ARG C 88 16.10 -55.33 -25.43
N HIS C 89 16.64 -55.98 -24.39
CA HIS C 89 15.99 -56.17 -23.09
C HIS C 89 16.03 -54.95 -22.16
N LEU C 90 16.81 -53.90 -22.53
CA LEU C 90 16.95 -52.68 -21.73
C LEU C 90 15.61 -51.97 -21.54
N GLU C 91 15.25 -51.73 -20.27
CA GLU C 91 13.99 -51.08 -19.87
C GLU C 91 14.20 -49.65 -19.39
N ILE C 92 15.26 -49.42 -18.59
CA ILE C 92 15.60 -48.11 -18.04
C ILE C 92 16.98 -47.65 -18.55
N LEU C 93 17.02 -46.48 -19.21
CA LEU C 93 18.23 -45.87 -19.77
C LEU C 93 18.42 -44.49 -19.15
N GLN C 94 19.40 -44.37 -18.24
CA GLN C 94 19.69 -43.14 -17.52
C GLN C 94 20.88 -42.39 -18.12
N LEU C 95 20.58 -41.40 -18.98
CA LEU C 95 21.58 -40.55 -19.65
C LEU C 95 21.51 -39.11 -19.08
N SER C 96 21.20 -39.02 -17.77
CA SER C 96 21.06 -37.75 -17.04
C SER C 96 22.38 -37.20 -16.49
N ARG C 97 22.40 -35.87 -16.17
CA ARG C 97 23.54 -35.11 -15.64
C ARG C 97 24.81 -35.19 -16.51
N ASN C 98 24.62 -35.22 -17.84
CA ASN C 98 25.71 -35.30 -18.81
C ASN C 98 25.80 -34.02 -19.67
N HIS C 99 26.78 -33.97 -20.60
CA HIS C 99 27.00 -32.83 -21.48
C HIS C 99 26.42 -33.08 -22.89
N ILE C 100 25.40 -33.96 -23.00
CA ILE C 100 24.74 -34.33 -24.26
C ILE C 100 24.10 -33.12 -24.97
N ARG C 101 24.75 -32.66 -26.06
CA ARG C 101 24.31 -31.53 -26.87
C ARG C 101 23.47 -31.94 -28.08
N THR C 102 23.82 -33.06 -28.73
CA THR C 102 23.11 -33.57 -29.92
C THR C 102 22.91 -35.09 -29.87
N ILE C 103 21.70 -35.54 -30.26
CA ILE C 103 21.32 -36.95 -30.34
C ILE C 103 20.99 -37.27 -31.80
N GLU C 104 21.73 -38.22 -32.40
CA GLU C 104 21.55 -38.64 -33.80
C GLU C 104 20.24 -39.39 -34.05
N ILE C 105 19.89 -39.59 -35.34
CA ILE C 105 18.67 -40.25 -35.80
C ILE C 105 18.53 -41.70 -35.29
N GLY C 106 19.43 -42.58 -35.72
CA GLY C 106 19.40 -43.99 -35.33
C GLY C 106 20.08 -44.33 -34.02
N ALA C 107 20.06 -43.39 -33.06
CA ALA C 107 20.68 -43.55 -31.74
C ALA C 107 19.95 -44.55 -30.84
N PHE C 108 18.60 -44.46 -30.77
CA PHE C 108 17.79 -45.34 -29.93
C PHE C 108 17.21 -46.56 -30.67
N ASN C 109 17.91 -47.04 -31.72
CA ASN C 109 17.52 -48.20 -32.51
C ASN C 109 17.77 -49.48 -31.73
N GLY C 110 16.84 -50.43 -31.84
CA GLY C 110 16.92 -51.73 -31.18
C GLY C 110 16.26 -51.81 -29.82
N LEU C 111 16.07 -50.64 -29.15
CA LEU C 111 15.45 -50.55 -27.84
C LEU C 111 13.93 -50.77 -27.92
N ALA C 112 13.51 -52.04 -27.86
CA ALA C 112 12.11 -52.44 -27.93
C ALA C 112 11.43 -52.47 -26.57
N ASN C 113 12.16 -52.90 -25.51
CA ASN C 113 11.66 -53.01 -24.15
C ASN C 113 11.85 -51.73 -23.31
N LEU C 114 12.40 -50.66 -23.90
CA LEU C 114 12.65 -49.39 -23.21
C LEU C 114 11.36 -48.71 -22.77
N ASN C 115 11.20 -48.53 -21.44
CA ASN C 115 10.03 -47.92 -20.81
C ASN C 115 10.33 -46.51 -20.31
N THR C 116 11.47 -46.33 -19.63
CA THR C 116 11.89 -45.04 -19.06
C THR C 116 13.18 -44.56 -19.74
N LEU C 117 13.22 -43.26 -20.10
CA LEU C 117 14.37 -42.62 -20.72
C LEU C 117 14.69 -41.29 -20.02
N GLU C 118 15.76 -41.29 -19.20
CA GLU C 118 16.20 -40.13 -18.44
C GLU C 118 17.16 -39.28 -19.28
N LEU C 119 16.79 -38.01 -19.51
CA LEU C 119 17.59 -37.06 -20.28
C LEU C 119 17.68 -35.67 -19.62
N PHE C 120 17.50 -35.61 -18.29
CA PHE C 120 17.57 -34.36 -17.53
C PHE C 120 19.00 -33.89 -17.24
N ASP C 121 19.18 -32.57 -17.05
CA ASP C 121 20.46 -31.89 -16.78
C ASP C 121 21.51 -32.09 -17.90
N ASN C 122 21.11 -31.77 -19.15
CA ASN C 122 21.96 -31.92 -20.33
C ASN C 122 22.16 -30.61 -21.11
N ARG C 123 22.83 -30.67 -22.28
CA ARG C 123 23.13 -29.51 -23.12
C ARG C 123 22.28 -29.48 -24.41
N LEU C 124 21.12 -30.16 -24.41
CA LEU C 124 20.22 -30.23 -25.56
C LEU C 124 19.57 -28.89 -25.92
N THR C 125 19.92 -28.34 -27.09
CA THR C 125 19.42 -27.06 -27.61
C THR C 125 18.02 -27.17 -28.23
N THR C 126 17.71 -28.33 -28.83
CA THR C 126 16.41 -28.64 -29.46
C THR C 126 16.04 -30.11 -29.21
N ILE C 127 14.73 -30.43 -29.26
CA ILE C 127 14.22 -31.79 -29.08
C ILE C 127 14.49 -32.58 -30.39
N PRO C 128 15.30 -33.66 -30.36
CA PRO C 128 15.59 -34.39 -31.61
C PRO C 128 14.41 -35.18 -32.15
N ASN C 129 13.89 -34.74 -33.33
CA ASN C 129 12.74 -35.35 -34.01
C ASN C 129 13.07 -36.73 -34.59
N GLY C 130 14.30 -36.90 -35.06
CA GLY C 130 14.77 -38.14 -35.65
C GLY C 130 15.12 -39.24 -34.66
N ALA C 131 15.34 -38.87 -33.38
CA ALA C 131 15.71 -39.80 -32.31
C ALA C 131 14.50 -40.55 -31.75
N PHE C 132 13.48 -39.83 -31.24
CA PHE C 132 12.28 -40.44 -30.65
C PHE C 132 11.34 -40.88 -31.78
N VAL C 133 11.69 -42.01 -32.44
CA VAL C 133 10.91 -42.54 -33.56
C VAL C 133 10.34 -43.95 -33.29
N TYR C 134 11.20 -44.98 -33.17
CA TYR C 134 10.74 -46.35 -32.95
C TYR C 134 10.91 -46.86 -31.51
N LEU C 135 9.94 -46.51 -30.65
CA LEU C 135 9.87 -46.90 -29.24
C LEU C 135 8.41 -47.22 -28.93
N SER C 136 8.06 -48.51 -28.88
CA SER C 136 6.70 -48.99 -28.64
C SER C 136 6.33 -49.13 -27.17
N LYS C 137 7.32 -49.40 -26.30
CA LYS C 137 7.10 -49.60 -24.86
C LYS C 137 7.41 -48.39 -23.98
N LEU C 138 7.89 -47.27 -24.58
CA LEU C 138 8.24 -46.04 -23.86
C LEU C 138 7.03 -45.38 -23.21
N LYS C 139 7.03 -45.34 -21.86
CA LYS C 139 5.97 -44.76 -21.05
C LYS C 139 6.39 -43.49 -20.33
N GLU C 140 7.68 -43.38 -19.96
CA GLU C 140 8.23 -42.23 -19.25
C GLU C 140 9.40 -41.58 -19.99
N LEU C 141 9.47 -40.23 -19.95
CA LEU C 141 10.52 -39.43 -20.57
C LEU C 141 10.73 -38.11 -19.82
N TRP C 142 11.90 -37.96 -19.17
CA TRP C 142 12.25 -36.75 -18.42
C TRP C 142 13.26 -35.94 -19.23
N LEU C 143 12.98 -34.63 -19.40
CA LEU C 143 13.84 -33.71 -20.17
C LEU C 143 14.09 -32.37 -19.45
N ARG C 144 13.89 -32.31 -18.12
CA ARG C 144 14.07 -31.08 -17.33
C ARG C 144 15.52 -30.55 -17.25
N ASN C 145 15.66 -29.24 -17.03
CA ASN C 145 16.93 -28.51 -16.94
C ASN C 145 17.85 -28.70 -18.16
N ASN C 146 17.29 -28.46 -19.36
CA ASN C 146 17.98 -28.54 -20.64
C ASN C 146 17.79 -27.21 -21.39
N PRO C 147 18.80 -26.70 -22.12
CA PRO C 147 18.61 -25.42 -22.83
C PRO C 147 17.82 -25.53 -24.12
N ILE C 148 16.65 -26.21 -24.08
CA ILE C 148 15.76 -26.40 -25.24
C ILE C 148 15.13 -25.06 -25.60
N GLU C 149 15.49 -24.53 -26.78
CA GLU C 149 15.03 -23.25 -27.30
C GLU C 149 13.57 -23.25 -27.72
N SER C 150 13.15 -24.26 -28.52
CA SER C 150 11.77 -24.36 -29.01
C SER C 150 11.30 -25.79 -29.23
N ILE C 151 10.00 -26.04 -28.97
CA ILE C 151 9.37 -27.34 -29.18
C ILE C 151 8.69 -27.30 -30.57
N PRO C 152 9.18 -28.08 -31.56
CA PRO C 152 8.58 -28.01 -32.91
C PRO C 152 7.22 -28.67 -33.06
N SER C 153 6.57 -28.48 -34.24
CA SER C 153 5.28 -29.05 -34.60
C SER C 153 5.38 -30.57 -34.69
N TYR C 154 4.32 -31.27 -34.24
CA TYR C 154 4.20 -32.74 -34.22
C TYR C 154 5.35 -33.45 -33.49
N ALA C 155 5.76 -32.89 -32.34
CA ALA C 155 6.81 -33.44 -31.49
C ALA C 155 6.21 -34.57 -30.65
N PHE C 156 7.00 -35.65 -30.42
CA PHE C 156 6.61 -36.86 -29.67
C PHE C 156 5.45 -37.65 -30.32
N ASN C 157 5.05 -37.26 -31.55
CA ASN C 157 3.97 -37.88 -32.33
C ASN C 157 4.29 -39.33 -32.71
N ARG C 158 5.59 -39.63 -32.91
CA ARG C 158 6.08 -40.97 -33.27
C ARG C 158 6.07 -41.94 -32.08
N ILE C 159 5.88 -41.40 -30.85
CA ILE C 159 5.80 -42.18 -29.61
C ILE C 159 4.46 -41.91 -28.85
N PRO C 160 3.33 -42.49 -29.32
CA PRO C 160 2.05 -42.24 -28.64
C PRO C 160 1.84 -43.03 -27.34
N SER C 161 2.66 -44.08 -27.12
CA SER C 161 2.60 -44.96 -25.95
C SER C 161 3.00 -44.26 -24.64
N LEU C 162 3.65 -43.07 -24.75
CA LEU C 162 4.11 -42.25 -23.63
C LEU C 162 2.99 -41.85 -22.70
N ARG C 163 3.17 -42.13 -21.39
CA ARG C 163 2.20 -41.84 -20.32
C ARG C 163 2.66 -40.71 -19.39
N ARG C 164 3.99 -40.51 -19.26
CA ARG C 164 4.55 -39.45 -18.42
C ARG C 164 5.64 -38.67 -19.15
N LEU C 165 5.48 -37.34 -19.21
CA LEU C 165 6.41 -36.42 -19.87
C LEU C 165 6.77 -35.26 -18.94
N ASP C 166 8.08 -35.00 -18.80
CA ASP C 166 8.61 -33.94 -17.95
C ASP C 166 9.45 -32.95 -18.75
N LEU C 167 8.88 -31.77 -19.02
CA LEU C 167 9.54 -30.69 -19.76
C LEU C 167 9.76 -29.49 -18.83
N GLY C 168 10.22 -29.78 -17.61
CA GLY C 168 10.49 -28.76 -16.60
C GLY C 168 11.78 -27.98 -16.82
N GLU C 169 12.01 -26.97 -15.96
CA GLU C 169 13.17 -26.08 -15.92
C GLU C 169 13.77 -25.65 -17.29
N LEU C 170 12.89 -25.29 -18.25
CA LEU C 170 13.33 -24.83 -19.58
C LEU C 170 13.49 -23.31 -19.57
N LYS C 171 14.65 -22.84 -19.07
CA LYS C 171 15.00 -21.42 -18.95
C LYS C 171 15.19 -20.72 -20.30
N ARG C 172 15.83 -21.40 -21.27
CA ARG C 172 16.10 -20.86 -22.60
C ARG C 172 14.97 -21.08 -23.63
N LEU C 173 13.76 -21.48 -23.16
CA LEU C 173 12.58 -21.72 -23.99
C LEU C 173 11.99 -20.38 -24.47
N SER C 174 11.88 -20.22 -25.81
CA SER C 174 11.37 -19.00 -26.45
C SER C 174 10.17 -19.21 -27.38
N TYR C 175 9.84 -20.48 -27.72
CA TYR C 175 8.70 -20.80 -28.60
C TYR C 175 8.10 -22.18 -28.33
N ILE C 176 6.76 -22.27 -28.40
CA ILE C 176 5.97 -23.50 -28.27
C ILE C 176 5.00 -23.54 -29.46
N SER C 177 5.08 -24.62 -30.26
CA SER C 177 4.22 -24.81 -31.42
C SER C 177 2.78 -25.17 -31.00
N GLU C 178 1.80 -24.94 -31.91
CA GLU C 178 0.39 -25.23 -31.68
C GLU C 178 0.17 -26.74 -31.51
N GLY C 179 0.81 -27.54 -32.37
CA GLY C 179 0.74 -28.99 -32.33
C GLY C 179 1.97 -29.63 -31.74
N ALA C 180 2.50 -29.06 -30.64
CA ALA C 180 3.69 -29.54 -29.95
C ALA C 180 3.44 -30.84 -29.20
N PHE C 181 2.29 -30.94 -28.50
CA PHE C 181 1.91 -32.12 -27.71
C PHE C 181 0.99 -33.08 -28.49
N GLU C 182 0.88 -32.88 -29.82
CA GLU C 182 0.05 -33.68 -30.73
C GLU C 182 0.56 -35.11 -30.87
N GLY C 183 -0.38 -36.05 -30.84
CA GLY C 183 -0.10 -37.48 -30.94
C GLY C 183 -0.15 -38.20 -29.61
N LEU C 184 0.17 -37.47 -28.52
CA LEU C 184 0.18 -38.00 -27.15
C LEU C 184 -1.24 -38.09 -26.58
N SER C 185 -2.01 -39.06 -27.10
CA SER C 185 -3.39 -39.33 -26.70
C SER C 185 -3.49 -40.23 -25.46
N ASN C 186 -2.35 -40.85 -25.06
CA ASN C 186 -2.28 -41.75 -23.91
C ASN C 186 -1.58 -41.15 -22.68
N LEU C 187 -1.03 -39.92 -22.80
CA LEU C 187 -0.32 -39.24 -21.71
C LEU C 187 -1.24 -38.88 -20.54
N ARG C 188 -0.76 -39.14 -19.31
CA ARG C 188 -1.48 -38.88 -18.05
C ARG C 188 -0.86 -37.70 -17.29
N TYR C 189 0.47 -37.75 -17.04
CA TYR C 189 1.20 -36.71 -16.32
C TYR C 189 2.03 -35.86 -17.28
N LEU C 190 1.98 -34.53 -17.08
CA LEU C 190 2.73 -33.55 -17.87
C LEU C 190 3.28 -32.45 -16.97
N ASN C 191 4.58 -32.21 -17.08
CA ASN C 191 5.27 -31.18 -16.30
C ASN C 191 5.82 -30.09 -17.22
N LEU C 192 5.43 -28.84 -16.96
CA LEU C 192 5.87 -27.66 -17.71
C LEU C 192 6.27 -26.56 -16.73
N ALA C 193 7.01 -26.95 -15.68
CA ALA C 193 7.49 -26.06 -14.62
C ALA C 193 8.70 -25.24 -15.03
N MET C 194 8.75 -23.97 -14.57
CA MET C 194 9.83 -23.00 -14.82
C MET C 194 10.16 -22.77 -16.31
N CYS C 195 9.13 -22.79 -17.17
CA CYS C 195 9.23 -22.58 -18.62
C CYS C 195 8.98 -21.12 -19.03
N ASN C 196 8.59 -20.28 -18.04
CA ASN C 196 8.28 -18.85 -18.19
C ASN C 196 7.04 -18.58 -19.08
N LEU C 197 6.06 -19.50 -19.04
CA LEU C 197 4.83 -19.36 -19.82
C LEU C 197 3.79 -18.46 -19.16
N ARG C 198 3.36 -17.42 -19.89
CA ARG C 198 2.36 -16.45 -19.43
C ARG C 198 0.94 -17.01 -19.61
N GLU C 199 0.75 -17.83 -20.67
CA GLU C 199 -0.52 -18.47 -21.00
C GLU C 199 -0.38 -19.99 -21.15
N ILE C 200 -1.47 -20.73 -20.88
CA ILE C 200 -1.54 -22.18 -20.99
C ILE C 200 -1.46 -22.60 -22.47
N PRO C 201 -0.51 -23.50 -22.85
CA PRO C 201 -0.40 -23.91 -24.26
C PRO C 201 -1.53 -24.83 -24.73
N ASN C 202 -1.48 -25.26 -26.01
CA ASN C 202 -2.48 -26.15 -26.60
C ASN C 202 -2.32 -27.57 -26.05
N LEU C 203 -3.11 -27.89 -25.00
CA LEU C 203 -3.10 -29.19 -24.33
C LEU C 203 -4.35 -30.01 -24.71
N THR C 204 -5.00 -29.63 -25.83
CA THR C 204 -6.19 -30.28 -26.38
C THR C 204 -5.97 -31.73 -26.86
N PRO C 205 -4.82 -32.11 -27.53
CA PRO C 205 -4.66 -33.52 -27.93
C PRO C 205 -4.51 -34.50 -26.76
N LEU C 206 -4.15 -33.97 -25.57
CA LEU C 206 -3.98 -34.74 -24.34
C LEU C 206 -5.37 -34.96 -23.72
N ILE C 207 -6.07 -36.00 -24.20
CA ILE C 207 -7.43 -36.36 -23.76
C ILE C 207 -7.39 -37.12 -22.43
N LYS C 208 -6.45 -38.09 -22.31
CA LYS C 208 -6.26 -38.94 -21.14
C LYS C 208 -5.49 -38.27 -19.98
N LEU C 209 -5.05 -37.00 -20.15
CA LEU C 209 -4.29 -36.24 -19.14
C LEU C 209 -5.00 -36.13 -17.79
N ASP C 210 -4.34 -36.66 -16.74
CA ASP C 210 -4.85 -36.70 -15.37
C ASP C 210 -4.21 -35.63 -14.48
N GLU C 211 -2.85 -35.55 -14.47
CA GLU C 211 -2.12 -34.60 -13.64
C GLU C 211 -1.34 -33.60 -14.48
N LEU C 212 -1.38 -32.31 -14.08
CA LEU C 212 -0.71 -31.21 -14.78
C LEU C 212 -0.01 -30.25 -13.81
N ASP C 213 1.27 -29.95 -14.09
CA ASP C 213 2.09 -29.05 -13.27
C ASP C 213 2.55 -27.81 -14.06
N LEU C 214 1.94 -26.66 -13.76
CA LEU C 214 2.26 -25.38 -14.39
C LEU C 214 2.90 -24.42 -13.36
N SER C 215 3.56 -25.00 -12.35
CA SER C 215 4.24 -24.32 -11.25
C SER C 215 5.50 -23.58 -11.70
N GLY C 216 5.85 -22.51 -11.00
CA GLY C 216 7.04 -21.70 -11.26
C GLY C 216 7.09 -20.96 -12.57
N ASN C 217 5.92 -20.66 -13.17
CA ASN C 217 5.82 -19.93 -14.44
C ASN C 217 5.43 -18.46 -14.22
N HIS C 218 5.24 -17.70 -15.33
CA HIS C 218 4.86 -16.29 -15.26
C HIS C 218 3.39 -16.10 -15.70
N LEU C 219 2.49 -16.99 -15.21
CA LEU C 219 1.06 -16.97 -15.50
C LEU C 219 0.41 -15.78 -14.78
N SER C 220 0.15 -14.69 -15.54
CA SER C 220 -0.43 -13.44 -15.03
C SER C 220 -1.82 -13.58 -14.40
N ALA C 221 -2.84 -13.92 -15.20
CA ALA C 221 -4.22 -14.07 -14.74
C ALA C 221 -4.96 -15.18 -15.48
N ILE C 222 -5.65 -16.05 -14.71
CA ILE C 222 -6.42 -17.17 -15.25
C ILE C 222 -7.77 -16.66 -15.78
N ARG C 223 -8.02 -16.87 -17.07
CA ARG C 223 -9.24 -16.46 -17.77
C ARG C 223 -10.16 -17.66 -18.08
N PRO C 224 -11.49 -17.47 -18.32
CA PRO C 224 -12.37 -18.63 -18.59
C PRO C 224 -12.00 -19.49 -19.80
N GLY C 225 -11.36 -18.87 -20.80
CA GLY C 225 -10.92 -19.53 -22.03
C GLY C 225 -9.84 -20.57 -21.84
N SER C 226 -9.03 -20.43 -20.77
CA SER C 226 -7.94 -21.33 -20.41
C SER C 226 -8.45 -22.70 -19.93
N PHE C 227 -7.59 -23.74 -19.98
CA PHE C 227 -7.83 -25.12 -19.56
C PHE C 227 -8.88 -25.93 -20.35
N GLN C 228 -9.34 -25.42 -21.51
CA GLN C 228 -10.32 -26.11 -22.34
C GLN C 228 -9.73 -27.37 -23.01
N GLY C 229 -10.49 -28.46 -22.96
CA GLY C 229 -10.09 -29.75 -23.52
C GLY C 229 -9.40 -30.66 -22.52
N LEU C 230 -9.50 -30.33 -21.21
CA LEU C 230 -8.90 -31.10 -20.12
C LEU C 230 -9.99 -31.54 -19.13
N MET C 231 -11.02 -32.23 -19.64
CA MET C 231 -12.17 -32.72 -18.86
C MET C 231 -11.81 -33.88 -17.91
N HIS C 232 -10.76 -34.65 -18.23
CA HIS C 232 -10.34 -35.81 -17.42
C HIS C 232 -9.26 -35.49 -16.37
N LEU C 233 -8.79 -34.22 -16.30
CA LEU C 233 -7.77 -33.76 -15.37
C LEU C 233 -8.29 -33.80 -13.92
N GLN C 234 -7.52 -34.46 -13.04
CA GLN C 234 -7.87 -34.61 -11.61
C GLN C 234 -7.01 -33.76 -10.69
N LYS C 235 -5.72 -33.54 -11.04
CA LYS C 235 -4.80 -32.74 -10.23
C LYS C 235 -4.17 -31.61 -11.05
N LEU C 236 -4.13 -30.40 -10.46
CA LEU C 236 -3.56 -29.20 -11.08
C LEU C 236 -2.68 -28.45 -10.09
N TRP C 237 -1.43 -28.16 -10.50
CA TRP C 237 -0.46 -27.43 -9.69
C TRP C 237 -0.08 -26.10 -10.32
N MET C 238 -0.32 -25.00 -9.58
CA MET C 238 -0.03 -23.63 -9.97
C MET C 238 0.81 -22.95 -8.87
N ILE C 239 1.79 -23.71 -8.30
CA ILE C 239 2.65 -23.25 -7.21
C ILE C 239 3.64 -22.17 -7.71
N GLN C 240 3.58 -20.97 -7.10
CA GLN C 240 4.42 -19.80 -7.42
C GLN C 240 4.42 -19.45 -8.92
N SER C 241 3.22 -19.44 -9.53
CA SER C 241 3.03 -19.13 -10.94
C SER C 241 2.73 -17.63 -11.21
N GLN C 242 2.83 -16.80 -10.14
CA GLN C 242 2.61 -15.34 -10.15
C GLN C 242 1.20 -14.93 -10.61
N ILE C 243 0.17 -15.66 -10.14
CA ILE C 243 -1.23 -15.38 -10.47
C ILE C 243 -1.72 -14.16 -9.69
N GLN C 244 -2.20 -13.13 -10.42
CA GLN C 244 -2.71 -11.88 -9.84
C GLN C 244 -4.20 -11.97 -9.51
N VAL C 245 -5.01 -12.45 -10.48
CA VAL C 245 -6.47 -12.61 -10.35
C VAL C 245 -6.97 -13.84 -11.09
N ILE C 246 -7.96 -14.53 -10.48
CA ILE C 246 -8.63 -15.69 -11.08
C ILE C 246 -10.02 -15.18 -11.48
N GLU C 247 -10.28 -15.06 -12.79
CA GLU C 247 -11.54 -14.56 -13.34
C GLU C 247 -12.71 -15.52 -13.07
N ARG C 248 -13.95 -14.98 -13.05
CA ARG C 248 -15.18 -15.73 -12.80
C ARG C 248 -15.39 -16.80 -13.88
N ASN C 249 -15.66 -18.06 -13.43
CA ASN C 249 -15.88 -19.26 -14.26
C ASN C 249 -14.64 -19.67 -15.07
N ALA C 250 -13.47 -19.72 -14.39
CA ALA C 250 -12.19 -20.08 -15.02
C ALA C 250 -11.93 -21.59 -15.06
N PHE C 251 -12.10 -22.29 -13.92
CA PHE C 251 -11.86 -23.73 -13.80
C PHE C 251 -13.13 -24.58 -14.04
N ASP C 252 -14.17 -23.97 -14.63
CA ASP C 252 -15.47 -24.61 -14.92
C ASP C 252 -15.40 -25.81 -15.87
N ASN C 253 -14.50 -25.76 -16.87
CA ASN C 253 -14.30 -26.84 -17.85
C ASN C 253 -13.63 -28.09 -17.27
N LEU C 254 -12.88 -27.93 -16.15
CA LEU C 254 -12.20 -29.03 -15.45
C LEU C 254 -13.18 -29.65 -14.44
N GLN C 255 -14.24 -30.31 -14.95
CA GLN C 255 -15.33 -30.91 -14.17
C GLN C 255 -14.92 -32.09 -13.29
N SER C 256 -13.91 -32.87 -13.69
CA SER C 256 -13.44 -34.05 -12.95
C SER C 256 -12.24 -33.73 -12.03
N LEU C 257 -11.93 -32.44 -11.80
CA LEU C 257 -10.82 -32.00 -10.95
C LEU C 257 -11.09 -32.32 -9.48
N VAL C 258 -10.10 -32.96 -8.82
CA VAL C 258 -10.15 -33.37 -7.41
C VAL C 258 -9.24 -32.49 -6.54
N GLU C 259 -7.96 -32.34 -6.93
CA GLU C 259 -6.98 -31.52 -6.21
C GLU C 259 -6.52 -30.32 -7.03
N ILE C 260 -6.37 -29.15 -6.37
CA ILE C 260 -5.92 -27.91 -6.98
C ILE C 260 -4.99 -27.13 -6.04
N ASN C 261 -3.77 -26.82 -6.50
CA ASN C 261 -2.78 -26.10 -5.73
C ASN C 261 -2.55 -24.72 -6.33
N LEU C 262 -2.87 -23.67 -5.56
CA LEU C 262 -2.72 -22.27 -5.99
C LEU C 262 -1.87 -21.47 -4.98
N ALA C 263 -1.02 -22.18 -4.22
CA ALA C 263 -0.14 -21.61 -3.20
C ALA C 263 0.99 -20.75 -3.80
N HIS C 264 1.50 -19.80 -2.99
CA HIS C 264 2.60 -18.87 -3.31
C HIS C 264 2.33 -17.94 -4.51
N ASN C 265 1.07 -17.49 -4.65
CA ASN C 265 0.64 -16.57 -5.71
C ASN C 265 0.12 -15.26 -5.11
N ASN C 266 0.30 -14.14 -5.84
CA ASN C 266 -0.14 -12.82 -5.38
C ASN C 266 -1.64 -12.62 -5.63
N LEU C 267 -2.48 -13.32 -4.84
CA LEU C 267 -3.94 -13.25 -4.93
C LEU C 267 -4.56 -12.56 -3.72
N THR C 268 -5.34 -11.50 -3.96
CA THR C 268 -6.02 -10.71 -2.94
C THR C 268 -7.38 -11.29 -2.55
N LEU C 269 -8.14 -11.77 -3.55
CA LEU C 269 -9.48 -12.36 -3.39
C LEU C 269 -9.79 -13.43 -4.44
N LEU C 270 -10.85 -14.20 -4.20
CA LEU C 270 -11.33 -15.27 -5.08
C LEU C 270 -12.84 -15.07 -5.36
N PRO C 271 -13.33 -15.27 -6.62
CA PRO C 271 -14.77 -15.05 -6.90
C PRO C 271 -15.73 -15.93 -6.09
N HIS C 272 -16.93 -15.40 -5.81
CA HIS C 272 -17.98 -16.08 -5.06
C HIS C 272 -18.47 -17.35 -5.77
N ASP C 273 -18.32 -18.50 -5.08
CA ASP C 273 -18.70 -19.83 -5.55
C ASP C 273 -18.07 -20.21 -6.91
N LEU C 274 -16.73 -20.21 -6.94
CA LEU C 274 -15.92 -20.55 -8.12
C LEU C 274 -15.83 -22.07 -8.28
N PHE C 275 -15.69 -22.81 -7.16
CA PHE C 275 -15.55 -24.26 -7.14
C PHE C 275 -16.88 -25.04 -7.04
N THR C 276 -18.01 -24.37 -7.36
CA THR C 276 -19.35 -24.96 -7.37
C THR C 276 -19.54 -25.95 -8.55
N PRO C 277 -19.19 -25.62 -9.83
CA PRO C 277 -19.35 -26.61 -10.91
C PRO C 277 -18.38 -27.79 -10.81
N LEU C 278 -17.25 -27.60 -10.08
CA LEU C 278 -16.23 -28.62 -9.84
C LEU C 278 -16.71 -29.52 -8.69
N HIS C 279 -17.64 -30.46 -9.03
CA HIS C 279 -18.29 -31.37 -8.10
C HIS C 279 -17.40 -32.42 -7.44
N HIS C 280 -16.28 -32.80 -8.10
CA HIS C 280 -15.35 -33.81 -7.57
C HIS C 280 -14.17 -33.25 -6.77
N LEU C 281 -14.12 -31.92 -6.59
CA LEU C 281 -13.06 -31.23 -5.85
C LEU C 281 -13.17 -31.48 -4.34
N GLU C 282 -12.06 -31.91 -3.72
CA GLU C 282 -11.99 -32.23 -2.30
C GLU C 282 -10.81 -31.59 -1.55
N ARG C 283 -9.73 -31.23 -2.26
CA ARG C 283 -8.54 -30.61 -1.66
C ARG C 283 -8.11 -29.36 -2.42
N ILE C 284 -7.99 -28.22 -1.70
CA ILE C 284 -7.56 -26.93 -2.25
C ILE C 284 -6.42 -26.36 -1.40
N HIS C 285 -5.35 -25.88 -2.06
CA HIS C 285 -4.18 -25.28 -1.39
C HIS C 285 -4.14 -23.79 -1.76
N LEU C 286 -4.39 -22.91 -0.75
CA LEU C 286 -4.46 -21.46 -0.94
C LEU C 286 -3.50 -20.66 -0.04
N HIS C 287 -2.59 -21.33 0.68
CA HIS C 287 -1.61 -20.68 1.58
C HIS C 287 -0.56 -19.82 0.84
N HIS C 288 0.13 -18.94 1.60
CA HIS C 288 1.16 -18.01 1.11
C HIS C 288 0.66 -16.99 0.07
N ASN C 289 -0.64 -16.67 0.12
CA ASN C 289 -1.31 -15.71 -0.75
C ASN C 289 -1.78 -14.52 0.09
N PRO C 290 -1.61 -13.26 -0.39
CA PRO C 290 -2.05 -12.11 0.42
C PRO C 290 -3.56 -11.89 0.40
N TRP C 291 -4.29 -12.74 1.16
CA TRP C 291 -5.75 -12.71 1.23
C TRP C 291 -6.31 -11.53 2.02
N ASN C 292 -7.43 -10.98 1.55
CA ASN C 292 -8.15 -9.88 2.20
C ASN C 292 -9.40 -10.47 2.84
N CYS C 293 -9.42 -10.54 4.18
CA CYS C 293 -10.53 -11.11 4.92
C CYS C 293 -11.66 -10.13 5.23
N ASN C 294 -12.83 -10.40 4.63
CA ASN C 294 -14.05 -9.60 4.79
C ASN C 294 -15.31 -10.47 4.72
N CYS C 295 -16.43 -9.91 4.23
CA CYS C 295 -17.72 -10.58 4.09
C CYS C 295 -17.72 -11.58 2.92
N ASP C 296 -17.13 -11.18 1.78
CA ASP C 296 -17.08 -11.96 0.53
C ASP C 296 -16.35 -13.30 0.61
N ILE C 297 -15.28 -13.39 1.42
CA ILE C 297 -14.49 -14.63 1.56
C ILE C 297 -15.07 -15.69 2.51
N LEU C 298 -16.26 -15.43 3.08
CA LEU C 298 -16.93 -16.36 4.01
C LEU C 298 -17.35 -17.70 3.41
N TRP C 299 -17.59 -17.76 2.08
CA TRP C 299 -17.95 -19.00 1.39
C TRP C 299 -16.74 -19.96 1.37
N LEU C 300 -15.52 -19.39 1.30
CA LEU C 300 -14.25 -20.12 1.33
C LEU C 300 -13.99 -20.60 2.76
N SER C 301 -14.39 -19.78 3.76
CA SER C 301 -14.26 -20.06 5.20
C SER C 301 -15.22 -21.19 5.60
N TRP C 302 -16.45 -21.19 5.05
CA TRP C 302 -17.48 -22.20 5.29
C TRP C 302 -17.08 -23.57 4.71
N TRP C 303 -16.28 -23.57 3.63
CA TRP C 303 -15.78 -24.77 2.96
C TRP C 303 -14.82 -25.53 3.88
N ILE C 304 -13.99 -24.79 4.66
CA ILE C 304 -13.03 -25.37 5.61
C ILE C 304 -13.76 -25.94 6.83
N LYS C 305 -14.87 -25.28 7.25
CA LYS C 305 -15.67 -25.69 8.41
C LYS C 305 -16.49 -26.97 8.19
N ASP C 306 -17.29 -27.05 7.10
CA ASP C 306 -18.15 -28.21 6.82
C ASP C 306 -17.67 -29.17 5.72
N MET C 307 -17.34 -28.64 4.52
CA MET C 307 -16.89 -29.46 3.37
C MET C 307 -15.57 -30.18 3.63
N ALA C 308 -14.62 -29.52 4.31
CA ALA C 308 -13.33 -30.11 4.66
C ALA C 308 -13.50 -30.95 5.94
N PRO C 309 -12.95 -32.19 5.99
CA PRO C 309 -13.14 -33.02 7.20
C PRO C 309 -12.19 -32.67 8.35
N SER C 310 -11.80 -33.69 9.17
CA SER C 310 -10.88 -33.55 10.29
C SER C 310 -9.51 -33.04 9.83
N ASN C 311 -9.03 -33.53 8.66
CA ASN C 311 -7.79 -33.11 8.05
C ASN C 311 -8.01 -31.83 7.23
N THR C 312 -7.37 -30.73 7.65
CA THR C 312 -7.50 -29.43 6.99
C THR C 312 -6.65 -29.42 5.72
N ALA C 313 -7.31 -29.24 4.57
CA ALA C 313 -6.69 -29.23 3.23
C ALA C 313 -5.63 -28.13 3.05
N CYS C 314 -5.80 -26.98 3.74
CA CYS C 314 -4.88 -25.85 3.64
C CYS C 314 -4.60 -25.19 5.01
N CYS C 315 -3.50 -24.41 5.07
CA CYS C 315 -3.07 -23.65 6.26
C CYS C 315 -3.01 -22.14 5.91
N ALA C 316 -4.04 -21.67 5.16
CA ALA C 316 -4.18 -20.28 4.69
C ALA C 316 -4.41 -19.31 5.84
N ARG C 317 -3.80 -18.11 5.75
CA ARG C 317 -3.88 -17.06 6.76
C ARG C 317 -4.12 -15.67 6.13
N CYS C 318 -4.71 -14.75 6.92
CA CYS C 318 -5.01 -13.37 6.50
C CYS C 318 -3.76 -12.52 6.37
N ASN C 319 -3.83 -11.45 5.56
CA ASN C 319 -2.75 -10.50 5.35
C ASN C 319 -3.29 -9.08 5.60
N THR C 320 -4.52 -8.81 5.11
CA THR C 320 -5.22 -7.53 5.27
C THR C 320 -6.64 -7.82 5.80
N PRO C 321 -7.17 -7.09 6.82
CA PRO C 321 -6.56 -5.96 7.56
C PRO C 321 -5.41 -6.37 8.50
N PRO C 322 -4.53 -5.42 8.95
CA PRO C 322 -3.42 -5.82 9.82
C PRO C 322 -3.79 -6.41 11.18
N ASN C 323 -5.00 -6.10 11.69
CA ASN C 323 -5.52 -6.62 12.97
C ASN C 323 -5.84 -8.12 12.91
N LEU C 324 -6.16 -8.63 11.71
CA LEU C 324 -6.50 -10.05 11.47
C LEU C 324 -5.35 -10.84 10.81
N LYS C 325 -4.25 -10.14 10.42
CA LYS C 325 -3.07 -10.70 9.75
C LYS C 325 -2.44 -11.87 10.52
N GLY C 326 -2.22 -12.98 9.81
CA GLY C 326 -1.61 -14.19 10.33
C GLY C 326 -2.55 -15.19 10.97
N ARG C 327 -3.84 -14.86 11.11
CA ARG C 327 -4.85 -15.74 11.70
C ARG C 327 -5.41 -16.73 10.69
N TYR C 328 -5.69 -17.97 11.13
CA TYR C 328 -6.22 -19.04 10.29
C TYR C 328 -7.67 -18.75 9.86
N ILE C 329 -8.01 -19.10 8.60
CA ILE C 329 -9.34 -18.90 8.02
C ILE C 329 -10.36 -19.82 8.71
N GLY C 330 -11.23 -19.23 9.52
CA GLY C 330 -12.25 -19.94 10.27
C GLY C 330 -11.94 -20.01 11.75
N ASN C 335 -17.30 -15.10 10.60
CA ASN C 335 -18.65 -15.21 11.14
C ASN C 335 -18.95 -14.13 12.18
N TYR C 336 -17.91 -13.73 12.96
CA TYR C 336 -18.00 -12.72 14.01
C TYR C 336 -18.35 -11.33 13.47
N PHE C 337 -17.82 -10.97 12.29
CA PHE C 337 -18.06 -9.67 11.63
C PHE C 337 -19.47 -9.54 11.07
N THR C 338 -20.05 -8.33 11.15
CA THR C 338 -21.40 -8.03 10.65
C THR C 338 -21.39 -7.93 9.13
N CYS C 339 -22.31 -8.67 8.47
CA CYS C 339 -22.42 -8.73 7.01
C CYS C 339 -23.78 -8.28 6.48
N TYR C 340 -23.81 -7.80 5.22
CA TYR C 340 -25.03 -7.35 4.55
C TYR C 340 -25.43 -8.27 3.40
N ALA C 341 -26.75 -8.45 3.22
CA ALA C 341 -27.36 -9.27 2.17
C ALA C 341 -27.16 -8.61 0.77
N PRO C 342 -27.18 -9.38 -0.35
CA PRO C 342 -26.98 -8.74 -1.67
C PRO C 342 -28.12 -7.80 -2.06
N VAL C 343 -27.78 -6.60 -2.55
CA VAL C 343 -28.75 -5.57 -2.93
C VAL C 343 -28.80 -5.42 -4.46
N ILE C 344 -30.00 -5.56 -5.05
CA ILE C 344 -30.24 -5.42 -6.48
C ILE C 344 -30.44 -3.93 -6.79
N VAL C 345 -29.56 -3.36 -7.64
CA VAL C 345 -29.59 -1.96 -8.06
C VAL C 345 -30.76 -1.70 -9.01
N GLU C 346 -30.86 -2.49 -10.10
CA GLU C 346 -31.93 -2.36 -11.09
C GLU C 346 -32.72 -3.67 -11.29
N PRO C 347 -33.83 -3.88 -10.54
CA PRO C 347 -34.61 -5.13 -10.67
C PRO C 347 -35.37 -5.24 -11.99
N PRO C 348 -35.55 -6.47 -12.55
CA PRO C 348 -36.29 -6.58 -13.82
C PRO C 348 -37.78 -6.26 -13.69
N ALA C 349 -38.30 -5.47 -14.65
CA ALA C 349 -39.70 -5.03 -14.69
C ALA C 349 -40.50 -5.86 -15.69
N ASP C 350 -41.84 -5.90 -15.52
CA ASP C 350 -42.76 -6.63 -16.38
C ASP C 350 -42.77 -6.01 -17.79
N LEU C 351 -42.52 -6.86 -18.81
CA LEU C 351 -42.47 -6.43 -20.21
C LEU C 351 -43.19 -7.39 -21.16
N ASN C 352 -43.87 -6.83 -22.18
CA ASN C 352 -44.61 -7.59 -23.19
C ASN C 352 -44.28 -7.13 -24.61
N VAL C 353 -43.64 -8.01 -25.40
CA VAL C 353 -43.21 -7.76 -26.79
C VAL C 353 -43.60 -8.89 -27.75
N THR C 354 -43.67 -8.57 -29.07
CA THR C 354 -44.02 -9.50 -30.15
C THR C 354 -42.89 -10.51 -30.45
N GLU C 355 -43.21 -11.58 -31.21
CA GLU C 355 -42.27 -12.65 -31.61
C GLU C 355 -41.15 -12.15 -32.51
N GLY C 356 -39.93 -12.62 -32.23
CA GLY C 356 -38.73 -12.27 -32.98
C GLY C 356 -37.94 -11.09 -32.44
N MET C 357 -38.62 -10.22 -31.66
CA MET C 357 -38.05 -9.02 -31.05
C MET C 357 -36.99 -9.36 -30.00
N ALA C 358 -35.90 -8.58 -29.96
CA ALA C 358 -34.81 -8.77 -29.00
C ALA C 358 -35.22 -8.26 -27.62
N ALA C 359 -35.46 -9.21 -26.69
CA ALA C 359 -35.89 -8.91 -25.32
C ALA C 359 -34.71 -8.83 -24.35
N GLU C 360 -34.75 -7.87 -23.42
CA GLU C 360 -33.71 -7.65 -22.42
C GLU C 360 -34.27 -7.50 -21.01
N LEU C 361 -33.89 -8.41 -20.10
CA LEU C 361 -34.30 -8.38 -18.69
C LEU C 361 -33.10 -7.98 -17.84
N LYS C 362 -33.04 -6.69 -17.46
CA LYS C 362 -31.93 -6.12 -16.69
C LYS C 362 -31.94 -6.43 -15.22
N CYS C 363 -30.79 -6.84 -14.68
CA CYS C 363 -30.57 -7.14 -13.26
C CYS C 363 -29.11 -6.96 -12.85
N ARG C 364 -28.83 -5.86 -12.12
CA ARG C 364 -27.48 -5.53 -11.64
C ARG C 364 -27.44 -5.50 -10.11
N ALA C 365 -26.40 -6.11 -9.54
CA ALA C 365 -26.17 -6.19 -8.10
C ALA C 365 -25.30 -5.02 -7.63
N SER C 366 -25.21 -4.82 -6.29
CA SER C 366 -24.42 -3.76 -5.65
C SER C 366 -22.92 -3.92 -5.94
N THR C 367 -22.42 -5.17 -5.94
CA THR C 367 -21.02 -5.51 -6.21
C THR C 367 -20.87 -6.54 -7.35
N SER C 368 -19.73 -6.49 -8.06
CA SER C 368 -19.41 -7.39 -9.18
C SER C 368 -19.05 -8.81 -8.71
N LEU C 369 -18.63 -8.95 -7.43
CA LEU C 369 -18.23 -10.22 -6.81
C LEU C 369 -19.36 -11.25 -6.72
N THR C 370 -20.59 -10.80 -6.43
CA THR C 370 -21.78 -11.66 -6.29
C THR C 370 -22.17 -12.30 -7.62
N SER C 371 -22.51 -13.60 -7.59
CA SER C 371 -22.92 -14.35 -8.77
C SER C 371 -24.43 -14.21 -9.02
N VAL C 372 -24.82 -14.08 -10.30
CA VAL C 372 -26.20 -13.92 -10.74
C VAL C 372 -26.72 -15.21 -11.40
N SER C 373 -27.91 -15.67 -10.98
CA SER C 373 -28.57 -16.87 -11.51
C SER C 373 -30.04 -16.59 -11.83
N TRP C 374 -30.49 -16.99 -13.03
CA TRP C 374 -31.86 -16.80 -13.51
C TRP C 374 -32.65 -18.11 -13.48
N ILE C 375 -33.89 -18.07 -12.99
CA ILE C 375 -34.78 -19.24 -12.91
C ILE C 375 -35.97 -19.05 -13.87
N THR C 376 -36.07 -19.94 -14.87
CA THR C 376 -37.13 -19.95 -15.89
C THR C 376 -38.45 -20.52 -15.34
N PRO C 377 -39.64 -20.18 -15.93
CA PRO C 377 -40.90 -20.76 -15.41
C PRO C 377 -41.02 -22.27 -15.54
N ASN C 378 -40.18 -22.89 -16.42
CA ASN C 378 -40.13 -24.34 -16.66
C ASN C 378 -39.58 -25.07 -15.42
N GLY C 379 -38.67 -24.42 -14.71
CA GLY C 379 -38.02 -24.94 -13.51
C GLY C 379 -36.56 -25.28 -13.71
N THR C 380 -35.86 -24.49 -14.55
CA THR C 380 -34.45 -24.67 -14.87
C THR C 380 -33.62 -23.42 -14.54
N VAL C 381 -32.51 -23.60 -13.81
CA VAL C 381 -31.60 -22.53 -13.38
C VAL C 381 -30.53 -22.29 -14.46
N MET C 382 -30.38 -21.02 -14.88
CA MET C 382 -29.41 -20.60 -15.90
C MET C 382 -28.26 -19.81 -15.26
N THR C 383 -27.02 -20.11 -15.69
CA THR C 383 -25.80 -19.46 -15.19
C THR C 383 -24.98 -18.76 -16.30
N HIS C 384 -24.09 -17.83 -15.89
CA HIS C 384 -23.22 -17.07 -16.80
C HIS C 384 -22.14 -17.95 -17.44
N GLY C 385 -21.62 -18.92 -16.67
CA GLY C 385 -20.58 -19.85 -17.11
C GLY C 385 -20.96 -20.77 -18.25
N ALA C 386 -22.26 -21.04 -18.41
CA ALA C 386 -22.82 -21.92 -19.46
C ALA C 386 -22.67 -21.32 -20.87
N TYR C 387 -22.74 -22.19 -21.89
CA TYR C 387 -22.63 -21.80 -23.31
C TYR C 387 -23.83 -21.00 -23.79
N LYS C 388 -23.56 -19.86 -24.45
CA LYS C 388 -24.56 -18.94 -24.96
C LYS C 388 -25.30 -19.46 -26.20
N VAL C 389 -26.62 -19.69 -26.06
CA VAL C 389 -27.54 -20.17 -27.10
C VAL C 389 -28.98 -19.73 -26.78
N ARG C 390 -29.60 -18.92 -27.69
CA ARG C 390 -30.95 -18.35 -27.59
C ARG C 390 -31.15 -17.46 -26.36
N ILE C 391 -31.18 -18.07 -25.16
CA ILE C 391 -31.31 -17.39 -23.87
C ILE C 391 -30.01 -17.60 -23.09
N ALA C 392 -29.33 -16.50 -22.72
CA ALA C 392 -28.06 -16.56 -21.99
C ALA C 392 -27.87 -15.43 -21.00
N VAL C 393 -27.19 -15.72 -19.87
CA VAL C 393 -26.89 -14.76 -18.81
C VAL C 393 -25.52 -14.13 -19.12
N LEU C 394 -25.49 -12.78 -19.26
CA LEU C 394 -24.27 -12.03 -19.56
C LEU C 394 -23.54 -11.60 -18.26
N SER C 395 -22.27 -11.16 -18.38
CA SER C 395 -21.38 -10.73 -17.30
C SER C 395 -21.99 -9.72 -16.31
N ASP C 396 -22.87 -8.82 -16.80
CA ASP C 396 -23.57 -7.81 -16.01
C ASP C 396 -24.61 -8.43 -15.07
N GLY C 397 -25.19 -9.54 -15.51
CA GLY C 397 -26.24 -10.27 -14.80
C GLY C 397 -27.57 -10.10 -15.48
N THR C 398 -27.55 -9.66 -16.75
CA THR C 398 -28.71 -9.39 -17.59
C THR C 398 -29.04 -10.60 -18.46
N LEU C 399 -30.34 -10.89 -18.63
CA LEU C 399 -30.84 -12.00 -19.45
C LEU C 399 -31.20 -11.48 -20.84
N ASN C 400 -30.39 -11.85 -21.85
CA ASN C 400 -30.57 -11.42 -23.24
C ASN C 400 -31.26 -12.48 -24.11
N PHE C 401 -32.12 -12.02 -25.04
CA PHE C 401 -32.86 -12.85 -25.98
C PHE C 401 -32.58 -12.41 -27.42
N THR C 402 -32.28 -13.37 -28.30
CA THR C 402 -32.02 -13.12 -29.72
C THR C 402 -33.33 -13.22 -30.51
N ASN C 403 -34.11 -14.28 -30.25
CA ASN C 403 -35.41 -14.56 -30.87
C ASN C 403 -36.34 -15.17 -29.83
N VAL C 404 -37.53 -14.56 -29.64
CA VAL C 404 -38.53 -15.01 -28.67
C VAL C 404 -39.60 -15.93 -29.27
N THR C 405 -39.99 -16.98 -28.51
CA THR C 405 -40.99 -17.98 -28.91
C THR C 405 -42.19 -18.02 -27.95
N VAL C 406 -43.23 -18.80 -28.31
CA VAL C 406 -44.48 -18.99 -27.55
C VAL C 406 -44.21 -19.65 -26.18
N GLN C 407 -43.32 -20.67 -26.15
CA GLN C 407 -42.94 -21.42 -24.96
C GLN C 407 -42.21 -20.59 -23.88
N ASP C 408 -41.66 -19.41 -24.27
CA ASP C 408 -40.94 -18.50 -23.38
C ASP C 408 -41.84 -17.73 -22.40
N THR C 409 -43.18 -17.80 -22.58
CA THR C 409 -44.17 -17.13 -21.72
C THR C 409 -44.22 -17.74 -20.31
N GLY C 410 -44.27 -16.89 -19.30
CA GLY C 410 -44.32 -17.29 -17.90
C GLY C 410 -43.72 -16.31 -16.93
N MET C 411 -43.46 -16.77 -15.69
CA MET C 411 -42.88 -15.98 -14.61
C MET C 411 -41.37 -16.14 -14.54
N TYR C 412 -40.64 -15.01 -14.53
CA TYR C 412 -39.17 -14.98 -14.47
C TYR C 412 -38.68 -14.40 -13.16
N THR C 413 -37.85 -15.18 -12.44
CA THR C 413 -37.27 -14.78 -11.15
C THR C 413 -35.74 -14.81 -11.20
N CYS C 414 -35.11 -13.71 -10.76
CA CYS C 414 -33.66 -13.59 -10.73
C CYS C 414 -33.14 -13.72 -9.30
N MET C 415 -32.23 -14.67 -9.07
CA MET C 415 -31.65 -14.95 -7.76
C MET C 415 -30.18 -14.55 -7.68
N VAL C 416 -29.89 -13.47 -6.93
CA VAL C 416 -28.54 -12.95 -6.71
C VAL C 416 -27.97 -13.59 -5.44
N SER C 417 -27.00 -14.50 -5.61
CA SER C 417 -26.38 -15.24 -4.51
C SER C 417 -25.14 -14.56 -3.96
N ASN C 418 -24.99 -14.64 -2.62
CA ASN C 418 -23.87 -14.09 -1.86
C ASN C 418 -23.39 -15.13 -0.84
N SER C 419 -22.16 -14.96 -0.31
CA SER C 419 -21.54 -15.85 0.67
C SER C 419 -22.30 -15.94 2.01
N VAL C 420 -23.22 -14.97 2.28
CA VAL C 420 -24.00 -14.91 3.51
C VAL C 420 -25.49 -15.25 3.27
N GLY C 421 -26.15 -14.52 2.38
CA GLY C 421 -27.56 -14.71 2.07
C GLY C 421 -27.95 -14.67 0.60
N ASN C 422 -29.27 -14.74 0.34
CA ASN C 422 -29.86 -14.73 -1.01
C ASN C 422 -31.09 -13.83 -1.09
N THR C 423 -31.21 -13.06 -2.19
CA THR C 423 -32.34 -12.15 -2.47
C THR C 423 -32.92 -12.41 -3.86
N THR C 424 -34.25 -12.30 -4.00
CA THR C 424 -34.96 -12.53 -5.26
C THR C 424 -35.68 -11.31 -5.82
N ALA C 425 -35.84 -11.27 -7.15
CA ALA C 425 -36.52 -10.20 -7.90
C ALA C 425 -37.39 -10.84 -9.00
N SER C 426 -38.71 -10.61 -8.93
CA SER C 426 -39.69 -11.18 -9.87
C SER C 426 -40.10 -10.23 -10.99
N ALA C 427 -40.38 -10.80 -12.19
CA ALA C 427 -40.81 -10.09 -13.39
C ALA C 427 -41.61 -11.03 -14.32
N THR C 428 -42.70 -10.52 -14.91
CA THR C 428 -43.56 -11.29 -15.81
C THR C 428 -43.29 -10.93 -17.28
N LEU C 429 -43.09 -11.96 -18.12
CA LEU C 429 -42.82 -11.78 -19.55
C LEU C 429 -43.93 -12.40 -20.41
N ASN C 430 -44.42 -11.63 -21.40
CA ASN C 430 -45.47 -12.05 -22.33
C ASN C 430 -45.00 -11.93 -23.77
N VAL C 431 -45.11 -13.03 -24.54
CA VAL C 431 -44.71 -13.09 -25.95
C VAL C 431 -45.95 -13.15 -26.84
N THR C 432 -46.05 -12.19 -27.79
CA THR C 432 -47.18 -12.09 -28.72
C THR C 432 -46.69 -12.18 -30.17
N TYR D 30 45.86 -7.55 11.79
CA TYR D 30 45.94 -8.27 13.05
C TYR D 30 46.63 -9.63 12.86
N ASP D 31 47.96 -9.59 12.66
CA ASP D 31 48.77 -10.78 12.43
C ASP D 31 50.01 -10.87 13.34
N LEU D 32 50.58 -9.72 13.72
CA LEU D 32 51.75 -9.67 14.60
C LEU D 32 51.39 -9.49 16.06
N CYS D 33 52.02 -10.29 16.94
CA CYS D 33 51.78 -10.29 18.39
C CYS D 33 52.77 -9.36 19.10
N LYS D 34 54.07 -9.70 19.01
CA LYS D 34 55.17 -8.96 19.61
C LYS D 34 56.08 -8.39 18.53
N THR D 35 56.29 -7.07 18.55
CA THR D 35 57.13 -6.35 17.59
C THR D 35 58.18 -5.51 18.32
N GLN D 36 59.45 -5.62 17.91
CA GLN D 36 60.56 -4.87 18.50
C GLN D 36 60.48 -3.39 18.13
N ILE D 37 60.24 -2.52 19.14
CA ILE D 37 60.15 -1.08 18.95
C ILE D 37 61.27 -0.33 19.67
N TYR D 38 61.91 0.62 18.98
CA TYR D 38 63.00 1.42 19.54
C TYR D 38 62.41 2.54 20.39
N THR D 39 62.58 2.42 21.73
CA THR D 39 62.07 3.36 22.72
C THR D 39 63.18 4.27 23.27
N GLU D 40 62.84 5.13 24.27
CA GLU D 40 63.78 6.04 24.93
C GLU D 40 64.74 5.25 25.83
N GLU D 41 64.30 4.07 26.33
CA GLU D 41 65.08 3.17 27.18
C GLU D 41 65.42 1.88 26.41
N GLY D 42 66.27 2.03 25.39
CA GLY D 42 66.72 0.93 24.55
C GLY D 42 65.68 0.47 23.55
N LYS D 43 65.46 -0.86 23.47
CA LYS D 43 64.48 -1.48 22.57
C LYS D 43 63.70 -2.59 23.27
N VAL D 44 62.42 -2.32 23.57
CA VAL D 44 61.50 -3.25 24.25
C VAL D 44 60.36 -3.61 23.29
N TRP D 45 59.80 -4.84 23.42
CA TRP D 45 58.70 -5.34 22.60
C TRP D 45 57.38 -4.62 22.88
N ASP D 46 56.55 -4.43 21.84
CA ASP D 46 55.23 -3.80 21.93
C ASP D 46 54.16 -4.83 21.58
N TYR D 47 53.15 -4.97 22.45
CA TYR D 47 52.07 -5.95 22.26
C TYR D 47 50.78 -5.32 21.75
N MET D 48 50.17 -5.95 20.72
CA MET D 48 48.91 -5.52 20.11
C MET D 48 47.94 -6.70 19.89
N ALA D 49 46.68 -6.40 19.49
CA ALA D 49 45.61 -7.38 19.26
C ALA D 49 45.96 -8.43 18.19
N CYS D 50 45.53 -9.69 18.43
CA CYS D 50 45.81 -10.84 17.55
C CYS D 50 44.54 -11.52 17.07
N GLN D 51 44.58 -12.09 15.85
CA GLN D 51 43.46 -12.82 15.23
C GLN D 51 43.96 -13.84 14.19
N PRO D 52 43.49 -15.11 14.24
CA PRO D 52 43.95 -16.11 13.25
C PRO D 52 43.47 -15.90 11.81
N GLU D 53 43.97 -16.74 10.88
CA GLU D 53 43.71 -16.70 9.43
C GLU D 53 42.25 -16.80 8.93
N SER D 54 41.30 -17.23 9.80
CA SER D 54 39.86 -17.41 9.51
C SER D 54 39.59 -18.38 8.34
N THR D 55 40.23 -19.55 8.38
CA THR D 55 40.12 -20.60 7.37
C THR D 55 38.80 -21.40 7.45
N ASP D 56 38.56 -22.31 6.48
CA ASP D 56 37.39 -23.19 6.42
C ASP D 56 37.44 -24.14 7.60
N MET D 57 36.59 -23.89 8.60
CA MET D 57 36.53 -24.65 9.85
C MET D 57 36.13 -26.12 9.74
N THR D 58 35.23 -26.46 8.79
CA THR D 58 34.71 -27.83 8.55
C THR D 58 35.74 -28.98 8.63
N LYS D 59 37.02 -28.69 8.37
CA LYS D 59 38.14 -29.63 8.41
C LYS D 59 38.43 -30.17 9.82
N TYR D 60 38.08 -29.40 10.87
CA TYR D 60 38.36 -29.73 12.27
C TYR D 60 37.17 -30.21 13.12
N LEU D 61 35.96 -30.33 12.52
CA LEU D 61 34.79 -30.79 13.26
C LEU D 61 34.68 -32.32 13.35
N LYS D 62 33.84 -32.80 14.28
CA LYS D 62 33.53 -34.23 14.45
C LYS D 62 32.01 -34.43 14.42
N VAL D 63 31.52 -35.01 13.31
CA VAL D 63 30.10 -35.24 13.04
C VAL D 63 29.50 -36.41 13.86
N LYS D 64 28.30 -36.18 14.43
CA LYS D 64 27.54 -37.15 15.22
C LYS D 64 26.09 -37.17 14.77
N LEU D 65 25.55 -38.37 14.47
CA LEU D 65 24.18 -38.56 13.99
C LEU D 65 23.28 -39.21 15.03
N ASP D 66 22.03 -38.70 15.14
CA ASP D 66 21.00 -39.21 16.04
C ASP D 66 19.69 -39.42 15.26
N PRO D 67 19.28 -40.68 14.96
CA PRO D 67 19.92 -41.97 15.33
C PRO D 67 21.16 -42.29 14.46
N PRO D 68 22.11 -43.14 14.92
CA PRO D 68 23.29 -43.42 14.09
C PRO D 68 23.02 -44.31 12.87
N ASP D 69 21.91 -45.08 12.90
CA ASP D 69 21.51 -45.99 11.83
C ASP D 69 20.69 -45.29 10.72
N ILE D 70 20.52 -43.94 10.81
CA ILE D 70 19.75 -43.14 9.85
C ILE D 70 20.31 -43.15 8.43
N THR D 71 21.65 -43.33 8.28
CA THR D 71 22.32 -43.37 6.98
C THR D 71 21.90 -44.62 6.20
N CYS D 72 21.29 -44.40 5.02
CA CYS D 72 20.80 -45.42 4.11
C CYS D 72 21.92 -46.29 3.56
N GLY D 73 21.66 -47.60 3.48
CA GLY D 73 22.62 -48.58 2.98
C GLY D 73 22.23 -50.00 3.34
N ASP D 74 22.06 -50.28 4.64
CA ASP D 74 21.67 -51.61 5.13
C ASP D 74 20.32 -51.59 5.87
N PRO D 75 19.22 -52.12 5.25
CA PRO D 75 19.14 -52.73 3.92
C PRO D 75 18.98 -51.71 2.78
N PRO D 76 19.41 -52.02 1.53
CA PRO D 76 19.28 -51.03 0.44
C PRO D 76 17.87 -50.52 0.17
N GLU D 77 17.75 -49.20 -0.10
CA GLU D 77 16.48 -48.50 -0.34
C GLU D 77 16.47 -47.75 -1.67
N THR D 78 15.27 -47.54 -2.26
CA THR D 78 15.06 -46.82 -3.51
C THR D 78 14.58 -45.39 -3.25
N PHE D 79 15.06 -44.42 -4.05
CA PHE D 79 14.73 -43.00 -3.89
C PHE D 79 13.86 -42.44 -5.01
N CYS D 80 13.20 -41.30 -4.71
CA CYS D 80 12.41 -40.52 -5.65
C CYS D 80 13.03 -39.13 -5.69
N ALA D 81 13.68 -38.78 -6.82
CA ALA D 81 14.36 -37.50 -7.02
C ALA D 81 13.44 -36.28 -6.99
N MET D 82 14.03 -35.09 -6.77
CA MET D 82 13.39 -33.77 -6.68
C MET D 82 12.42 -33.44 -7.83
N GLY D 83 12.80 -33.79 -9.06
CA GLY D 83 12.04 -33.54 -10.29
C GLY D 83 10.58 -33.96 -10.29
N ASN D 84 10.33 -35.27 -10.45
CA ASN D 84 8.98 -35.83 -10.51
C ASN D 84 8.73 -36.86 -9.40
N PRO D 85 7.47 -37.04 -8.92
CA PRO D 85 7.22 -38.08 -7.90
C PRO D 85 7.22 -39.50 -8.49
N TYR D 86 7.30 -39.60 -9.82
CA TYR D 86 7.34 -40.84 -10.61
C TYR D 86 8.79 -41.23 -10.97
N MET D 87 9.75 -40.34 -10.68
CA MET D 87 11.18 -40.52 -10.94
C MET D 87 11.82 -41.38 -9.83
N CYS D 88 11.51 -42.69 -9.82
CA CYS D 88 12.03 -43.63 -8.83
C CYS D 88 12.81 -44.78 -9.48
N ASN D 89 14.10 -44.54 -9.74
CA ASN D 89 15.00 -45.51 -10.36
C ASN D 89 16.33 -45.63 -9.62
N ASN D 90 16.80 -44.51 -9.02
CA ASN D 90 18.05 -44.45 -8.25
C ASN D 90 17.92 -45.06 -6.86
N GLU D 91 18.93 -45.87 -6.44
CA GLU D 91 18.97 -46.53 -5.14
C GLU D 91 20.29 -46.30 -4.38
N CYS D 92 20.31 -46.66 -3.08
CA CYS D 92 21.50 -46.54 -2.22
C CYS D 92 21.92 -47.88 -1.65
N ASP D 93 23.23 -48.14 -1.67
CA ASP D 93 23.83 -49.37 -1.15
C ASP D 93 25.18 -49.03 -0.53
N ALA D 94 25.32 -49.29 0.78
CA ALA D 94 26.53 -49.01 1.57
C ALA D 94 27.78 -49.75 1.07
N SER D 95 27.60 -50.99 0.54
CA SER D 95 28.71 -51.82 0.02
C SER D 95 29.37 -51.19 -1.20
N THR D 96 28.57 -50.79 -2.21
CA THR D 96 29.07 -50.14 -3.43
C THR D 96 29.44 -48.68 -3.14
N PRO D 97 30.73 -48.28 -3.34
CA PRO D 97 31.11 -46.88 -3.03
C PRO D 97 30.50 -45.82 -3.95
N GLU D 98 30.11 -46.21 -5.17
CA GLU D 98 29.49 -45.34 -6.17
C GLU D 98 28.04 -44.99 -5.80
N LEU D 99 27.38 -45.85 -5.00
CA LEU D 99 25.99 -45.69 -4.55
C LEU D 99 25.85 -45.28 -3.08
N ALA D 100 26.90 -45.51 -2.26
CA ALA D 100 26.90 -45.17 -0.83
C ALA D 100 26.96 -43.66 -0.58
N HIS D 101 26.32 -43.21 0.52
CA HIS D 101 26.28 -41.79 0.89
C HIS D 101 26.69 -41.55 2.37
N PRO D 102 28.00 -41.70 2.72
CA PRO D 102 28.40 -41.48 4.12
C PRO D 102 28.34 -40.02 4.57
N PRO D 103 28.24 -39.72 5.90
CA PRO D 103 28.17 -38.31 6.35
C PRO D 103 29.40 -37.45 6.07
N GLU D 104 30.54 -38.06 5.70
CA GLU D 104 31.81 -37.40 5.39
C GLU D 104 31.72 -36.53 4.13
N LEU D 105 30.80 -36.88 3.19
CA LEU D 105 30.59 -36.16 1.92
C LEU D 105 30.00 -34.75 2.11
N MET D 106 29.40 -34.47 3.29
CA MET D 106 28.81 -33.17 3.64
C MET D 106 29.87 -32.09 3.84
N PHE D 107 31.14 -32.47 4.04
CA PHE D 107 32.25 -31.56 4.29
C PHE D 107 33.35 -31.67 3.21
N ASP D 108 33.13 -32.55 2.21
CA ASP D 108 34.03 -32.80 1.08
C ASP D 108 34.21 -31.55 0.21
N PHE D 109 35.43 -31.32 -0.29
CA PHE D 109 35.76 -30.17 -1.13
C PHE D 109 35.18 -30.31 -2.53
N GLU D 110 34.46 -29.27 -3.00
CA GLU D 110 33.81 -29.24 -4.31
C GLU D 110 34.09 -27.93 -5.05
N SER D 115 28.36 -33.26 -7.65
CA SER D 115 28.72 -33.02 -6.26
C SER D 115 28.34 -34.19 -5.35
N THR D 116 29.19 -34.48 -4.34
CA THR D 116 28.97 -35.57 -3.37
C THR D 116 27.97 -35.11 -2.29
N PHE D 117 27.17 -36.06 -1.76
CA PHE D 117 26.15 -35.76 -0.74
C PHE D 117 25.83 -36.93 0.18
N TRP D 118 25.42 -36.63 1.43
CA TRP D 118 24.96 -37.61 2.42
C TRP D 118 23.44 -37.74 2.28
N GLN D 119 22.88 -38.91 2.62
CA GLN D 119 21.44 -39.15 2.55
C GLN D 119 20.94 -40.01 3.71
N SER D 120 19.71 -39.74 4.17
CA SER D 120 19.06 -40.48 5.25
C SER D 120 18.07 -41.50 4.68
N ALA D 121 17.66 -42.47 5.50
CA ALA D 121 16.69 -43.50 5.13
C ALA D 121 15.30 -42.88 4.97
N THR D 122 14.55 -43.31 3.92
CA THR D 122 13.19 -42.85 3.64
C THR D 122 12.28 -43.29 4.79
N TRP D 123 11.41 -42.40 5.29
CA TRP D 123 10.56 -42.74 6.43
C TRP D 123 9.50 -43.82 6.19
N LYS D 124 9.95 -45.06 6.41
CA LYS D 124 9.14 -46.28 6.29
C LYS D 124 8.45 -46.54 7.62
N GLU D 125 8.99 -45.94 8.70
CA GLU D 125 8.48 -46.05 10.08
C GLU D 125 7.21 -45.22 10.34
N TYR D 126 6.68 -44.54 9.29
CA TYR D 126 5.46 -43.71 9.29
C TYR D 126 4.29 -44.36 10.08
N PRO D 127 3.52 -43.62 10.91
CA PRO D 127 3.54 -42.17 11.16
C PRO D 127 4.55 -41.65 12.20
N LYS D 128 5.61 -42.42 12.51
CA LYS D 128 6.66 -41.99 13.44
C LYS D 128 7.46 -40.85 12.79
N PRO D 129 7.59 -39.67 13.45
CA PRO D 129 8.28 -38.54 12.81
C PRO D 129 9.76 -38.79 12.50
N LEU D 130 10.16 -38.49 11.24
CA LEU D 130 11.53 -38.65 10.79
C LEU D 130 12.37 -37.48 11.31
N GLN D 131 12.89 -37.63 12.54
CA GLN D 131 13.70 -36.63 13.22
C GLN D 131 15.18 -37.03 13.20
N VAL D 132 16.02 -36.19 12.57
CA VAL D 132 17.46 -36.41 12.44
C VAL D 132 18.20 -35.22 13.05
N ASN D 133 19.22 -35.49 13.87
CA ASN D 133 20.05 -34.47 14.52
C ASN D 133 21.50 -34.62 14.07
N ILE D 134 22.05 -33.58 13.43
CA ILE D 134 23.43 -33.58 12.94
C ILE D 134 24.26 -32.67 13.85
N THR D 135 25.03 -33.30 14.76
CA THR D 135 25.88 -32.62 15.73
C THR D 135 27.26 -32.32 15.11
N LEU D 136 27.65 -31.04 15.11
CA LEU D 136 28.93 -30.57 14.57
C LEU D 136 29.80 -30.07 15.72
N SER D 137 30.40 -31.02 16.44
CA SER D 137 31.26 -30.77 17.60
C SER D 137 32.65 -30.32 17.20
N TRP D 138 33.21 -29.36 17.96
CA TRP D 138 34.53 -28.78 17.74
C TRP D 138 35.47 -29.02 18.91
N SER D 139 34.89 -29.09 20.14
CA SER D 139 35.57 -29.26 21.44
C SER D 139 36.52 -28.06 21.70
N LYS D 140 36.17 -26.90 21.12
CA LYS D 140 36.90 -25.62 21.19
C LYS D 140 35.96 -24.47 20.82
N THR D 141 36.09 -23.32 21.52
CA THR D 141 35.32 -22.10 21.25
C THR D 141 35.81 -21.51 19.93
N ILE D 142 34.90 -21.36 18.96
CA ILE D 142 35.20 -20.83 17.63
C ILE D 142 34.23 -19.68 17.31
N GLU D 143 34.78 -18.51 16.96
CA GLU D 143 34.02 -17.33 16.59
C GLU D 143 33.76 -17.34 15.09
N LEU D 144 32.49 -17.26 14.68
CA LEU D 144 32.09 -17.29 13.27
C LEU D 144 32.34 -15.96 12.56
N THR D 145 32.78 -16.02 11.29
CA THR D 145 33.08 -14.84 10.47
C THR D 145 32.15 -14.70 9.27
N ASP D 146 31.76 -15.83 8.66
CA ASP D 146 30.88 -15.87 7.49
C ASP D 146 29.59 -16.65 7.77
N ASN D 147 28.59 -16.54 6.86
CA ASN D 147 27.29 -17.21 6.95
C ASN D 147 27.42 -18.74 6.96
N ILE D 148 26.56 -19.42 7.76
CA ILE D 148 26.53 -20.88 7.82
C ILE D 148 25.64 -21.30 6.64
N VAL D 149 26.25 -21.93 5.63
CA VAL D 149 25.55 -22.35 4.40
C VAL D 149 25.37 -23.86 4.39
N ILE D 150 24.11 -24.32 4.26
CA ILE D 150 23.78 -25.76 4.20
C ILE D 150 23.05 -26.04 2.87
N THR D 151 23.79 -26.54 1.88
CA THR D 151 23.24 -26.89 0.56
C THR D 151 22.63 -28.28 0.62
N PHE D 152 21.40 -28.43 0.15
CA PHE D 152 20.65 -29.69 0.15
C PHE D 152 20.59 -30.33 -1.23
N GLU D 153 20.56 -31.68 -1.28
CA GLU D 153 20.43 -32.45 -2.52
C GLU D 153 18.94 -32.73 -2.74
N SER D 154 18.22 -33.01 -1.63
CA SER D 154 16.77 -33.23 -1.59
C SER D 154 16.10 -31.88 -1.32
N GLY D 155 14.78 -31.89 -1.13
CA GLY D 155 14.02 -30.69 -0.83
C GLY D 155 14.32 -30.12 0.54
N ARG D 156 14.14 -28.80 0.71
CA ARG D 156 14.37 -28.09 1.96
C ARG D 156 13.33 -28.55 3.02
N PRO D 157 13.79 -28.92 4.24
CA PRO D 157 12.85 -29.44 5.26
C PRO D 157 11.70 -28.53 5.65
N ASP D 158 10.52 -29.14 5.89
CA ASP D 158 9.29 -28.46 6.30
C ASP D 158 9.39 -27.86 7.70
N GLN D 159 10.24 -28.45 8.56
CA GLN D 159 10.53 -28.02 9.94
C GLN D 159 12.01 -28.30 10.24
N MET D 160 12.76 -27.25 10.62
CA MET D 160 14.20 -27.34 10.91
C MET D 160 14.64 -26.26 11.90
N ILE D 161 15.58 -26.61 12.81
CA ILE D 161 16.14 -25.70 13.80
C ILE D 161 17.67 -25.76 13.76
N LEU D 162 18.33 -24.60 13.77
CA LEU D 162 19.79 -24.51 13.85
C LEU D 162 20.11 -24.15 15.30
N GLU D 163 20.90 -25.01 15.98
CA GLU D 163 21.24 -24.82 17.39
C GLU D 163 22.70 -24.55 17.67
N LYS D 164 22.95 -23.68 18.65
CA LYS D 164 24.26 -23.22 19.13
C LYS D 164 24.55 -23.88 20.49
N SER D 165 25.83 -23.98 20.86
CA SER D 165 26.31 -24.47 22.15
C SER D 165 27.63 -23.79 22.49
N LEU D 166 27.76 -23.26 23.72
CA LEU D 166 28.97 -22.61 24.20
C LEU D 166 29.66 -23.35 25.34
N ASP D 167 28.97 -24.35 25.92
CA ASP D 167 29.48 -25.15 27.03
C ASP D 167 29.87 -26.58 26.62
N TYR D 168 30.47 -26.71 25.42
CA TYR D 168 30.98 -27.96 24.83
C TYR D 168 29.95 -29.10 24.69
N GLY D 169 28.70 -28.74 24.46
CA GLY D 169 27.60 -29.68 24.25
C GLY D 169 26.68 -29.92 25.44
N ARG D 170 26.94 -29.23 26.58
CA ARG D 170 26.13 -29.36 27.79
C ARG D 170 24.69 -28.84 27.60
N THR D 171 24.53 -27.57 27.15
CA THR D 171 23.22 -26.97 26.86
C THR D 171 23.18 -26.46 25.42
N TRP D 172 21.97 -26.48 24.80
CA TRP D 172 21.77 -26.06 23.42
C TRP D 172 20.81 -24.88 23.31
N GLN D 173 21.25 -23.81 22.64
CA GLN D 173 20.48 -22.58 22.44
C GLN D 173 20.12 -22.40 20.95
N PRO D 174 18.87 -21.98 20.60
CA PRO D 174 18.53 -21.83 19.18
C PRO D 174 19.19 -20.62 18.51
N TYR D 175 19.59 -20.78 17.24
CA TYR D 175 20.22 -19.75 16.42
C TYR D 175 19.18 -19.11 15.50
N GLN D 176 18.42 -19.96 14.76
CA GLN D 176 17.36 -19.57 13.83
C GLN D 176 16.46 -20.77 13.53
N TYR D 177 15.14 -20.54 13.49
CA TYR D 177 14.13 -21.57 13.19
C TYR D 177 13.73 -21.45 11.71
N TYR D 178 13.50 -22.59 11.05
CA TYR D 178 13.11 -22.66 9.64
C TYR D 178 11.88 -23.55 9.48
N ALA D 179 10.80 -23.02 8.87
CA ALA D 179 9.54 -23.75 8.68
C ALA D 179 8.72 -23.30 7.45
N THR D 180 7.72 -24.12 7.06
CA THR D 180 6.79 -23.83 5.96
C THR D 180 5.67 -22.91 6.46
N ASP D 181 5.26 -23.10 7.72
CA ASP D 181 4.23 -22.30 8.41
C ASP D 181 4.66 -22.13 9.87
N CYS D 182 5.42 -21.06 10.13
CA CYS D 182 6.00 -20.68 11.42
C CYS D 182 5.00 -20.63 12.59
N LEU D 183 3.79 -20.08 12.35
CA LEU D 183 2.73 -19.94 13.36
C LEU D 183 2.14 -21.27 13.84
N ASP D 184 2.26 -22.35 13.05
CA ASP D 184 1.75 -23.69 13.38
C ASP D 184 2.89 -24.61 13.86
N ALA D 185 4.06 -24.51 13.21
CA ALA D 185 5.23 -25.32 13.50
C ALA D 185 5.95 -24.96 14.81
N PHE D 186 6.11 -23.65 15.09
CA PHE D 186 6.81 -23.17 16.28
C PHE D 186 6.07 -22.09 17.08
N HIS D 187 4.83 -21.76 16.65
CA HIS D 187 3.96 -20.73 17.26
C HIS D 187 4.64 -19.34 17.31
N MET D 188 5.35 -19.00 16.22
CA MET D 188 6.09 -17.74 16.06
C MET D 188 5.64 -17.03 14.79
N ASP D 189 5.67 -15.67 14.81
CA ASP D 189 5.29 -14.86 13.65
C ASP D 189 6.46 -14.86 12.64
N PRO D 190 6.22 -15.30 11.37
CA PRO D 190 7.32 -15.35 10.40
C PRO D 190 7.97 -14.00 10.10
N LYS D 191 9.30 -13.92 10.33
CA LYS D 191 10.11 -12.72 10.13
C LYS D 191 11.33 -13.02 9.24
N SER D 192 12.16 -11.99 8.99
CA SER D 192 13.40 -12.08 8.20
C SER D 192 14.48 -11.20 8.82
N VAL D 193 15.75 -11.42 8.42
CA VAL D 193 16.90 -10.64 8.89
C VAL D 193 16.79 -9.19 8.37
N LYS D 194 16.12 -9.02 7.21
CA LYS D 194 15.83 -7.73 6.58
C LYS D 194 14.86 -6.93 7.47
N ASP D 195 13.97 -7.64 8.20
CA ASP D 195 12.99 -7.07 9.13
C ASP D 195 13.61 -6.73 10.50
N LEU D 196 14.80 -7.27 10.80
CA LEU D 196 15.51 -7.00 12.06
C LEU D 196 16.23 -5.64 12.02
N SER D 197 16.68 -5.15 13.19
CA SER D 197 17.36 -3.86 13.34
C SER D 197 18.71 -3.98 14.08
N GLN D 198 19.47 -2.86 14.14
CA GLN D 198 20.77 -2.72 14.81
C GLN D 198 20.64 -3.04 16.31
N HIS D 199 19.51 -2.66 16.94
CA HIS D 199 19.23 -2.91 18.35
C HIS D 199 18.74 -4.34 18.60
N THR D 200 18.20 -5.00 17.56
CA THR D 200 17.68 -6.36 17.65
C THR D 200 18.49 -7.37 16.82
N VAL D 201 19.83 -7.32 16.94
CA VAL D 201 20.74 -8.23 16.23
C VAL D 201 20.73 -9.62 16.88
N LEU D 202 20.76 -9.68 18.21
CA LEU D 202 20.76 -10.91 19.00
C LEU D 202 19.44 -11.71 18.97
N GLU D 203 18.37 -11.12 18.40
CA GLU D 203 17.03 -11.73 18.30
C GLU D 203 17.02 -12.97 17.39
N ILE D 204 16.34 -14.03 17.85
CA ILE D 204 16.17 -15.30 17.14
C ILE D 204 14.80 -15.28 16.45
N ILE D 205 14.80 -15.39 15.10
CA ILE D 205 13.59 -15.34 14.28
C ILE D 205 13.27 -16.64 13.53
N CYS D 206 11.98 -16.84 13.21
CA CYS D 206 11.46 -17.99 12.46
C CYS D 206 11.22 -17.51 11.02
N THR D 207 11.88 -18.17 10.03
CA THR D 207 11.78 -17.76 8.63
C THR D 207 11.11 -18.76 7.67
N GLU D 208 10.29 -18.22 6.75
CA GLU D 208 9.57 -18.96 5.71
C GLU D 208 10.23 -18.77 4.33
N GLU D 209 11.39 -18.07 4.30
CA GLU D 209 12.18 -17.78 3.11
C GLU D 209 12.74 -19.03 2.42
N TYR D 210 13.08 -20.06 3.21
CA TYR D 210 13.66 -21.30 2.72
C TYR D 210 12.67 -22.49 2.78
N SER D 211 11.37 -22.20 2.56
CA SER D 211 10.29 -23.19 2.56
C SER D 211 9.95 -23.66 1.14
N THR D 212 9.72 -22.72 0.21
CA THR D 212 9.40 -22.98 -1.19
C THR D 212 10.60 -23.54 -1.98
N GLY D 213 10.32 -24.15 -3.13
CA GLY D 213 11.33 -24.73 -4.01
C GLY D 213 11.15 -24.34 -5.46
N TYR D 214 10.91 -23.04 -5.73
CA TYR D 214 10.72 -22.50 -7.08
C TYR D 214 11.47 -21.16 -7.30
N THR D 215 12.69 -21.05 -6.73
CA THR D 215 13.56 -19.88 -6.83
C THR D 215 15.02 -20.26 -7.14
N THR D 216 15.90 -19.26 -7.39
CA THR D 216 17.32 -19.47 -7.69
C THR D 216 18.19 -19.56 -6.42
N ASN D 217 17.94 -20.63 -5.63
CA ASN D 217 18.56 -21.08 -4.36
C ASN D 217 17.59 -22.05 -3.67
N SER D 218 16.73 -22.73 -4.46
CA SER D 218 15.68 -23.68 -4.08
C SER D 218 16.10 -24.79 -3.11
N LYS D 219 17.40 -25.16 -3.08
CA LYS D 219 17.92 -26.21 -2.21
C LYS D 219 19.08 -25.74 -1.31
N ILE D 220 19.02 -24.47 -0.84
CA ILE D 220 20.06 -23.88 0.02
C ILE D 220 19.45 -23.18 1.25
N ILE D 221 19.94 -23.53 2.46
CA ILE D 221 19.52 -22.93 3.74
C ILE D 221 20.68 -22.07 4.27
N HIS D 222 20.41 -20.78 4.48
CA HIS D 222 21.38 -19.78 4.92
C HIS D 222 21.14 -19.26 6.33
N PHE D 223 22.22 -19.02 7.09
CA PHE D 223 22.17 -18.39 8.40
C PHE D 223 22.96 -17.09 8.30
N GLU D 224 22.22 -16.00 8.09
CA GLU D 224 22.70 -14.63 7.87
C GLU D 224 23.59 -14.07 8.99
N ILE D 225 24.89 -14.35 8.90
CA ILE D 225 25.92 -13.87 9.83
C ILE D 225 26.48 -12.55 9.32
N LYS D 226 26.78 -12.46 8.01
CA LYS D 226 27.29 -11.26 7.34
C LYS D 226 26.24 -10.14 7.35
N ASP D 227 24.95 -10.50 7.23
CA ASP D 227 23.84 -9.56 7.25
C ASP D 227 23.60 -9.02 8.67
N ARG D 228 23.92 -9.83 9.71
CA ARG D 228 23.82 -9.42 11.11
C ARG D 228 24.97 -8.49 11.46
N PHE D 229 26.14 -8.68 10.80
CA PHE D 229 27.33 -7.84 10.96
C PHE D 229 27.10 -6.50 10.25
N ALA D 230 26.32 -6.52 9.15
CA ALA D 230 25.97 -5.38 8.30
C ALA D 230 25.20 -4.26 9.03
N PHE D 231 24.58 -4.56 10.19
CA PHE D 231 23.86 -3.57 11.00
C PHE D 231 24.81 -2.56 11.66
N PHE D 232 26.11 -2.93 11.76
CA PHE D 232 27.17 -2.11 12.34
C PHE D 232 28.22 -1.77 11.28
N ALA D 233 28.77 -2.81 10.59
CA ALA D 233 29.80 -2.68 9.55
C ALA D 233 29.34 -1.98 8.27
N GLY D 234 28.05 -2.11 7.94
CA GLY D 234 27.45 -1.53 6.74
C GLY D 234 27.23 -2.56 5.65
N PRO D 235 26.55 -2.21 4.53
CA PRO D 235 26.33 -3.20 3.46
C PRO D 235 27.62 -3.55 2.71
N ARG D 236 28.54 -2.58 2.57
CA ARG D 236 29.83 -2.74 1.90
C ARG D 236 30.90 -3.33 2.84
N LEU D 237 30.60 -3.38 4.16
CA LEU D 237 31.48 -3.88 5.25
C LEU D 237 32.75 -3.02 5.43
N ARG D 238 32.73 -1.78 4.90
CA ARG D 238 33.84 -0.83 4.95
C ARG D 238 34.02 -0.23 6.35
N ASN D 239 32.91 0.11 7.03
CA ASN D 239 32.91 0.72 8.36
C ASN D 239 33.04 -0.35 9.47
N MET D 240 34.20 -1.04 9.50
CA MET D 240 34.54 -2.09 10.46
C MET D 240 34.74 -1.53 11.88
N ALA D 241 35.15 -0.24 11.99
CA ALA D 241 35.39 0.48 13.25
C ALA D 241 34.15 0.52 14.15
N SER D 242 32.95 0.62 13.53
CA SER D 242 31.66 0.65 14.24
C SER D 242 31.36 -0.74 14.83
N LEU D 243 31.65 -1.81 14.07
CA LEU D 243 31.45 -3.20 14.50
C LEU D 243 32.46 -3.58 15.59
N TYR D 244 33.74 -3.21 15.39
CA TYR D 244 34.84 -3.48 16.32
C TYR D 244 34.62 -2.86 17.70
N GLY D 245 34.07 -1.64 17.73
CA GLY D 245 33.78 -0.90 18.94
C GLY D 245 32.66 -1.51 19.77
N GLN D 246 31.56 -1.92 19.10
CA GLN D 246 30.39 -2.53 19.72
C GLN D 246 30.72 -3.91 20.32
N LEU D 247 31.62 -4.68 19.65
CA LEU D 247 32.04 -6.00 20.10
C LEU D 247 32.87 -5.96 21.40
N ASP D 248 33.64 -4.87 21.60
CA ASP D 248 34.46 -4.67 22.80
C ASP D 248 33.60 -4.31 24.01
N THR D 249 32.61 -3.42 23.81
CA THR D 249 31.71 -2.93 24.86
C THR D 249 30.63 -3.93 25.29
N THR D 250 30.08 -4.73 24.34
CA THR D 250 29.03 -5.70 24.62
C THR D 250 29.52 -7.14 24.53
N LYS D 251 29.40 -7.89 25.65
CA LYS D 251 29.81 -9.30 25.73
C LYS D 251 28.80 -10.22 25.06
N LYS D 252 27.49 -9.89 25.15
CA LYS D 252 26.39 -10.66 24.57
C LYS D 252 26.49 -10.78 23.04
N LEU D 253 26.82 -9.67 22.35
CA LEU D 253 27.00 -9.61 20.90
C LEU D 253 28.21 -10.44 20.47
N ARG D 254 29.28 -10.39 21.28
CA ARG D 254 30.54 -11.12 21.08
C ARG D 254 30.32 -12.63 21.22
N ASP D 255 29.53 -13.05 22.23
CA ASP D 255 29.21 -14.45 22.51
C ASP D 255 28.21 -15.06 21.52
N PHE D 256 27.43 -14.20 20.82
CA PHE D 256 26.43 -14.60 19.82
C PHE D 256 27.05 -15.37 18.65
N PHE D 257 28.24 -14.94 18.20
CA PHE D 257 28.95 -15.54 17.08
C PHE D 257 29.96 -16.63 17.51
N THR D 258 30.18 -16.78 18.83
CA THR D 258 31.09 -17.79 19.40
C THR D 258 30.34 -19.11 19.63
N VAL D 259 30.92 -20.23 19.14
CA VAL D 259 30.33 -21.58 19.24
C VAL D 259 31.38 -22.65 19.60
N THR D 260 30.95 -23.73 20.29
CA THR D 260 31.78 -24.89 20.64
C THR D 260 31.24 -26.11 19.89
N ASP D 261 29.93 -26.11 19.60
CA ASP D 261 29.18 -27.16 18.92
C ASP D 261 28.06 -26.54 18.06
N LEU D 262 27.48 -27.34 17.14
CA LEU D 262 26.36 -26.93 16.27
C LEU D 262 25.41 -28.08 16.04
N ARG D 263 24.09 -27.80 15.98
CA ARG D 263 23.09 -28.84 15.79
C ARG D 263 22.04 -28.46 14.74
N ILE D 264 21.80 -29.39 13.79
CA ILE D 264 20.79 -29.23 12.74
C ILE D 264 19.65 -30.18 13.12
N ARG D 265 18.69 -29.68 13.93
CA ARG D 265 17.56 -30.48 14.40
C ARG D 265 16.43 -30.53 13.37
N LEU D 266 16.53 -31.49 12.42
CA LEU D 266 15.56 -31.73 11.35
C LEU D 266 14.34 -32.41 11.95
N LEU D 267 13.14 -31.84 11.75
CA LEU D 267 11.91 -32.39 12.31
C LEU D 267 11.01 -33.06 11.28
N ARG D 268 10.69 -32.36 10.17
CA ARG D 268 9.84 -32.89 9.11
C ARG D 268 10.49 -32.74 7.72
N PRO D 269 10.61 -33.83 6.92
CA PRO D 269 11.23 -33.70 5.59
C PRO D 269 10.32 -32.98 4.59
N ALA D 270 10.87 -32.63 3.42
CA ALA D 270 10.15 -31.91 2.36
C ALA D 270 8.95 -32.68 1.82
N VAL D 271 7.74 -32.23 2.20
CA VAL D 271 6.46 -32.81 1.77
C VAL D 271 5.68 -31.83 0.88
N GLY D 272 5.95 -30.53 1.06
CA GLY D 272 5.29 -29.44 0.34
C GLY D 272 4.03 -28.99 1.05
N GLU D 273 3.01 -29.85 1.01
CA GLU D 273 1.71 -29.67 1.65
C GLU D 273 1.55 -30.69 2.79
N ILE D 274 0.73 -30.37 3.81
CA ILE D 274 0.51 -31.25 4.98
C ILE D 274 -0.04 -32.65 4.64
N PHE D 275 -0.83 -32.74 3.54
CA PHE D 275 -1.41 -34.01 3.06
C PHE D 275 -0.28 -34.86 2.46
N VAL D 276 0.30 -35.74 3.30
CA VAL D 276 1.42 -36.63 2.95
C VAL D 276 0.96 -37.95 2.31
N ASP D 277 1.72 -38.40 1.28
CA ASP D 277 1.45 -39.65 0.56
C ASP D 277 1.87 -40.83 1.45
N GLU D 278 0.95 -41.78 1.66
CA GLU D 278 1.17 -42.95 2.51
C GLU D 278 1.67 -44.17 1.73
N LEU D 279 1.18 -44.35 0.50
CA LEU D 279 1.53 -45.47 -0.38
C LEU D 279 2.98 -45.38 -0.90
N HIS D 280 3.45 -44.15 -1.17
CA HIS D 280 4.81 -43.90 -1.67
C HIS D 280 5.60 -43.10 -0.64
N LEU D 281 6.22 -43.81 0.32
CA LEU D 281 7.02 -43.20 1.39
C LEU D 281 8.47 -42.97 0.97
N ALA D 282 8.88 -43.54 -0.19
CA ALA D 282 10.23 -43.40 -0.76
C ALA D 282 10.50 -41.96 -1.24
N ARG D 283 9.44 -41.16 -1.41
CA ARG D 283 9.49 -39.76 -1.85
C ARG D 283 10.10 -38.82 -0.82
N TYR D 284 9.97 -39.16 0.48
CA TYR D 284 10.41 -38.30 1.58
C TYR D 284 11.63 -38.81 2.34
N PHE D 285 12.69 -37.98 2.36
CA PHE D 285 14.00 -38.24 2.98
C PHE D 285 14.79 -36.93 3.13
N TYR D 286 15.98 -37.00 3.76
CA TYR D 286 16.88 -35.86 3.94
C TYR D 286 18.17 -36.12 3.16
N ALA D 287 18.73 -35.07 2.55
CA ALA D 287 19.98 -35.15 1.79
C ALA D 287 20.69 -33.80 1.75
N ILE D 288 21.92 -33.74 2.29
CA ILE D 288 22.75 -32.53 2.34
C ILE D 288 23.98 -32.70 1.45
N SER D 289 24.20 -31.74 0.53
CA SER D 289 25.33 -31.74 -0.41
C SER D 289 26.63 -31.25 0.25
N ASP D 290 26.63 -30.02 0.80
CA ASP D 290 27.80 -29.42 1.44
C ASP D 290 27.45 -28.38 2.51
N ILE D 291 28.17 -28.42 3.65
CA ILE D 291 28.01 -27.48 4.76
C ILE D 291 29.23 -26.55 4.78
N LYS D 292 28.98 -25.23 4.76
CA LYS D 292 30.04 -24.22 4.78
C LYS D 292 30.07 -23.51 6.13
N VAL D 293 31.15 -23.75 6.90
CA VAL D 293 31.37 -23.15 8.22
C VAL D 293 32.75 -22.48 8.21
N ARG D 294 32.77 -21.15 8.21
CA ARG D 294 33.99 -20.35 8.21
C ARG D 294 34.09 -19.47 9.44
N GLY D 295 35.27 -19.39 10.03
CA GLY D 295 35.53 -18.59 11.21
C GLY D 295 36.91 -18.73 11.81
N ARG D 296 37.13 -18.01 12.92
CA ARG D 296 38.38 -18.00 13.70
C ARG D 296 38.12 -18.70 15.02
N CYS D 297 39.19 -19.21 15.67
CA CYS D 297 39.05 -19.82 16.98
C CYS D 297 39.15 -18.70 18.03
N LYS D 298 38.47 -18.85 19.17
CA LYS D 298 38.48 -17.82 20.21
C LYS D 298 39.82 -17.80 20.94
N CYS D 299 40.58 -16.71 20.76
CA CYS D 299 41.89 -16.48 21.37
C CYS D 299 41.77 -15.37 22.41
N ASN D 300 40.59 -14.71 22.48
CA ASN D 300 40.27 -13.54 23.33
C ASN D 300 41.20 -12.38 22.93
N LEU D 301 41.61 -12.37 21.64
CA LEU D 301 42.52 -11.42 21.00
C LEU D 301 43.91 -11.42 21.66
N HIS D 302 44.53 -12.63 21.72
CA HIS D 302 45.84 -12.86 22.31
C HIS D 302 46.74 -13.78 21.47
N ALA D 303 46.19 -14.46 20.45
CA ALA D 303 46.95 -15.38 19.60
C ALA D 303 46.55 -15.37 18.11
N THR D 304 47.50 -15.77 17.23
CA THR D 304 47.32 -15.89 15.77
C THR D 304 47.55 -17.33 15.32
N VAL D 305 48.59 -17.97 15.88
CA VAL D 305 48.98 -19.35 15.58
C VAL D 305 48.03 -20.32 16.31
N CYS D 306 47.47 -21.29 15.57
CA CYS D 306 46.56 -22.30 16.11
C CYS D 306 46.91 -23.70 15.62
N VAL D 307 47.49 -24.51 16.53
CA VAL D 307 47.94 -25.88 16.26
C VAL D 307 46.81 -26.90 16.47
N TYR D 308 46.74 -27.91 15.59
CA TYR D 308 45.76 -29.00 15.64
C TYR D 308 46.46 -30.30 16.05
N ASP D 309 46.59 -30.52 17.36
CA ASP D 309 47.25 -31.71 17.92
C ASP D 309 46.27 -32.60 18.68
N ASN D 310 46.36 -33.93 18.42
CA ASN D 310 45.53 -34.99 19.01
C ASN D 310 44.02 -34.75 18.80
N SER D 311 43.63 -34.52 17.52
CA SER D 311 42.27 -34.24 17.05
C SER D 311 41.59 -33.00 17.69
N LYS D 312 42.39 -32.12 18.33
CA LYS D 312 41.91 -30.91 18.98
C LYS D 312 42.67 -29.67 18.54
N LEU D 313 41.92 -28.64 18.14
CA LEU D 313 42.41 -27.35 17.67
C LEU D 313 42.61 -26.43 18.90
N THR D 314 43.87 -26.01 19.17
CA THR D 314 44.21 -25.14 20.32
C THR D 314 45.06 -23.91 19.98
N CYS D 315 44.82 -22.80 20.72
CA CYS D 315 45.52 -21.52 20.56
C CYS D 315 46.95 -21.55 21.09
N GLU D 316 47.90 -20.98 20.34
CA GLU D 316 49.29 -20.88 20.78
C GLU D 316 49.41 -19.52 21.47
N CYS D 317 49.01 -19.51 22.76
CA CYS D 317 48.92 -18.35 23.67
C CYS D 317 50.12 -17.42 23.70
N GLU D 318 49.86 -16.11 23.62
CA GLU D 318 50.85 -15.02 23.69
C GLU D 318 50.32 -13.91 24.61
N HIS D 319 51.11 -12.83 24.83
CA HIS D 319 50.79 -11.70 25.74
C HIS D 319 50.73 -12.18 27.21
N ASN D 320 51.58 -13.19 27.55
CA ASN D 320 51.69 -13.83 28.87
C ASN D 320 50.40 -14.52 29.35
N THR D 321 49.66 -15.12 28.41
CA THR D 321 48.41 -15.85 28.70
C THR D 321 48.61 -17.36 28.54
N THR D 322 47.64 -18.16 29.04
CA THR D 322 47.61 -19.63 28.97
C THR D 322 46.18 -20.18 29.01
N GLY D 323 46.05 -21.45 28.66
CA GLY D 323 44.77 -22.16 28.61
C GLY D 323 44.35 -22.50 27.20
N PRO D 324 43.09 -22.94 26.98
CA PRO D 324 42.67 -23.26 25.59
C PRO D 324 42.28 -22.04 24.76
N ASP D 325 41.60 -21.05 25.38
CA ASP D 325 41.12 -19.83 24.73
C ASP D 325 41.86 -18.57 25.22
N CYS D 326 43.01 -18.75 25.92
CA CYS D 326 43.86 -17.70 26.49
C CYS D 326 43.13 -16.86 27.57
N GLY D 327 42.11 -17.46 28.19
CA GLY D 327 41.29 -16.81 29.22
C GLY D 327 41.81 -16.89 30.63
N LYS D 328 43.12 -17.06 30.80
CA LYS D 328 43.79 -17.19 32.10
C LYS D 328 45.17 -16.55 32.06
N CYS D 329 45.58 -15.92 33.17
CA CYS D 329 46.91 -15.31 33.32
C CYS D 329 47.88 -16.43 33.69
N LYS D 330 49.10 -16.41 33.11
CA LYS D 330 50.12 -17.42 33.44
C LYS D 330 50.65 -17.13 34.84
N LYS D 331 50.89 -18.19 35.64
CA LYS D 331 51.40 -18.08 37.01
C LYS D 331 52.66 -17.22 37.05
N ASN D 332 52.70 -16.26 38.00
CA ASN D 332 53.75 -15.24 38.24
C ASN D 332 53.56 -13.97 37.39
N TYR D 333 52.49 -13.94 36.57
CA TYR D 333 52.09 -12.81 35.73
C TYR D 333 50.66 -12.36 36.10
N GLN D 334 50.42 -12.16 37.41
CA GLN D 334 49.13 -11.77 37.97
C GLN D 334 49.18 -10.39 38.66
N GLY D 335 49.83 -9.42 38.00
CA GLY D 335 49.96 -8.06 38.48
C GLY D 335 48.64 -7.32 38.43
N ARG D 336 47.89 -7.50 37.33
CA ARG D 336 46.57 -6.92 37.11
C ARG D 336 45.57 -8.02 36.67
N PRO D 337 44.25 -7.92 37.00
CA PRO D 337 43.30 -8.99 36.60
C PRO D 337 43.15 -9.19 35.10
N TRP D 338 42.69 -10.41 34.69
CA TRP D 338 42.52 -10.78 33.29
C TRP D 338 41.48 -9.95 32.55
N SER D 339 41.83 -9.54 31.33
CA SER D 339 41.01 -8.77 30.41
C SER D 339 41.39 -9.14 28.97
N PRO D 340 40.41 -9.43 28.08
CA PRO D 340 40.77 -9.78 26.70
C PRO D 340 41.19 -8.57 25.87
N GLY D 341 41.88 -8.82 24.77
CA GLY D 341 42.33 -7.79 23.86
C GLY D 341 41.20 -7.08 23.13
N SER D 342 41.47 -5.89 22.60
CA SER D 342 40.49 -5.08 21.87
C SER D 342 41.05 -4.58 20.54
N TYR D 343 40.16 -4.46 19.53
CA TYR D 343 40.51 -4.01 18.19
C TYR D 343 40.90 -2.53 18.15
N LEU D 344 40.30 -1.72 19.05
CA LEU D 344 40.54 -0.28 19.13
C LEU D 344 41.85 0.04 19.89
N PRO D 345 42.70 0.98 19.38
CA PRO D 345 42.55 1.79 18.15
C PRO D 345 43.00 1.07 16.87
N ILE D 346 42.47 1.52 15.73
CA ILE D 346 42.77 0.96 14.40
C ILE D 346 44.11 1.54 13.90
N PRO D 347 45.09 0.71 13.43
CA PRO D 347 45.06 -0.74 13.27
C PRO D 347 45.56 -1.55 14.48
N LYS D 348 46.68 -1.13 15.09
CA LYS D 348 47.29 -1.79 16.25
C LYS D 348 46.45 -1.55 17.51
N GLY D 349 45.53 -2.49 17.76
CA GLY D 349 44.63 -2.45 18.92
C GLY D 349 45.30 -2.74 20.24
N ALA D 350 44.57 -2.52 21.35
CA ALA D 350 45.07 -2.78 22.70
C ALA D 350 45.09 -4.28 22.99
N ALA D 351 46.25 -4.79 23.42
CA ALA D 351 46.45 -6.22 23.73
C ALA D 351 45.93 -6.61 25.11
N ASN D 352 46.04 -5.70 26.11
CA ASN D 352 45.65 -5.90 27.51
C ASN D 352 46.40 -7.10 28.12
N ALA D 353 47.72 -7.16 27.86
CA ALA D 353 48.65 -8.22 28.28
C ALA D 353 48.79 -8.37 29.80
N CYS D 354 49.21 -9.56 30.25
CA CYS D 354 49.41 -9.87 31.66
C CYS D 354 50.70 -9.23 32.18
N ILE D 355 50.60 -8.53 33.31
CA ILE D 355 51.71 -7.86 33.95
C ILE D 355 52.28 -8.76 35.09
N PRO D 356 53.63 -8.83 35.27
CA PRO D 356 54.18 -9.70 36.32
C PRO D 356 53.67 -9.43 37.74
N SER D 357 53.55 -10.50 38.55
CA SER D 357 53.07 -10.47 39.94
C SER D 357 53.96 -9.64 40.87
N ILE D 358 53.33 -8.93 41.82
CA ILE D 358 54.01 -8.08 42.81
C ILE D 358 54.51 -8.91 43.99
N SER D 359 55.77 -8.70 44.40
CA SER D 359 56.41 -9.40 45.52
C SER D 359 56.33 -8.59 46.81
C1 NAG E . -9.33 8.90 -11.30
C2 NAG E . -10.79 8.46 -11.49
C3 NAG E . -10.79 6.97 -11.85
C4 NAG E . -9.98 6.80 -13.14
C5 NAG E . -8.57 7.32 -12.89
C6 NAG E . -7.75 7.17 -14.17
C7 NAG E . -12.22 9.81 -10.03
C8 NAG E . -12.98 9.99 -8.75
N2 NAG E . -11.53 8.66 -10.25
O3 NAG E . -12.13 6.49 -12.04
O4 NAG E . -9.95 5.42 -13.51
O5 NAG E . -8.59 8.71 -12.53
O6 NAG E . -6.42 7.65 -13.96
O7 NAG E . -12.25 10.68 -10.87
C1 NAG F . 7.90 30.48 19.83
C2 NAG F . 8.53 31.41 18.78
C3 NAG F . 8.88 30.56 17.55
C4 NAG F . 9.87 29.48 18.01
C5 NAG F . 9.19 28.64 19.11
C6 NAG F . 10.17 27.56 19.57
C7 NAG F . 7.32 33.51 19.21
C8 NAG F . 6.33 34.56 18.79
N2 NAG F . 7.57 32.45 18.39
O3 NAG F . 9.48 31.36 16.52
O4 NAG F . 10.23 28.65 16.90
O5 NAG F . 8.84 29.47 20.23
O6 NAG F . 9.55 26.78 20.60
O7 NAG F . 7.89 33.60 20.28
C1 NAG G . -5.67 1.50 54.83
C2 NAG G . -7.10 1.86 54.41
C3 NAG G . -7.98 1.83 55.67
C4 NAG G . -7.91 0.42 56.25
C5 NAG G . -6.44 0.11 56.58
C6 NAG G . -6.34 -1.29 57.18
C7 NAG G . -6.81 3.40 52.53
C8 NAG G . -6.85 4.80 51.95
N2 NAG G . -7.13 3.21 53.83
O3 NAG G . -9.34 2.15 55.35
O4 NAG G . -8.70 0.35 57.44
O5 NAG G . -5.62 0.19 55.41
O6 NAG G . -4.98 -1.59 57.49
O7 NAG G . -6.49 2.47 51.81
C1 NAG H . 12.85 29.59 19.35
C2 NAG H . 13.98 28.69 18.82
C3 NAG H . 15.25 29.02 19.62
C4 NAG H . 15.55 30.50 19.40
C5 NAG H . 14.35 31.33 19.88
C6 NAG H . 14.65 32.81 19.65
C7 NAG H . 13.00 26.58 18.05
C8 NAG H . 12.66 25.13 18.28
N2 NAG H . 13.64 27.28 19.02
O3 NAG H . 16.34 28.22 19.17
O4 NAG H . 16.73 30.86 20.12
O5 NAG H . 13.16 30.97 19.15
O6 NAG H . 13.53 33.59 20.10
O7 NAG H . 12.70 27.11 17.00
CA CA I . -16.86 29.74 22.28
C1 NAG J . 0.77 -6.46 -5.19
C2 NAG J . 0.68 -5.72 -6.52
C3 NAG J . 0.24 -4.28 -6.22
C4 NAG J . -1.11 -4.36 -5.52
C5 NAG J . -0.95 -5.17 -4.23
C6 NAG J . -2.30 -5.25 -3.53
C7 NAG J . 2.21 -6.37 -8.34
C8 NAG J . 3.57 -6.32 -8.98
N2 NAG J . 1.99 -5.70 -7.18
O3 NAG J . 0.13 -3.54 -7.43
O4 NAG J . -1.56 -3.03 -5.21
O5 NAG J . -0.50 -6.51 -4.53
O6 NAG J . -2.17 -6.02 -2.32
O7 NAG J . 1.31 -7.01 -8.85
C1 NAG K . 57.53 -12.57 28.40
C2 NAG K . 57.69 -12.31 26.91
C3 NAG K . 59.19 -12.11 26.62
C4 NAG K . 59.65 -10.92 27.46
C5 NAG K . 59.40 -11.23 28.93
C6 NAG K . 59.86 -10.04 29.78
C7 NAG K . 55.87 -13.64 25.93
C8 NAG K . 55.40 -14.83 25.15
N2 NAG K . 57.19 -13.46 26.14
O3 NAG K . 59.40 -11.86 25.24
O4 NAG K . 61.05 -10.70 27.23
O5 NAG K . 57.99 -11.44 29.17
O6 NAG K . 59.63 -10.32 31.16
O7 NAG K . 55.07 -12.84 26.37
C1 NAG L . 16.72 -35.69 19.58
C2 NAG L . 15.73 -36.81 19.92
C3 NAG L . 14.38 -36.17 20.24
C4 NAG L . 14.60 -35.22 21.43
C5 NAG L . 15.65 -34.18 21.04
C6 NAG L . 15.88 -33.23 22.23
C7 NAG L . 16.56 -38.56 18.39
C8 NAG L . 16.35 -39.46 17.21
N2 NAG L . 15.58 -37.71 18.77
O3 NAG L . 13.41 -37.16 20.57
O4 NAG L . 13.36 -34.59 21.76
O5 NAG L . 16.90 -34.81 20.70
O6 NAG L . 16.85 -32.26 21.88
O7 NAG L . 17.62 -38.59 19.00
C1 NAG M . 14.79 -34.98 24.78
C2 NAG M . 14.29 -33.82 25.64
C3 NAG M . 15.46 -33.35 26.50
C4 NAG M . 15.91 -34.54 27.35
C5 NAG M . 16.33 -35.68 26.41
C6 NAG M . 16.78 -36.88 27.26
C7 NAG M . 12.68 -32.74 24.11
C8 NAG M . 12.26 -31.57 23.27
N2 NAG M . 13.84 -32.70 24.80
O3 NAG M . 15.05 -32.27 27.35
O4 NAG M . 17.02 -34.15 28.18
O5 NAG M . 15.21 -36.07 25.59
O6 NAG M . 17.17 -37.95 26.41
O7 NAG M . 11.96 -33.72 24.18
C1 BMA N . 14.97 -36.02 30.08
C2 BMA N . 15.87 -36.42 31.25
C3 BMA N . 15.08 -36.20 32.54
C4 BMA N . 14.69 -34.71 32.59
C5 BMA N . 13.86 -34.38 31.34
C6 BMA N . 13.48 -32.90 31.39
O2 BMA N . 17.06 -35.62 31.24
O3 BMA N . 15.87 -36.55 33.68
O4 BMA N . 13.93 -34.47 33.78
O5 BMA N . 14.63 -34.63 30.16
O6 BMA N . 12.71 -32.56 30.24
C1 MAN O . 11.16 -29.31 30.17
C2 MAN O . 9.83 -29.41 29.41
C3 MAN O . 10.06 -30.32 28.20
C4 MAN O . 11.18 -29.71 27.36
C5 MAN O . 12.44 -29.58 28.22
C6 MAN O . 13.56 -28.96 27.39
O2 MAN O . 9.43 -28.11 28.98
O3 MAN O . 8.87 -30.44 27.43
O4 MAN O . 11.44 -30.54 26.22
O5 MAN O . 12.19 -28.73 29.36
O6 MAN O . 14.74 -28.83 28.17
CA CA P . 30.33 -32.97 -0.72
#